data_7NXV
#
_entry.id   7NXV
#
_cell.length_a   86.519
_cell.length_b   107.807
_cell.length_c   192.412
_cell.angle_alpha   90.000
_cell.angle_beta   90.000
_cell.angle_gamma   90.000
#
_symmetry.space_group_name_H-M   'P 21 21 21'
#
loop_
_entity.id
_entity.type
_entity.pdbx_description
1 polymer 'Actin, alpha skeletal muscle, intermediate form'
2 polymer Deoxyribonuclease-1
3 polymer 'Protein phosphatase 1 regulatory subunit 15A'
4 branched 2-acetamido-2-deoxy-beta-D-glucopyranose-(1-4)-2-acetamido-2-deoxy-beta-D-glucopyranose
5 non-polymer "ADENOSINE-5'-TRIPHOSPHATE"
6 non-polymer 'CALCIUM ION'
7 water water
#
loop_
_entity_poly.entity_id
_entity_poly.type
_entity_poly.pdbx_seq_one_letter_code
_entity_poly.pdbx_strand_id
1 'polypeptide(L)'
;DEDETTALVCDNGSGLVKAGFAGDDAPRAVFPSIVGRPRHQGVMVGMGQKDSYVGDEAQSKRGILTLKYPIEHGIITNWD
DMEKIWHHTFYNELRVAPEEHPTLLTEAPLNPKANREKMTQIMFETFNVPAMYVAIQAVLSLYASGRTTGIVLDSGDGVT
HNVPIYEGYALPHAIMRLDLAGRDLTDYLMKILTERGYSFVTTAEREIVRDIKEKLCYVALDFENEMATAASSSSLEKSY
ELPDGQVITIGNERFRCPETLFQPSFIGMESAGIHETTYNSIMKCDIDIRKDLYANNVMSGGTTMYPGIADRMQKEITAL
APSTMKIKIIAPPERKYSVWIGGSILASLSTFQQMWITKQEYDEAGPSIVHRKCF
;
A,D
2 'polypeptide(L)'
;LKIAAFNIRTFGETKMSNATLASYIVRIVRRYDIVLIQEVRDSHLVAVGKLLDYLNQDDPNTYHYVVSEPLGRNSYKERY
LFLFRPNKVSVLDTYQYDDGCESCGNDSFSREPAVVKFSSHSTKVKEFAIVALHSAPSDAVAEINSLYDVYLDVQQKWHL
NDVMLMGDFNADCSYVTSSQWSSIRLRTSSTFQWLIPDSADTTATSTNCAYDRIVVAGSLLQSSVVPGSAAPFDFQAAYG
LSNEMALAISDHYPVEVTLT
;
B,F
3 'polypeptide(L)' WEQLARDRSRFARRITQAQEELSPCLTPAARARAWARLRN C,E
#
loop_
_chem_comp.id
_chem_comp.type
_chem_comp.name
_chem_comp.formula
ATP non-polymer ADENOSINE-5'-TRIPHOSPHATE 'C10 H16 N5 O13 P3'
CA non-polymer 'CALCIUM ION' 'Ca 2'
NAG D-saccharide, beta linking 2-acetamido-2-deoxy-beta-D-glucopyranose 'C8 H15 N O6'
#
# COMPACT_ATOMS: atom_id res chain seq x y z
N ASP A 3 4.55 -15.35 -20.25
CA ASP A 3 5.39 -14.31 -20.91
C ASP A 3 5.07 -14.30 -22.41
N GLU A 4 5.20 -15.44 -23.09
CA GLU A 4 4.98 -15.59 -24.56
C GLU A 4 4.01 -16.73 -24.90
N THR A 5 3.60 -17.56 -23.92
CA THR A 5 2.74 -18.77 -24.15
C THR A 5 1.43 -18.69 -23.34
N THR A 6 1.50 -18.28 -22.07
CA THR A 6 0.37 -18.33 -21.09
C THR A 6 -0.88 -17.62 -21.65
N ALA A 7 -2.06 -18.17 -21.37
CA ALA A 7 -3.36 -17.63 -21.83
C ALA A 7 -3.67 -16.33 -21.07
N LEU A 8 -4.40 -15.41 -21.71
CA LEU A 8 -4.84 -14.12 -21.10
C LEU A 8 -6.30 -14.23 -20.67
N VAL A 9 -6.66 -13.52 -19.59
CA VAL A 9 -8.05 -13.35 -19.10
C VAL A 9 -8.35 -11.85 -19.04
N CYS A 10 -9.33 -11.37 -19.80
CA CYS A 10 -9.75 -9.95 -19.84
C CYS A 10 -11.24 -9.85 -19.48
N ASP A 11 -11.52 -9.39 -18.24
CA ASP A 11 -12.89 -9.13 -17.73
C ASP A 11 -13.25 -7.68 -18.06
N ASN A 12 -14.15 -7.50 -19.04
CA ASN A 12 -14.58 -6.17 -19.56
C ASN A 12 -15.81 -5.70 -18.78
N GLY A 13 -15.64 -4.74 -17.88
CA GLY A 13 -16.72 -4.17 -17.05
C GLY A 13 -17.10 -2.77 -17.49
N SER A 14 -18.33 -2.36 -17.19
CA SER A 14 -18.85 -0.97 -17.40
C SER A 14 -17.89 0.05 -16.80
N GLY A 15 -17.46 -0.18 -15.55
CA GLY A 15 -16.58 0.74 -14.79
C GLY A 15 -15.11 0.39 -14.94
N LEU A 16 -14.73 -0.86 -14.67
CA LEU A 16 -13.32 -1.30 -14.58
C LEU A 16 -13.05 -2.49 -15.50
N VAL A 17 -11.92 -2.45 -16.22
CA VAL A 17 -11.32 -3.61 -16.94
C VAL A 17 -10.40 -4.33 -15.96
N LYS A 18 -10.57 -5.65 -15.81
CA LYS A 18 -9.69 -6.54 -15.01
C LYS A 18 -8.96 -7.46 -16.00
N ALA A 19 -7.63 -7.39 -16.04
CA ALA A 19 -6.76 -8.10 -17.02
C ALA A 19 -5.57 -8.72 -16.31
N GLY A 20 -5.11 -9.89 -16.78
CA GLY A 20 -3.93 -10.60 -16.28
C GLY A 20 -3.68 -11.89 -17.04
N PHE A 21 -3.01 -12.85 -16.42
CA PHE A 21 -2.63 -14.17 -17.00
C PHE A 21 -3.39 -15.29 -16.30
N ALA A 22 -3.86 -16.28 -17.07
CA ALA A 22 -4.45 -17.55 -16.56
C ALA A 22 -3.40 -18.25 -15.69
N GLY A 23 -3.76 -18.64 -14.47
CA GLY A 23 -2.86 -19.28 -13.50
C GLY A 23 -2.54 -18.36 -12.32
N ASP A 24 -2.54 -17.03 -12.55
CA ASP A 24 -2.37 -16.02 -11.47
C ASP A 24 -3.64 -15.97 -10.63
N ASP A 25 -3.50 -15.65 -9.34
CA ASP A 25 -4.62 -15.60 -8.35
C ASP A 25 -5.30 -14.24 -8.36
N ALA A 26 -4.71 -13.25 -9.05
CA ALA A 26 -5.22 -11.86 -9.15
C ALA A 26 -4.89 -11.29 -10.53
N PRO A 27 -5.70 -10.34 -11.05
CA PRO A 27 -5.36 -9.62 -12.28
C PRO A 27 -4.14 -8.69 -12.09
N ARG A 28 -3.25 -8.63 -13.09
CA ARG A 28 -2.08 -7.72 -13.14
C ARG A 28 -2.55 -6.26 -13.15
N ALA A 29 -3.58 -5.97 -13.94
CA ALA A 29 -4.03 -4.60 -14.30
C ALA A 29 -5.52 -4.46 -14.02
N VAL A 30 -5.89 -3.41 -13.30
CA VAL A 30 -7.30 -2.97 -13.03
C VAL A 30 -7.35 -1.47 -13.30
N PHE A 31 -8.14 -1.03 -14.28
CA PHE A 31 -8.19 0.39 -14.72
C PHE A 31 -9.57 0.72 -15.28
N PRO A 32 -10.00 2.01 -15.23
CA PRO A 32 -11.30 2.42 -15.75
C PRO A 32 -11.52 2.11 -17.24
N SER A 33 -12.72 1.63 -17.59
CA SER A 33 -13.15 1.31 -18.97
C SER A 33 -13.47 2.62 -19.72
N ILE A 34 -12.44 3.45 -19.93
CA ILE A 34 -12.56 4.84 -20.46
C ILE A 34 -11.56 5.01 -21.62
N VAL A 35 -11.99 5.66 -22.70
CA VAL A 35 -11.12 6.18 -23.80
C VAL A 35 -11.36 7.68 -23.92
N GLY A 36 -10.28 8.48 -23.86
CA GLY A 36 -10.33 9.95 -23.97
C GLY A 36 -9.52 10.41 -25.17
N ARG A 37 -10.12 11.28 -26.00
CA ARG A 37 -9.48 11.87 -27.22
C ARG A 37 -9.35 13.38 -27.04
N PRO A 38 -8.18 13.99 -27.33
CA PRO A 38 -8.01 15.44 -27.17
C PRO A 38 -9.05 16.26 -27.95
N ARG A 39 -9.73 17.18 -27.24
CA ARG A 39 -10.71 18.12 -27.83
C ARG A 39 -9.98 19.16 -28.70
N HIS A 40 -8.67 19.35 -28.48
CA HIS A 40 -7.84 20.38 -29.16
C HIS A 40 -6.47 19.81 -29.54
N GLN A 41 -5.76 20.51 -30.43
CA GLN A 41 -4.41 20.13 -30.93
C GLN A 41 -3.35 20.67 -29.96
N GLY A 42 -2.41 19.80 -29.55
CA GLY A 42 -1.30 20.15 -28.65
C GLY A 42 -0.52 18.92 -28.23
N VAL A 43 0.48 19.11 -27.37
CA VAL A 43 1.35 18.00 -26.83
C VAL A 43 1.53 18.19 -25.33
N MET A 44 1.79 17.08 -24.62
CA MET A 44 2.43 17.10 -23.27
C MET A 44 3.92 17.39 -23.49
N VAL A 45 4.55 18.19 -22.63
CA VAL A 45 5.98 18.61 -22.76
C VAL A 45 6.83 17.35 -22.94
N GLY A 46 7.62 17.29 -24.01
CA GLY A 46 8.58 16.20 -24.29
C GLY A 46 7.94 14.99 -24.94
N MET A 47 6.78 15.17 -25.58
CA MET A 47 5.98 14.07 -26.21
C MET A 47 5.50 14.50 -27.60
N GLY A 48 5.25 13.52 -28.48
CA GLY A 48 4.51 13.71 -29.75
C GLY A 48 3.02 13.71 -29.50
N GLN A 49 2.22 14.07 -30.52
CA GLN A 49 0.74 14.15 -30.41
C GLN A 49 0.15 12.76 -30.18
N LYS A 50 -0.71 12.63 -29.18
CA LYS A 50 -1.49 11.39 -28.87
C LYS A 50 -2.91 11.55 -29.42
N ASP A 51 -3.44 10.50 -30.05
CA ASP A 51 -4.81 10.47 -30.63
C ASP A 51 -5.80 9.95 -29.59
N SER A 52 -5.35 9.14 -28.63
CA SER A 52 -6.19 8.55 -27.55
C SER A 52 -5.37 8.30 -26.28
N TYR A 53 -6.02 8.41 -25.12
CA TYR A 53 -5.58 7.87 -23.81
C TYR A 53 -6.60 6.82 -23.34
N VAL A 54 -6.16 5.84 -22.54
CA VAL A 54 -7.03 4.76 -22.00
C VAL A 54 -6.77 4.61 -20.49
N GLY A 55 -7.83 4.39 -19.71
CA GLY A 55 -7.77 4.03 -18.28
C GLY A 55 -7.35 5.20 -17.41
N ASP A 56 -6.36 4.98 -16.55
CA ASP A 56 -5.96 5.91 -15.45
C ASP A 56 -5.55 7.27 -16.04
N GLU A 57 -4.78 7.27 -17.13
CA GLU A 57 -4.24 8.49 -17.77
C GLU A 57 -5.38 9.29 -18.43
N ALA A 58 -6.35 8.60 -19.04
CA ALA A 58 -7.56 9.20 -19.65
C ALA A 58 -8.40 9.89 -18.57
N GLN A 59 -8.51 9.26 -17.39
CA GLN A 59 -9.24 9.79 -16.22
C GLN A 59 -8.55 11.05 -15.71
N SER A 60 -7.23 10.99 -15.53
CA SER A 60 -6.42 12.05 -14.85
C SER A 60 -6.20 13.26 -15.78
N LYS A 61 -6.42 13.10 -17.10
CA LYS A 61 -6.26 14.16 -18.11
C LYS A 61 -7.61 14.50 -18.77
N ARG A 62 -8.73 14.13 -18.14
CA ARG A 62 -10.08 14.18 -18.76
C ARG A 62 -10.46 15.60 -19.17
N GLY A 63 -9.88 16.61 -18.51
CA GLY A 63 -10.12 18.05 -18.78
C GLY A 63 -9.95 18.44 -20.24
N ILE A 64 -8.88 17.98 -20.89
CA ILE A 64 -8.53 18.35 -22.30
C ILE A 64 -9.05 17.28 -23.28
N LEU A 65 -9.84 16.31 -22.82
CA LEU A 65 -10.31 15.14 -23.62
C LEU A 65 -11.84 15.12 -23.71
N THR A 66 -12.36 14.39 -24.70
CA THR A 66 -13.76 13.88 -24.75
C THR A 66 -13.73 12.43 -24.31
N LEU A 67 -14.33 12.11 -23.16
CA LEU A 67 -14.32 10.74 -22.56
C LEU A 67 -15.42 9.90 -23.20
N LYS A 68 -15.14 8.61 -23.40
CA LYS A 68 -16.10 7.59 -23.89
C LYS A 68 -16.11 6.40 -22.92
N TYR A 69 -17.31 5.95 -22.54
CA TYR A 69 -17.56 4.75 -21.70
C TYR A 69 -18.23 3.69 -22.58
N PRO A 70 -17.44 2.93 -23.38
CA PRO A 70 -18.00 2.08 -24.44
C PRO A 70 -18.68 0.79 -23.97
N ILE A 71 -18.70 0.53 -22.65
CA ILE A 71 -19.46 -0.60 -22.03
C ILE A 71 -20.58 0.00 -21.17
N GLU A 72 -21.83 -0.10 -21.65
CA GLU A 72 -23.06 0.43 -20.99
C GLU A 72 -23.90 -0.74 -20.48
N HIS A 73 -24.14 -0.80 -19.16
CA HIS A 73 -24.96 -1.82 -18.47
C HIS A 73 -24.46 -3.22 -18.86
N GLY A 74 -23.13 -3.42 -18.90
CA GLY A 74 -22.48 -4.72 -19.14
C GLY A 74 -22.21 -4.99 -20.61
N ILE A 75 -22.86 -4.27 -21.53
CA ILE A 75 -22.83 -4.51 -23.00
C ILE A 75 -21.89 -3.51 -23.66
N ILE A 76 -21.01 -3.98 -24.55
CA ILE A 76 -20.12 -3.13 -25.41
C ILE A 76 -21.00 -2.47 -26.47
N THR A 77 -20.95 -1.14 -26.59
CA THR A 77 -21.80 -0.34 -27.50
C THR A 77 -20.97 0.54 -28.44
N ASN A 78 -19.63 0.51 -28.35
CA ASN A 78 -18.72 1.24 -29.28
C ASN A 78 -17.44 0.44 -29.47
N TRP A 79 -17.24 -0.10 -30.68
CA TRP A 79 -16.17 -1.08 -31.01
C TRP A 79 -14.86 -0.36 -31.36
N ASP A 80 -14.94 0.89 -31.83
CA ASP A 80 -13.74 1.74 -32.09
C ASP A 80 -13.05 2.03 -30.75
N ASP A 81 -13.83 2.51 -29.78
CA ASP A 81 -13.40 2.78 -28.38
C ASP A 81 -12.89 1.47 -27.76
N MET A 82 -13.64 0.37 -27.91
CA MET A 82 -13.33 -0.94 -27.27
C MET A 82 -12.03 -1.51 -27.84
N GLU A 83 -11.76 -1.32 -29.13
CA GLU A 83 -10.50 -1.78 -29.80
C GLU A 83 -9.31 -1.12 -29.09
N LYS A 84 -9.44 0.16 -28.71
CA LYS A 84 -8.35 0.97 -28.10
C LYS A 84 -8.18 0.57 -26.62
N ILE A 85 -9.25 0.16 -25.94
CA ILE A 85 -9.20 -0.42 -24.56
C ILE A 85 -8.43 -1.75 -24.60
N TRP A 86 -8.72 -2.61 -25.59
CA TRP A 86 -8.06 -3.92 -25.76
C TRP A 86 -6.59 -3.74 -26.17
N HIS A 87 -6.33 -2.81 -27.10
CA HIS A 87 -4.95 -2.45 -27.55
C HIS A 87 -4.12 -1.99 -26.34
N HIS A 88 -4.73 -1.20 -25.45
CA HIS A 88 -4.11 -0.71 -24.20
C HIS A 88 -3.86 -1.88 -23.24
N THR A 89 -4.82 -2.82 -23.15
CA THR A 89 -4.75 -4.01 -22.24
C THR A 89 -3.53 -4.85 -22.60
N PHE A 90 -3.37 -5.19 -23.88
CA PHE A 90 -2.28 -6.08 -24.37
C PHE A 90 -0.93 -5.36 -24.28
N TYR A 91 -0.81 -4.19 -24.95
CA TYR A 91 0.50 -3.54 -25.27
C TYR A 91 1.00 -2.68 -24.10
N ASN A 92 0.11 -1.94 -23.41
CA ASN A 92 0.49 -0.97 -22.35
C ASN A 92 0.45 -1.63 -20.97
N GLU A 93 -0.59 -2.40 -20.65
CA GLU A 93 -0.86 -2.90 -19.28
C GLU A 93 -0.12 -4.22 -19.03
N LEU A 94 -0.32 -5.24 -19.88
CA LEU A 94 0.26 -6.60 -19.73
C LEU A 94 1.61 -6.71 -20.46
N ARG A 95 1.90 -5.79 -21.40
CA ARG A 95 3.15 -5.77 -22.22
C ARG A 95 3.33 -7.14 -22.88
N VAL A 96 2.34 -7.57 -23.67
CA VAL A 96 2.37 -8.84 -24.46
C VAL A 96 1.93 -8.52 -25.89
N ALA A 97 2.25 -9.42 -26.83
CA ALA A 97 1.75 -9.42 -28.22
C ALA A 97 0.54 -10.35 -28.28
N PRO A 98 -0.67 -9.85 -28.63
CA PRO A 98 -1.89 -10.66 -28.55
C PRO A 98 -1.82 -11.94 -29.40
N GLU A 99 -1.02 -11.92 -30.48
CA GLU A 99 -0.85 -13.03 -31.45
C GLU A 99 -0.09 -14.21 -30.82
N GLU A 100 0.48 -14.03 -29.63
CA GLU A 100 1.28 -15.07 -28.91
C GLU A 100 0.43 -15.78 -27.84
N HIS A 101 -0.75 -15.25 -27.51
CA HIS A 101 -1.51 -15.63 -26.28
C HIS A 101 -2.97 -15.95 -26.60
N PRO A 102 -3.45 -17.16 -26.27
CA PRO A 102 -4.89 -17.43 -26.19
C PRO A 102 -5.55 -16.46 -25.20
N THR A 103 -6.69 -15.87 -25.58
CA THR A 103 -7.35 -14.76 -24.83
C THR A 103 -8.80 -15.13 -24.51
N LEU A 104 -9.07 -15.40 -23.23
CA LEU A 104 -10.45 -15.56 -22.68
C LEU A 104 -11.01 -14.18 -22.36
N LEU A 105 -12.09 -13.79 -23.05
CA LEU A 105 -12.88 -12.57 -22.74
C LEU A 105 -14.10 -12.99 -21.93
N THR A 106 -14.71 -12.02 -21.23
CA THR A 106 -15.97 -12.21 -20.44
C THR A 106 -17.05 -11.34 -21.07
N GLU A 107 -18.30 -11.80 -21.02
CA GLU A 107 -19.50 -11.10 -21.56
C GLU A 107 -20.59 -11.05 -20.47
N ALA A 108 -21.50 -10.08 -20.57
CA ALA A 108 -22.70 -9.96 -19.71
C ALA A 108 -23.62 -11.15 -19.99
N PRO A 109 -24.47 -11.57 -19.03
CA PRO A 109 -25.51 -12.56 -19.30
C PRO A 109 -26.48 -12.01 -20.35
N LEU A 110 -26.89 -12.86 -21.31
CA LEU A 110 -27.78 -12.53 -22.45
C LEU A 110 -27.15 -11.43 -23.31
N ASN A 111 -25.83 -11.51 -23.54
CA ASN A 111 -25.12 -10.65 -24.52
C ASN A 111 -25.66 -10.98 -25.90
N PRO A 112 -26.15 -9.99 -26.69
CA PRO A 112 -26.70 -10.27 -28.02
C PRO A 112 -25.69 -10.99 -28.93
N LYS A 113 -26.19 -11.84 -29.82
CA LYS A 113 -25.36 -12.71 -30.70
C LYS A 113 -24.43 -11.87 -31.59
N ALA A 114 -24.92 -10.73 -32.12
CA ALA A 114 -24.14 -9.81 -32.97
C ALA A 114 -22.94 -9.25 -32.19
N ASN A 115 -23.14 -8.93 -30.90
CA ASN A 115 -22.11 -8.39 -29.96
C ASN A 115 -21.02 -9.46 -29.77
N ARG A 116 -21.46 -10.68 -29.47
CA ARG A 116 -20.65 -11.93 -29.33
C ARG A 116 -19.75 -12.15 -30.55
N GLU A 117 -20.33 -12.05 -31.75
CA GLU A 117 -19.65 -12.35 -33.05
C GLU A 117 -18.59 -11.28 -33.33
N LYS A 118 -18.95 -10.00 -33.17
CA LYS A 118 -18.05 -8.84 -33.39
C LYS A 118 -16.86 -8.94 -32.43
N MET A 119 -17.10 -9.40 -31.20
CA MET A 119 -16.07 -9.65 -30.15
C MET A 119 -15.05 -10.67 -30.69
N THR A 120 -15.55 -11.79 -31.23
CA THR A 120 -14.75 -12.89 -31.81
C THR A 120 -14.00 -12.40 -33.06
N GLN A 121 -14.68 -11.62 -33.92
CA GLN A 121 -14.11 -11.06 -35.17
C GLN A 121 -12.89 -10.19 -34.87
N ILE A 122 -13.04 -9.22 -33.94
CA ILE A 122 -11.98 -8.24 -33.57
C ILE A 122 -10.74 -9.01 -33.06
N MET A 123 -10.94 -9.93 -32.11
CA MET A 123 -9.83 -10.71 -31.50
C MET A 123 -9.00 -11.41 -32.60
N PHE A 124 -9.65 -11.99 -33.61
CA PHE A 124 -8.98 -12.81 -34.66
C PHE A 124 -8.46 -11.91 -35.79
N GLU A 125 -9.26 -10.95 -36.27
CA GLU A 125 -8.95 -10.15 -37.48
C GLU A 125 -8.09 -8.92 -37.12
N THR A 126 -8.40 -8.24 -36.02
CA THR A 126 -7.70 -7.00 -35.57
C THR A 126 -6.45 -7.36 -34.77
N PHE A 127 -6.50 -8.39 -33.92
CA PHE A 127 -5.44 -8.72 -32.92
C PHE A 127 -4.72 -10.03 -33.23
N ASN A 128 -5.26 -10.88 -34.12
CA ASN A 128 -4.62 -12.13 -34.62
C ASN A 128 -4.31 -13.08 -33.46
N VAL A 129 -5.21 -13.21 -32.48
CA VAL A 129 -5.04 -14.16 -31.34
C VAL A 129 -5.02 -15.57 -31.91
N PRO A 130 -4.15 -16.48 -31.40
CA PRO A 130 -4.10 -17.86 -31.90
C PRO A 130 -5.37 -18.63 -31.51
N ALA A 131 -5.94 -18.31 -30.36
CA ALA A 131 -7.23 -18.85 -29.85
C ALA A 131 -7.97 -17.77 -29.05
N MET A 132 -9.26 -17.99 -28.77
CA MET A 132 -10.07 -17.10 -27.90
C MET A 132 -11.33 -17.85 -27.43
N TYR A 133 -11.88 -17.43 -26.29
CA TYR A 133 -13.15 -17.93 -25.70
C TYR A 133 -13.88 -16.75 -25.07
N VAL A 134 -15.21 -16.88 -24.94
CA VAL A 134 -16.09 -15.86 -24.30
C VAL A 134 -16.93 -16.55 -23.22
N ALA A 135 -16.76 -16.15 -21.96
CA ALA A 135 -17.44 -16.73 -20.78
C ALA A 135 -18.43 -15.72 -20.19
N ILE A 136 -19.59 -16.20 -19.78
CA ILE A 136 -20.59 -15.42 -18.99
C ILE A 136 -19.94 -15.08 -17.63
N GLN A 137 -19.90 -13.81 -17.26
CA GLN A 137 -19.17 -13.29 -16.07
C GLN A 137 -19.67 -13.98 -14.79
N ALA A 138 -21.00 -14.10 -14.64
CA ALA A 138 -21.67 -14.70 -13.47
C ALA A 138 -21.22 -16.15 -13.27
N VAL A 139 -21.06 -16.90 -14.37
CA VAL A 139 -20.71 -18.35 -14.36
C VAL A 139 -19.28 -18.53 -13.81
N LEU A 140 -18.34 -17.68 -14.25
CA LEU A 140 -16.93 -17.69 -13.78
C LEU A 140 -16.91 -17.46 -12.26
N SER A 141 -17.70 -16.49 -11.77
CA SER A 141 -17.82 -16.16 -10.33
C SER A 141 -18.19 -17.42 -9.54
N LEU A 142 -19.21 -18.16 -10.00
CA LEU A 142 -19.68 -19.40 -9.35
C LEU A 142 -18.52 -20.41 -9.32
N TYR A 143 -17.81 -20.59 -10.44
CA TYR A 143 -16.66 -21.53 -10.55
C TYR A 143 -15.62 -21.17 -9.48
N ALA A 144 -15.30 -19.88 -9.34
CA ALA A 144 -14.28 -19.34 -8.40
C ALA A 144 -14.70 -19.61 -6.95
N SER A 145 -16.02 -19.71 -6.67
CA SER A 145 -16.59 -20.03 -5.34
C SER A 145 -16.52 -21.54 -5.08
N GLY A 146 -16.16 -22.33 -6.10
CA GLY A 146 -15.89 -23.77 -5.99
C GLY A 146 -17.15 -24.61 -6.07
N ARG A 147 -18.16 -24.18 -6.85
CA ARG A 147 -19.38 -24.97 -7.13
C ARG A 147 -19.80 -24.75 -8.59
N THR A 148 -20.55 -25.72 -9.14
CA THR A 148 -21.07 -25.72 -10.54
C THR A 148 -22.59 -25.49 -10.54
N THR A 149 -23.24 -25.53 -9.37
CA THR A 149 -24.69 -25.25 -9.20
C THR A 149 -24.89 -24.15 -8.16
N GLY A 150 -25.80 -23.22 -8.43
CA GLY A 150 -26.10 -22.06 -7.56
C GLY A 150 -26.71 -20.92 -8.35
N ILE A 151 -27.10 -19.84 -7.66
CA ILE A 151 -27.61 -18.58 -8.30
C ILE A 151 -26.68 -17.44 -7.89
N VAL A 152 -26.17 -16.71 -8.89
CA VAL A 152 -25.18 -15.61 -8.70
C VAL A 152 -25.92 -14.27 -8.76
N LEU A 153 -25.66 -13.40 -7.78
CA LEU A 153 -25.98 -11.95 -7.85
C LEU A 153 -24.68 -11.20 -8.19
N ASP A 154 -24.53 -10.79 -9.44
CA ASP A 154 -23.37 -10.00 -9.94
C ASP A 154 -23.81 -8.54 -10.07
N SER A 155 -23.31 -7.68 -9.17
CA SER A 155 -23.57 -6.21 -9.17
C SER A 155 -22.23 -5.47 -9.31
N GLY A 156 -22.09 -4.71 -10.40
CA GLY A 156 -20.89 -3.92 -10.71
C GLY A 156 -21.18 -2.44 -10.71
N ASP A 157 -20.69 -1.71 -11.73
CA ASP A 157 -20.81 -0.24 -11.86
C ASP A 157 -22.06 0.10 -12.68
N GLY A 158 -22.38 -0.73 -13.68
CA GLY A 158 -23.39 -0.42 -14.72
C GLY A 158 -24.67 -1.25 -14.58
N VAL A 159 -24.55 -2.53 -14.20
CA VAL A 159 -25.68 -3.51 -14.24
C VAL A 159 -25.59 -4.46 -13.04
N THR A 160 -26.76 -4.95 -12.60
CA THR A 160 -26.92 -6.07 -11.64
C THR A 160 -27.65 -7.21 -12.36
N HIS A 161 -27.21 -8.46 -12.13
CA HIS A 161 -27.81 -9.67 -12.73
C HIS A 161 -28.05 -10.73 -11.65
N ASN A 162 -29.19 -11.42 -11.74
CA ASN A 162 -29.43 -12.75 -11.10
C ASN A 162 -29.25 -13.79 -12.19
N VAL A 163 -28.34 -14.75 -11.97
CA VAL A 163 -27.96 -15.79 -12.99
C VAL A 163 -27.99 -17.15 -12.31
N PRO A 164 -29.12 -17.90 -12.42
CA PRO A 164 -29.18 -19.27 -11.90
C PRO A 164 -28.37 -20.19 -12.82
N ILE A 165 -27.57 -21.06 -12.22
CA ILE A 165 -26.59 -21.95 -12.92
C ILE A 165 -26.77 -23.37 -12.37
N TYR A 166 -26.87 -24.37 -13.26
CA TYR A 166 -27.12 -25.79 -12.91
C TYR A 166 -26.18 -26.70 -13.71
N GLU A 167 -25.38 -27.50 -13.00
CA GLU A 167 -24.43 -28.50 -13.58
C GLU A 167 -23.40 -27.77 -14.47
N GLY A 168 -23.11 -26.49 -14.17
CA GLY A 168 -22.03 -25.71 -14.81
C GLY A 168 -22.54 -24.70 -15.84
N TYR A 169 -23.83 -24.71 -16.19
CA TYR A 169 -24.40 -23.88 -17.28
C TYR A 169 -25.56 -23.03 -16.77
N ALA A 170 -25.56 -21.74 -17.16
CA ALA A 170 -26.60 -20.75 -16.86
C ALA A 170 -27.96 -21.26 -17.37
N LEU A 171 -29.04 -20.84 -16.72
CA LEU A 171 -30.44 -21.07 -17.16
C LEU A 171 -31.00 -19.78 -17.72
N PRO A 172 -30.81 -19.50 -19.03
CA PRO A 172 -31.07 -18.17 -19.60
C PRO A 172 -32.51 -17.64 -19.41
N HIS A 173 -33.50 -18.53 -19.41
CA HIS A 173 -34.94 -18.19 -19.31
C HIS A 173 -35.27 -17.63 -17.92
N ALA A 174 -34.37 -17.83 -16.94
CA ALA A 174 -34.55 -17.42 -15.52
C ALA A 174 -33.59 -16.28 -15.14
N ILE A 175 -32.78 -15.77 -16.07
CA ILE A 175 -31.83 -14.65 -15.84
C ILE A 175 -32.62 -13.35 -15.69
N MET A 176 -32.36 -12.59 -14.61
CA MET A 176 -32.95 -11.25 -14.35
C MET A 176 -31.87 -10.19 -14.53
N ARG A 177 -32.23 -9.04 -15.12
CA ARG A 177 -31.34 -7.88 -15.35
C ARG A 177 -31.97 -6.62 -14.71
N LEU A 178 -31.28 -6.06 -13.71
CA LEU A 178 -31.64 -4.76 -13.07
C LEU A 178 -30.57 -3.73 -13.46
N ASP A 179 -30.95 -2.66 -14.16
CA ASP A 179 -30.05 -1.59 -14.64
C ASP A 179 -29.81 -0.58 -13.51
N LEU A 180 -29.58 -1.08 -12.29
CA LEU A 180 -29.23 -0.30 -11.08
C LEU A 180 -27.96 -0.93 -10.48
N ALA A 181 -26.89 -0.14 -10.34
CA ALA A 181 -25.56 -0.62 -9.93
C ALA A 181 -24.70 0.55 -9.42
N GLY A 182 -23.38 0.35 -9.37
CA GLY A 182 -22.40 1.19 -8.66
C GLY A 182 -22.60 2.68 -8.86
N ARG A 183 -22.60 3.15 -10.12
CA ARG A 183 -22.54 4.61 -10.43
C ARG A 183 -23.91 5.25 -10.16
N ASP A 184 -24.99 4.45 -10.11
CA ASP A 184 -26.34 4.92 -9.69
C ASP A 184 -26.31 5.21 -8.19
N LEU A 185 -25.67 4.33 -7.40
CA LEU A 185 -25.52 4.46 -5.93
C LEU A 185 -24.65 5.68 -5.62
N THR A 186 -23.51 5.85 -6.30
CA THR A 186 -22.59 7.01 -6.17
C THR A 186 -23.37 8.30 -6.41
N ASP A 187 -24.17 8.34 -7.49
CA ASP A 187 -24.98 9.53 -7.90
C ASP A 187 -26.03 9.85 -6.83
N TYR A 188 -26.69 8.82 -6.28
CA TYR A 188 -27.74 8.96 -5.24
C TYR A 188 -27.10 9.54 -3.96
N LEU A 189 -25.93 9.02 -3.58
CA LEU A 189 -25.18 9.49 -2.38
C LEU A 189 -24.83 10.98 -2.57
N MET A 190 -24.33 11.34 -3.77
CA MET A 190 -23.99 12.73 -4.15
C MET A 190 -25.21 13.63 -3.98
N LYS A 191 -26.40 13.13 -4.34
CA LYS A 191 -27.70 13.85 -4.27
C LYS A 191 -28.09 14.10 -2.81
N ILE A 192 -28.11 13.04 -1.98
CA ILE A 192 -28.62 13.09 -0.58
C ILE A 192 -27.59 13.76 0.34
N LEU A 193 -26.29 13.65 0.04
CA LEU A 193 -25.22 14.39 0.76
C LEU A 193 -25.36 15.89 0.44
N THR A 194 -25.74 16.22 -0.79
CA THR A 194 -26.04 17.61 -1.24
C THR A 194 -27.25 18.14 -0.46
N GLU A 195 -28.30 17.32 -0.29
CA GLU A 195 -29.53 17.66 0.47
C GLU A 195 -29.19 17.91 1.95
N ARG A 196 -28.15 17.25 2.47
CA ARG A 196 -27.66 17.44 3.88
C ARG A 196 -27.05 18.85 4.02
N GLY A 197 -26.62 19.45 2.91
CA GLY A 197 -26.12 20.84 2.84
C GLY A 197 -24.64 20.93 2.47
N TYR A 198 -24.17 20.03 1.60
CA TYR A 198 -22.80 20.03 1.03
C TYR A 198 -22.88 20.29 -0.47
N SER A 199 -21.74 20.63 -1.09
CA SER A 199 -21.61 20.90 -2.55
C SER A 199 -20.38 20.19 -3.10
N PHE A 200 -20.58 19.39 -4.15
CA PHE A 200 -19.51 18.73 -4.94
C PHE A 200 -19.53 19.35 -6.34
N VAL A 201 -18.71 20.39 -6.56
CA VAL A 201 -18.72 21.24 -7.77
C VAL A 201 -17.48 20.94 -8.61
N THR A 202 -16.28 21.26 -8.10
CA THR A 202 -14.97 20.99 -8.76
C THR A 202 -14.81 19.48 -8.94
N THR A 203 -14.15 19.05 -10.03
CA THR A 203 -13.91 17.62 -10.38
C THR A 203 -13.25 16.91 -9.20
N ALA A 204 -12.28 17.56 -8.54
CA ALA A 204 -11.54 17.07 -7.35
C ALA A 204 -12.50 16.63 -6.24
N GLU A 205 -13.66 17.30 -6.12
CA GLU A 205 -14.65 17.12 -5.03
C GLU A 205 -15.79 16.16 -5.46
N ARG A 206 -15.93 15.86 -6.74
CA ARG A 206 -17.05 15.05 -7.30
C ARG A 206 -16.66 13.56 -7.38
N GLU A 207 -15.37 13.26 -7.51
CA GLU A 207 -14.84 11.88 -7.69
C GLU A 207 -14.74 11.18 -6.32
N ILE A 208 -14.64 11.95 -5.24
CA ILE A 208 -14.43 11.44 -3.84
C ILE A 208 -15.72 10.80 -3.31
N VAL A 209 -16.88 11.17 -3.86
CA VAL A 209 -18.20 10.65 -3.38
C VAL A 209 -18.20 9.12 -3.51
N ARG A 210 -17.56 8.60 -4.57
CA ARG A 210 -17.35 7.15 -4.80
C ARG A 210 -16.52 6.57 -3.64
N ASP A 211 -15.44 7.26 -3.25
CA ASP A 211 -14.52 6.83 -2.15
C ASP A 211 -15.32 6.73 -0.84
N ILE A 212 -16.13 7.75 -0.53
CA ILE A 212 -16.99 7.81 0.69
C ILE A 212 -17.92 6.59 0.67
N LYS A 213 -18.55 6.32 -0.47
CA LYS A 213 -19.49 5.19 -0.68
C LYS A 213 -18.77 3.87 -0.35
N GLU A 214 -17.58 3.66 -0.92
CA GLU A 214 -16.80 2.39 -0.80
C GLU A 214 -16.30 2.18 0.63
N LYS A 215 -16.16 3.26 1.42
CA LYS A 215 -15.47 3.23 2.74
C LYS A 215 -16.47 3.32 3.91
N LEU A 216 -17.53 4.13 3.80
CA LEU A 216 -18.38 4.49 4.96
C LEU A 216 -19.82 3.96 4.84
N CYS A 217 -20.25 3.51 3.66
CA CYS A 217 -21.64 2.99 3.44
C CYS A 217 -21.73 1.54 3.96
N TYR A 218 -22.96 1.11 4.29
CA TYR A 218 -23.28 -0.27 4.76
C TYR A 218 -24.77 -0.53 4.55
N VAL A 219 -25.18 -1.80 4.54
CA VAL A 219 -26.61 -2.22 4.44
C VAL A 219 -27.15 -2.47 5.85
N ALA A 220 -28.20 -1.74 6.24
CA ALA A 220 -28.94 -1.91 7.51
C ALA A 220 -29.68 -3.25 7.47
N LEU A 221 -29.59 -4.04 8.55
CA LEU A 221 -30.34 -5.31 8.70
C LEU A 221 -31.84 -5.01 8.71
N ASP A 222 -32.26 -4.04 9.55
CA ASP A 222 -33.63 -3.44 9.55
C ASP A 222 -33.50 -1.95 9.22
N PHE A 223 -33.93 -1.56 8.01
CA PHE A 223 -33.83 -0.17 7.49
C PHE A 223 -34.72 0.76 8.34
N GLU A 224 -36.02 0.45 8.41
CA GLU A 224 -37.04 1.24 9.16
C GLU A 224 -36.52 1.55 10.57
N ASN A 225 -35.96 0.55 11.25
CA ASN A 225 -35.42 0.65 12.62
C ASN A 225 -34.25 1.65 12.66
N GLU A 226 -33.30 1.52 11.73
CA GLU A 226 -32.04 2.33 11.72
C GLU A 226 -32.34 3.79 11.35
N MET A 227 -33.47 4.05 10.68
CA MET A 227 -33.92 5.43 10.31
C MET A 227 -34.44 6.16 11.55
N ALA A 228 -35.11 5.44 12.47
CA ALA A 228 -35.62 5.98 13.75
C ALA A 228 -34.46 6.12 14.75
N THR A 229 -33.54 5.16 14.76
CA THR A 229 -32.33 5.13 15.64
C THR A 229 -31.32 6.18 15.17
N ALA A 230 -31.41 6.62 13.91
CA ALA A 230 -30.46 7.55 13.25
C ALA A 230 -30.09 8.71 14.20
N ALA A 231 -31.08 9.55 14.53
CA ALA A 231 -30.92 10.73 15.42
C ALA A 231 -30.39 10.29 16.78
N SER A 232 -30.90 9.17 17.32
CA SER A 232 -30.62 8.65 18.68
C SER A 232 -29.18 8.14 18.79
N SER A 233 -28.74 7.33 17.80
CA SER A 233 -27.46 6.58 17.78
C SER A 233 -26.26 7.49 18.07
N SER A 234 -25.25 6.95 18.76
CA SER A 234 -23.96 7.61 19.11
C SER A 234 -22.85 7.18 18.13
N SER A 235 -23.08 6.13 17.33
CA SER A 235 -22.05 5.43 16.53
C SER A 235 -22.26 5.63 15.02
N LEU A 236 -23.46 6.08 14.60
CA LEU A 236 -23.84 6.16 13.16
C LEU A 236 -22.95 7.19 12.45
N GLU A 237 -22.98 8.45 12.92
CA GLU A 237 -22.31 9.59 12.23
C GLU A 237 -20.81 9.32 12.17
N LYS A 238 -20.23 9.49 10.97
CA LYS A 238 -18.78 9.33 10.68
C LYS A 238 -18.30 10.57 9.93
N SER A 239 -17.01 10.92 10.05
CA SER A 239 -16.39 12.09 9.39
C SER A 239 -15.40 11.63 8.30
N TYR A 240 -15.45 12.26 7.14
CA TYR A 240 -14.55 11.99 5.97
C TYR A 240 -13.82 13.30 5.63
N GLU A 241 -12.48 13.24 5.61
CA GLU A 241 -11.59 14.38 5.28
C GLU A 241 -11.39 14.45 3.76
N LEU A 242 -11.71 15.59 3.15
CA LEU A 242 -11.42 15.90 1.72
C LEU A 242 -9.91 16.07 1.56
N PRO A 243 -9.37 15.98 0.32
CA PRO A 243 -7.92 16.13 0.11
C PRO A 243 -7.41 17.56 0.39
N ASP A 244 -8.28 18.56 0.28
CA ASP A 244 -7.96 20.00 0.46
C ASP A 244 -7.85 20.32 1.97
N GLY A 245 -8.67 19.68 2.80
CA GLY A 245 -8.64 19.86 4.27
C GLY A 245 -10.03 19.80 4.91
N GLN A 246 -11.07 20.18 4.16
CA GLN A 246 -12.49 20.18 4.62
C GLN A 246 -12.84 18.81 5.23
N VAL A 247 -13.69 18.81 6.27
CA VAL A 247 -14.21 17.59 6.94
C VAL A 247 -15.74 17.62 6.87
N ILE A 248 -16.35 16.69 6.13
CA ILE A 248 -17.83 16.54 6.01
C ILE A 248 -18.29 15.41 6.95
N THR A 249 -19.56 15.45 7.36
CA THR A 249 -20.23 14.47 8.24
C THR A 249 -21.25 13.68 7.42
N ILE A 250 -21.24 12.36 7.53
CA ILE A 250 -22.23 11.45 6.88
C ILE A 250 -22.93 10.63 7.97
N GLY A 251 -24.27 10.68 8.01
CA GLY A 251 -25.11 10.01 9.01
C GLY A 251 -25.88 8.85 8.41
N ASN A 252 -27.21 8.99 8.30
CA ASN A 252 -28.13 7.92 7.81
C ASN A 252 -27.89 7.68 6.31
N GLU A 253 -27.21 8.60 5.62
CA GLU A 253 -26.84 8.50 4.17
C GLU A 253 -25.95 7.26 3.95
N ARG A 254 -25.22 6.82 4.98
CA ARG A 254 -24.32 5.64 4.91
C ARG A 254 -25.10 4.40 4.45
N PHE A 255 -26.28 4.16 5.02
CA PHE A 255 -27.10 2.94 4.78
C PHE A 255 -28.29 3.26 3.86
N ARG A 256 -28.65 4.53 3.68
CA ARG A 256 -29.73 4.95 2.74
C ARG A 256 -29.25 4.76 1.30
N CYS A 257 -27.95 4.96 1.04
CA CYS A 257 -27.32 4.86 -0.30
C CYS A 257 -27.49 3.43 -0.84
N PRO A 258 -26.90 2.38 -0.22
CA PRO A 258 -27.07 1.01 -0.71
C PRO A 258 -28.46 0.40 -0.53
N GLU A 259 -29.31 0.99 0.31
CA GLU A 259 -30.73 0.57 0.50
C GLU A 259 -31.45 0.60 -0.85
N THR A 260 -31.05 1.50 -1.74
CA THR A 260 -31.55 1.67 -3.13
C THR A 260 -31.55 0.31 -3.85
N LEU A 261 -30.56 -0.55 -3.60
CA LEU A 261 -30.48 -1.92 -4.18
C LEU A 261 -31.77 -2.69 -3.86
N PHE A 262 -32.26 -2.57 -2.62
CA PHE A 262 -33.45 -3.28 -2.09
C PHE A 262 -34.73 -2.47 -2.37
N GLN A 263 -34.59 -1.14 -2.58
CA GLN A 263 -35.72 -0.22 -2.85
C GLN A 263 -35.35 0.71 -4.00
N PRO A 264 -35.35 0.22 -5.26
CA PRO A 264 -35.05 1.04 -6.43
C PRO A 264 -35.85 2.35 -6.55
N SER A 265 -37.04 2.41 -5.94
CA SER A 265 -37.93 3.60 -5.92
C SER A 265 -37.17 4.85 -5.46
N PHE A 266 -36.21 4.69 -4.54
CA PHE A 266 -35.38 5.78 -3.96
C PHE A 266 -34.82 6.70 -5.06
N ILE A 267 -34.56 6.18 -6.27
CA ILE A 267 -33.97 6.94 -7.42
C ILE A 267 -34.98 7.04 -8.57
N GLY A 268 -36.25 6.71 -8.34
CA GLY A 268 -37.36 6.91 -9.29
C GLY A 268 -37.58 5.74 -10.23
N MET A 269 -36.98 4.58 -9.94
CA MET A 269 -37.18 3.32 -10.71
C MET A 269 -38.38 2.57 -10.11
N GLU A 270 -39.33 2.17 -10.97
CA GLU A 270 -40.54 1.41 -10.57
C GLU A 270 -40.19 -0.09 -10.48
N SER A 271 -38.95 -0.45 -10.80
CA SER A 271 -38.39 -1.84 -10.78
C SER A 271 -38.40 -2.41 -9.36
N ALA A 272 -38.24 -3.74 -9.25
CA ALA A 272 -38.20 -4.50 -7.99
C ALA A 272 -36.76 -4.59 -7.47
N GLY A 273 -36.60 -4.75 -6.16
CA GLY A 273 -35.29 -4.80 -5.47
C GLY A 273 -34.53 -6.08 -5.75
N ILE A 274 -33.22 -6.08 -5.48
CA ILE A 274 -32.28 -7.21 -5.78
C ILE A 274 -32.70 -8.48 -5.02
N HIS A 275 -33.34 -8.33 -3.86
CA HIS A 275 -33.88 -9.45 -3.04
C HIS A 275 -35.07 -10.09 -3.76
N GLU A 276 -35.92 -9.27 -4.40
CA GLU A 276 -37.13 -9.72 -5.14
C GLU A 276 -36.70 -10.40 -6.45
N THR A 277 -35.74 -9.82 -7.17
CA THR A 277 -35.21 -10.37 -8.45
C THR A 277 -34.55 -11.73 -8.20
N THR A 278 -33.85 -11.89 -7.07
CA THR A 278 -33.20 -13.17 -6.65
C THR A 278 -34.28 -14.24 -6.46
N TYR A 279 -35.36 -13.92 -5.75
CA TYR A 279 -36.52 -14.82 -5.50
C TYR A 279 -37.19 -15.16 -6.85
N ASN A 280 -37.51 -14.14 -7.66
CA ASN A 280 -38.22 -14.27 -8.96
C ASN A 280 -37.41 -15.16 -9.92
N SER A 281 -36.07 -15.04 -9.88
CA SER A 281 -35.12 -15.83 -10.71
C SER A 281 -35.25 -17.32 -10.36
N ILE A 282 -35.28 -17.63 -9.07
CA ILE A 282 -35.41 -19.04 -8.55
C ILE A 282 -36.78 -19.59 -8.95
N MET A 283 -37.84 -18.77 -8.87
CA MET A 283 -39.24 -19.20 -9.13
C MET A 283 -39.49 -19.35 -10.64
N LYS A 284 -38.57 -18.88 -11.50
CA LYS A 284 -38.62 -19.08 -12.97
C LYS A 284 -37.92 -20.40 -13.33
N CYS A 285 -37.13 -20.98 -12.42
CA CYS A 285 -36.42 -22.27 -12.61
C CYS A 285 -37.35 -23.44 -12.31
N ASP A 286 -36.92 -24.67 -12.62
CA ASP A 286 -37.60 -25.93 -12.23
C ASP A 286 -37.68 -26.01 -10.71
N ILE A 287 -38.84 -26.41 -10.17
CA ILE A 287 -39.07 -26.63 -8.71
C ILE A 287 -38.06 -27.67 -8.18
N ASP A 288 -37.53 -28.52 -9.06
CA ASP A 288 -36.67 -29.68 -8.70
C ASP A 288 -35.31 -29.24 -8.14
N ILE A 289 -34.82 -28.04 -8.53
CA ILE A 289 -33.42 -27.59 -8.25
C ILE A 289 -33.39 -26.43 -7.24
N ARG A 290 -34.53 -25.80 -6.96
CA ARG A 290 -34.64 -24.55 -6.14
C ARG A 290 -33.94 -24.73 -4.79
N LYS A 291 -34.08 -25.92 -4.18
CA LYS A 291 -33.43 -26.28 -2.89
C LYS A 291 -31.93 -25.96 -2.97
N ASP A 292 -31.28 -26.34 -4.07
CA ASP A 292 -29.82 -26.18 -4.30
C ASP A 292 -29.49 -24.72 -4.61
N LEU A 293 -30.37 -24.00 -5.32
CA LEU A 293 -30.23 -22.56 -5.62
C LEU A 293 -30.27 -21.76 -4.31
N TYR A 294 -31.36 -21.88 -3.54
CA TYR A 294 -31.59 -21.22 -2.23
C TYR A 294 -30.37 -21.39 -1.32
N ALA A 295 -29.71 -22.56 -1.38
CA ALA A 295 -28.59 -22.96 -0.50
C ALA A 295 -27.23 -22.54 -1.08
N ASN A 296 -27.22 -21.91 -2.27
CA ASN A 296 -25.98 -21.49 -2.96
C ASN A 296 -26.22 -20.15 -3.69
N ASN A 297 -26.58 -19.12 -2.93
CA ASN A 297 -26.59 -17.69 -3.38
C ASN A 297 -25.16 -17.15 -3.29
N VAL A 298 -24.47 -17.04 -4.44
CA VAL A 298 -23.09 -16.50 -4.51
C VAL A 298 -23.17 -15.04 -5.00
N MET A 299 -22.60 -14.12 -4.24
CA MET A 299 -22.60 -12.67 -4.56
C MET A 299 -21.26 -12.30 -5.20
N SER A 300 -21.32 -11.44 -6.22
CA SER A 300 -20.18 -11.11 -7.13
C SER A 300 -20.19 -9.61 -7.46
N GLY A 301 -19.02 -9.03 -7.71
CA GLY A 301 -18.85 -7.65 -8.20
C GLY A 301 -18.76 -6.66 -7.06
N GLY A 302 -18.19 -5.48 -7.34
CA GLY A 302 -17.84 -4.45 -6.34
C GLY A 302 -19.03 -3.97 -5.53
N THR A 303 -20.24 -3.96 -6.10
CA THR A 303 -21.46 -3.35 -5.49
C THR A 303 -22.08 -4.32 -4.46
N THR A 304 -21.55 -5.55 -4.33
CA THR A 304 -21.94 -6.52 -3.26
C THR A 304 -20.96 -6.42 -2.08
N MET A 305 -20.07 -5.42 -2.06
CA MET A 305 -18.98 -5.32 -1.05
C MET A 305 -19.44 -4.60 0.22
N TYR A 306 -20.57 -3.88 0.18
CA TYR A 306 -21.14 -3.14 1.34
C TYR A 306 -21.23 -4.10 2.53
N PRO A 307 -20.64 -3.75 3.69
CA PRO A 307 -20.85 -4.53 4.92
C PRO A 307 -22.35 -4.67 5.22
N GLY A 308 -22.78 -5.88 5.60
CA GLY A 308 -24.15 -6.16 6.07
C GLY A 308 -25.07 -6.68 4.96
N ILE A 309 -24.67 -6.56 3.68
CA ILE A 309 -25.51 -6.95 2.51
C ILE A 309 -25.79 -8.46 2.55
N ALA A 310 -24.81 -9.26 2.96
CA ALA A 310 -24.91 -10.73 3.12
C ALA A 310 -26.06 -11.07 4.10
N ASP A 311 -26.02 -10.47 5.30
CA ASP A 311 -26.99 -10.72 6.40
C ASP A 311 -28.37 -10.19 5.99
N ARG A 312 -28.42 -9.11 5.21
CA ARG A 312 -29.70 -8.46 4.76
C ARG A 312 -30.37 -9.35 3.72
N MET A 313 -29.60 -9.92 2.79
CA MET A 313 -30.07 -10.89 1.77
C MET A 313 -30.67 -12.11 2.49
N GLN A 314 -29.93 -12.67 3.46
CA GLN A 314 -30.36 -13.80 4.31
C GLN A 314 -31.79 -13.54 4.81
N LYS A 315 -32.02 -12.36 5.40
CA LYS A 315 -33.31 -11.96 6.04
C LYS A 315 -34.41 -11.87 4.97
N GLU A 316 -34.20 -11.07 3.93
CA GLU A 316 -35.23 -10.65 2.94
C GLU A 316 -35.68 -11.86 2.10
N ILE A 317 -34.81 -12.85 1.88
CA ILE A 317 -35.09 -14.07 1.06
C ILE A 317 -35.81 -15.10 1.93
N THR A 318 -35.40 -15.26 3.20
CA THR A 318 -36.07 -16.15 4.19
C THR A 318 -37.53 -15.73 4.34
N ALA A 319 -37.80 -14.42 4.30
CA ALA A 319 -39.14 -13.79 4.37
C ALA A 319 -39.98 -14.20 3.16
N LEU A 320 -39.36 -14.30 1.98
CA LEU A 320 -40.05 -14.53 0.67
C LEU A 320 -40.18 -16.04 0.37
N ALA A 321 -39.19 -16.84 0.79
CA ALA A 321 -39.07 -18.28 0.47
C ALA A 321 -40.01 -19.10 1.36
N PRO A 322 -40.29 -20.38 1.00
CA PRO A 322 -40.93 -21.33 1.90
C PRO A 322 -40.29 -21.39 3.29
N SER A 323 -41.10 -21.59 4.33
CA SER A 323 -40.78 -21.35 5.77
C SER A 323 -39.54 -22.13 6.22
N THR A 324 -39.38 -23.38 5.77
CA THR A 324 -38.38 -24.35 6.30
C THR A 324 -37.19 -24.49 5.34
N MET A 325 -37.14 -23.68 4.28
CA MET A 325 -36.09 -23.76 3.23
C MET A 325 -34.73 -23.38 3.82
N LYS A 326 -33.71 -24.23 3.64
CA LYS A 326 -32.31 -23.98 4.06
C LYS A 326 -31.70 -22.95 3.09
N ILE A 327 -31.48 -21.72 3.57
CA ILE A 327 -30.95 -20.57 2.77
C ILE A 327 -29.54 -20.25 3.25
N LYS A 328 -28.61 -20.03 2.31
CA LYS A 328 -27.20 -19.64 2.60
C LYS A 328 -26.74 -18.63 1.54
N ILE A 329 -26.28 -17.46 2.00
CA ILE A 329 -25.68 -16.39 1.14
C ILE A 329 -24.16 -16.46 1.28
N ILE A 330 -23.45 -16.72 0.18
CA ILE A 330 -21.97 -16.78 0.13
C ILE A 330 -21.47 -15.44 -0.43
N ALA A 331 -20.62 -14.75 0.34
CA ALA A 331 -20.04 -13.43 0.01
C ALA A 331 -18.52 -13.53 0.08
N PRO A 332 -17.86 -14.14 -0.93
CA PRO A 332 -16.40 -14.33 -0.90
C PRO A 332 -15.67 -13.00 -0.71
N PRO A 333 -14.74 -12.90 0.26
CA PRO A 333 -13.90 -11.70 0.41
C PRO A 333 -13.25 -11.18 -0.89
N GLU A 334 -13.01 -12.07 -1.87
CA GLU A 334 -12.33 -11.75 -3.16
C GLU A 334 -13.35 -11.36 -4.24
N ARG A 335 -14.63 -11.12 -3.89
CA ARG A 335 -15.78 -11.15 -4.85
C ARG A 335 -15.79 -9.91 -5.76
N LYS A 336 -14.92 -8.92 -5.56
CA LYS A 336 -14.79 -7.76 -6.47
C LYS A 336 -13.91 -8.17 -7.67
N TYR A 337 -13.26 -9.34 -7.62
CA TYR A 337 -12.43 -9.90 -8.72
C TYR A 337 -12.77 -11.37 -8.98
N SER A 338 -13.92 -11.86 -8.48
CA SER A 338 -14.31 -13.30 -8.57
C SER A 338 -14.50 -13.73 -10.02
N VAL A 339 -15.01 -12.84 -10.88
CA VAL A 339 -15.24 -13.10 -12.34
C VAL A 339 -13.88 -13.44 -12.98
N TRP A 340 -12.90 -12.55 -12.80
CA TRP A 340 -11.55 -12.68 -13.38
C TRP A 340 -10.88 -13.96 -12.86
N ILE A 341 -10.91 -14.15 -11.54
CA ILE A 341 -10.25 -15.30 -10.83
C ILE A 341 -10.84 -16.61 -11.35
N GLY A 342 -12.17 -16.66 -11.53
CA GLY A 342 -12.88 -17.81 -12.10
C GLY A 342 -12.42 -18.10 -13.52
N GLY A 343 -12.19 -17.04 -14.29
CA GLY A 343 -11.64 -17.11 -15.67
C GLY A 343 -10.23 -17.66 -15.68
N SER A 344 -9.41 -17.28 -14.70
CA SER A 344 -8.01 -17.76 -14.52
C SER A 344 -7.99 -19.28 -14.27
N ILE A 345 -8.94 -19.77 -13.47
CA ILE A 345 -9.09 -21.21 -13.12
C ILE A 345 -9.58 -21.98 -14.35
N LEU A 346 -10.66 -21.53 -14.99
CA LEU A 346 -11.26 -22.18 -16.18
C LEU A 346 -10.18 -22.40 -17.25
N ALA A 347 -9.43 -21.35 -17.57
CA ALA A 347 -8.41 -21.31 -18.65
C ALA A 347 -7.17 -22.12 -18.28
N SER A 348 -7.02 -22.49 -17.00
CA SER A 348 -5.87 -23.28 -16.46
C SER A 348 -6.18 -24.78 -16.50
N LEU A 349 -7.44 -25.17 -16.69
CA LEU A 349 -7.88 -26.60 -16.74
C LEU A 349 -7.41 -27.22 -18.06
N SER A 350 -6.91 -28.47 -18.00
CA SER A 350 -6.51 -29.28 -19.18
C SER A 350 -7.74 -29.54 -20.07
N THR A 351 -8.91 -29.73 -19.46
CA THR A 351 -10.20 -30.04 -20.14
C THR A 351 -10.60 -28.89 -21.07
N PHE A 352 -10.30 -27.64 -20.68
CA PHE A 352 -10.73 -26.40 -21.37
C PHE A 352 -9.91 -26.15 -22.63
N GLN A 353 -8.78 -26.85 -22.82
CA GLN A 353 -7.82 -26.56 -23.91
C GLN A 353 -8.43 -26.93 -25.27
N GLN A 354 -9.43 -27.83 -25.31
CA GLN A 354 -10.13 -28.21 -26.58
C GLN A 354 -11.43 -27.41 -26.72
N MET A 355 -11.72 -26.49 -25.79
CA MET A 355 -12.93 -25.62 -25.83
C MET A 355 -12.60 -24.27 -26.47
N TRP A 356 -11.31 -23.89 -26.53
CA TRP A 356 -10.81 -22.69 -27.23
C TRP A 356 -11.36 -22.67 -28.66
N ILE A 357 -11.79 -21.50 -29.14
CA ILE A 357 -11.96 -21.22 -30.60
C ILE A 357 -10.56 -20.94 -31.14
N THR A 358 -10.04 -21.81 -32.02
CA THR A 358 -8.70 -21.66 -32.66
C THR A 358 -8.86 -20.78 -33.91
N LYS A 359 -7.76 -20.17 -34.37
CA LYS A 359 -7.70 -19.35 -35.61
C LYS A 359 -8.21 -20.18 -36.79
N GLN A 360 -7.78 -21.44 -36.88
CA GLN A 360 -8.21 -22.41 -37.93
C GLN A 360 -9.74 -22.49 -37.93
N GLU A 361 -10.34 -22.79 -36.78
CA GLU A 361 -11.82 -22.97 -36.61
C GLU A 361 -12.54 -21.68 -37.04
N TYR A 362 -12.05 -20.51 -36.61
CA TYR A 362 -12.63 -19.19 -36.96
C TYR A 362 -12.51 -18.94 -38.47
N ASP A 363 -11.38 -19.31 -39.06
CA ASP A 363 -11.08 -19.12 -40.50
C ASP A 363 -12.04 -19.97 -41.35
N GLU A 364 -12.47 -21.14 -40.87
CA GLU A 364 -13.39 -22.07 -41.59
C GLU A 364 -14.84 -21.65 -41.39
N ALA A 365 -15.23 -21.30 -40.15
CA ALA A 365 -16.63 -21.15 -39.70
C ALA A 365 -17.04 -19.67 -39.68
N GLY A 366 -16.11 -18.77 -39.37
CA GLY A 366 -16.41 -17.33 -39.21
C GLY A 366 -16.94 -17.01 -37.82
N PRO A 367 -17.30 -15.73 -37.54
CA PRO A 367 -17.74 -15.31 -36.20
C PRO A 367 -18.89 -16.13 -35.57
N SER A 368 -19.75 -16.76 -36.37
CA SER A 368 -20.92 -17.54 -35.89
C SER A 368 -20.48 -18.79 -35.11
N ILE A 369 -19.20 -19.18 -35.22
CA ILE A 369 -18.58 -20.30 -34.44
C ILE A 369 -18.79 -20.07 -32.94
N VAL A 370 -18.76 -18.81 -32.48
CA VAL A 370 -18.81 -18.42 -31.04
C VAL A 370 -20.03 -19.07 -30.36
N HIS A 371 -21.16 -19.18 -31.07
CA HIS A 371 -22.42 -19.79 -30.55
C HIS A 371 -22.26 -21.29 -30.38
N ARG A 372 -21.50 -21.95 -31.28
CA ARG A 372 -21.24 -23.41 -31.25
C ARG A 372 -20.35 -23.79 -30.06
N LYS A 373 -19.35 -22.95 -29.75
CA LYS A 373 -18.21 -23.28 -28.86
C LYS A 373 -18.37 -22.64 -27.48
N CYS A 374 -18.86 -21.39 -27.43
CA CYS A 374 -19.00 -20.59 -26.19
C CYS A 374 -20.47 -20.53 -25.75
N PHE A 375 -20.83 -21.32 -24.73
CA PHE A 375 -22.19 -21.36 -24.13
C PHE A 375 -22.08 -21.83 -22.67
N LEU B 1 5.36 39.55 -34.28
CA LEU B 1 5.03 38.43 -33.36
C LEU B 1 5.07 38.93 -31.92
N LYS B 2 3.98 38.73 -31.16
CA LYS B 2 3.83 39.21 -29.76
C LYS B 2 3.90 38.00 -28.82
N ILE B 3 4.82 38.04 -27.85
CA ILE B 3 5.09 36.95 -26.87
C ILE B 3 4.89 37.51 -25.46
N ALA B 4 4.24 36.74 -24.57
CA ALA B 4 3.97 37.12 -23.16
C ALA B 4 4.27 35.95 -22.21
N ALA B 5 4.58 36.29 -20.96
CA ALA B 5 4.70 35.37 -19.81
C ALA B 5 3.80 35.89 -18.68
N PHE B 6 2.77 35.13 -18.31
CA PHE B 6 1.67 35.59 -17.44
C PHE B 6 1.47 34.57 -16.30
N ASN B 7 1.86 34.96 -15.07
CA ASN B 7 1.50 34.24 -13.82
C ASN B 7 0.06 34.61 -13.44
N ILE B 8 -0.87 33.67 -13.62
CA ILE B 8 -2.31 33.81 -13.23
C ILE B 8 -2.49 33.08 -11.90
N ARG B 9 -2.52 33.83 -10.79
CA ARG B 9 -2.60 33.29 -9.41
C ARG B 9 -3.71 32.22 -9.36
N THR B 10 -3.37 31.03 -8.85
CA THR B 10 -4.28 29.87 -8.65
C THR B 10 -5.23 29.74 -9.84
N PHE B 11 -4.68 29.70 -11.06
CA PHE B 11 -5.42 29.42 -12.31
C PHE B 11 -5.91 27.97 -12.25
N GLY B 12 -7.20 27.79 -11.95
CA GLY B 12 -7.85 26.47 -11.82
C GLY B 12 -9.29 26.51 -12.29
N GLU B 13 -10.08 25.50 -11.89
CA GLU B 13 -11.49 25.31 -12.33
C GLU B 13 -12.37 26.48 -11.84
N THR B 14 -12.21 26.88 -10.58
CA THR B 14 -13.00 27.97 -9.94
C THR B 14 -12.88 29.25 -10.78
N LYS B 15 -11.66 29.62 -11.18
CA LYS B 15 -11.37 30.91 -11.86
C LYS B 15 -11.86 30.87 -13.30
N MET B 16 -11.81 29.71 -13.96
CA MET B 16 -12.22 29.55 -15.38
C MET B 16 -13.73 29.35 -15.49
N SER B 17 -14.37 28.80 -14.44
CA SER B 17 -15.85 28.63 -14.35
C SER B 17 -16.53 29.98 -14.11
N ASN B 18 -15.77 30.99 -13.63
CA ASN B 18 -16.24 32.38 -13.41
C ASN B 18 -16.24 33.11 -14.76
N ALA B 19 -17.44 33.39 -15.30
CA ALA B 19 -17.66 33.94 -16.65
C ALA B 19 -16.97 35.30 -16.82
N THR B 20 -16.89 36.10 -15.74
CA THR B 20 -16.23 37.44 -15.74
C THR B 20 -14.70 37.25 -15.82
N LEU B 21 -14.12 36.49 -14.89
CA LEU B 21 -12.65 36.26 -14.81
C LEU B 21 -12.16 35.59 -16.12
N ALA B 22 -12.95 34.64 -16.64
CA ALA B 22 -12.70 33.94 -17.92
C ALA B 22 -12.59 34.95 -19.06
N SER B 23 -13.54 35.90 -19.11
CA SER B 23 -13.63 36.97 -20.14
C SER B 23 -12.30 37.75 -20.22
N TYR B 24 -11.79 38.21 -19.07
CA TYR B 24 -10.59 39.06 -18.96
C TYR B 24 -9.33 38.23 -19.28
N ILE B 25 -9.24 37.01 -18.76
CA ILE B 25 -8.09 36.08 -19.02
C ILE B 25 -8.01 35.82 -20.53
N VAL B 26 -9.14 35.48 -21.16
CA VAL B 26 -9.21 35.15 -22.62
C VAL B 26 -8.80 36.38 -23.43
N ARG B 27 -9.27 37.56 -23.04
CA ARG B 27 -8.94 38.85 -23.70
C ARG B 27 -7.43 39.09 -23.63
N ILE B 28 -6.78 38.74 -22.51
CA ILE B 28 -5.31 38.91 -22.30
C ILE B 28 -4.55 37.94 -23.21
N VAL B 29 -4.91 36.65 -23.19
CA VAL B 29 -4.30 35.58 -24.04
C VAL B 29 -4.41 36.00 -25.52
N ARG B 30 -5.57 36.50 -25.95
CA ARG B 30 -5.90 36.81 -27.36
C ARG B 30 -4.96 37.90 -27.92
N ARG B 31 -4.30 38.69 -27.06
CA ARG B 31 -3.34 39.74 -27.44
C ARG B 31 -2.06 39.14 -28.04
N TYR B 32 -1.79 37.85 -27.79
CA TYR B 32 -0.45 37.24 -27.96
C TYR B 32 -0.51 36.07 -28.95
N ASP B 33 0.56 35.94 -29.73
CA ASP B 33 0.79 34.83 -30.70
C ASP B 33 1.45 33.67 -29.96
N ILE B 34 2.18 33.97 -28.88
CA ILE B 34 2.72 32.99 -27.88
C ILE B 34 2.50 33.58 -26.49
N VAL B 35 1.92 32.81 -25.56
CA VAL B 35 1.79 33.20 -24.13
C VAL B 35 2.07 31.98 -23.25
N LEU B 36 2.98 32.16 -22.28
CA LEU B 36 3.25 31.21 -21.18
C LEU B 36 2.34 31.55 -19.99
N ILE B 37 1.45 30.62 -19.62
CA ILE B 37 0.63 30.70 -18.38
C ILE B 37 1.31 29.85 -17.29
N GLN B 38 1.69 30.51 -16.18
CA GLN B 38 2.32 29.87 -15.00
C GLN B 38 1.29 29.80 -13.86
N GLU B 39 1.56 28.94 -12.88
CA GLU B 39 0.69 28.70 -11.69
C GLU B 39 -0.65 28.13 -12.17
N VAL B 40 -0.59 27.16 -13.09
CA VAL B 40 -1.73 26.32 -13.52
C VAL B 40 -1.96 25.26 -12.43
N ARG B 41 -2.97 25.48 -11.58
CA ARG B 41 -3.36 24.60 -10.46
C ARG B 41 -4.57 23.76 -10.89
N ASP B 42 -4.32 22.78 -11.78
CA ASP B 42 -5.35 22.10 -12.60
C ASP B 42 -5.07 20.59 -12.60
N SER B 43 -5.56 19.88 -11.58
CA SER B 43 -5.28 18.44 -11.32
C SER B 43 -5.60 17.61 -12.57
N HIS B 44 -6.73 17.87 -13.23
CA HIS B 44 -7.26 17.06 -14.36
C HIS B 44 -7.35 17.87 -15.66
N LEU B 45 -6.63 18.99 -15.75
CA LEU B 45 -6.49 19.85 -16.97
C LEU B 45 -7.86 20.40 -17.41
N VAL B 46 -8.81 20.54 -16.47
CA VAL B 46 -10.22 20.94 -16.76
C VAL B 46 -10.25 22.44 -17.09
N ALA B 47 -9.55 23.26 -16.30
CA ALA B 47 -9.40 24.72 -16.51
C ALA B 47 -8.73 24.98 -17.86
N VAL B 48 -7.64 24.27 -18.16
CA VAL B 48 -6.87 24.38 -19.44
C VAL B 48 -7.83 24.04 -20.60
N GLY B 49 -8.60 22.96 -20.45
CA GLY B 49 -9.60 22.52 -21.44
C GLY B 49 -10.65 23.58 -21.70
N LYS B 50 -11.20 24.16 -20.64
CA LYS B 50 -12.30 25.17 -20.69
C LYS B 50 -11.78 26.47 -21.32
N LEU B 51 -10.50 26.81 -21.10
CA LEU B 51 -9.82 27.97 -21.69
C LEU B 51 -9.63 27.75 -23.20
N LEU B 52 -9.25 26.53 -23.60
CA LEU B 52 -9.02 26.16 -25.03
C LEU B 52 -10.36 26.12 -25.76
N ASP B 53 -11.43 25.64 -25.12
CA ASP B 53 -12.81 25.65 -25.67
C ASP B 53 -13.19 27.08 -26.06
N TYR B 54 -13.03 28.01 -25.11
CA TYR B 54 -13.31 29.47 -25.22
C TYR B 54 -12.50 30.05 -26.38
N LEU B 55 -11.18 29.79 -26.41
CA LEU B 55 -10.24 30.35 -27.42
C LEU B 55 -10.53 29.80 -28.82
N ASN B 56 -11.04 28.56 -28.93
CA ASN B 56 -11.17 27.82 -30.22
C ASN B 56 -12.66 27.58 -30.56
N GLN B 57 -13.57 28.46 -30.14
CA GLN B 57 -15.03 28.32 -30.42
C GLN B 57 -15.28 28.37 -31.93
N ASP B 58 -14.79 29.42 -32.60
CA ASP B 58 -15.10 29.72 -34.03
C ASP B 58 -14.18 28.90 -34.94
N ASP B 59 -12.86 29.07 -34.81
CA ASP B 59 -11.84 28.27 -35.55
C ASP B 59 -11.20 27.31 -34.56
N PRO B 60 -11.25 25.98 -34.81
CA PRO B 60 -10.65 25.00 -33.88
C PRO B 60 -9.12 25.04 -33.78
N ASN B 61 -8.45 25.82 -34.64
CA ASN B 61 -6.96 25.93 -34.67
C ASN B 61 -6.53 27.39 -34.49
N THR B 62 -7.30 28.17 -33.71
CA THR B 62 -6.92 29.54 -33.27
C THR B 62 -5.67 29.44 -32.39
N TYR B 63 -5.71 28.55 -31.39
CA TYR B 63 -4.60 28.26 -30.45
C TYR B 63 -4.39 26.74 -30.34
N HIS B 64 -3.14 26.30 -30.53
CA HIS B 64 -2.61 24.97 -30.11
C HIS B 64 -1.94 25.14 -28.75
N TYR B 65 -1.59 24.05 -28.06
CA TYR B 65 -1.05 24.09 -26.67
C TYR B 65 0.20 23.21 -26.54
N VAL B 66 1.07 23.59 -25.59
CA VAL B 66 2.13 22.72 -24.99
C VAL B 66 1.98 22.83 -23.47
N VAL B 67 1.55 21.75 -22.82
CA VAL B 67 1.26 21.72 -21.36
C VAL B 67 2.13 20.64 -20.69
N SER B 68 2.52 20.87 -19.43
CA SER B 68 3.39 19.97 -18.64
C SER B 68 2.54 19.18 -17.64
N GLU B 69 3.11 18.09 -17.08
CA GLU B 69 2.60 17.40 -15.88
C GLU B 69 2.69 18.37 -14.71
N PRO B 70 1.98 18.13 -13.58
CA PRO B 70 2.10 19.00 -12.41
C PRO B 70 3.50 18.87 -11.80
N LEU B 71 4.21 20.00 -11.65
CA LEU B 71 5.64 20.05 -11.23
C LEU B 71 5.74 20.61 -9.79
N GLY B 72 6.63 20.04 -8.98
CA GLY B 72 6.87 20.46 -7.59
C GLY B 72 7.52 19.34 -6.78
N ARG B 73 8.33 19.72 -5.78
CA ARG B 73 9.04 18.77 -4.88
C ARG B 73 8.06 18.19 -3.85
N ASN B 74 6.97 18.91 -3.56
CA ASN B 74 5.98 18.60 -2.49
C ASN B 74 4.59 18.42 -3.13
N SER B 75 3.53 18.40 -2.31
CA SER B 75 2.12 18.25 -2.77
C SER B 75 1.69 19.45 -3.62
N TYR B 76 2.12 20.66 -3.27
CA TYR B 76 1.85 21.89 -4.06
C TYR B 76 2.56 21.79 -5.42
N LYS B 77 1.79 21.71 -6.50
CA LYS B 77 2.28 21.44 -7.87
C LYS B 77 1.60 22.38 -8.88
N GLU B 78 2.37 22.90 -9.84
CA GLU B 78 1.89 23.77 -10.94
C GLU B 78 2.33 23.16 -12.28
N ARG B 79 1.61 23.47 -13.36
CA ARG B 79 2.01 23.14 -14.75
C ARG B 79 2.50 24.43 -15.44
N TYR B 80 3.30 24.26 -16.49
CA TYR B 80 3.59 25.32 -17.50
C TYR B 80 2.68 25.06 -18.71
N LEU B 81 1.88 26.06 -19.09
CA LEU B 81 0.99 26.00 -20.28
C LEU B 81 1.46 27.05 -21.30
N PHE B 82 1.98 26.58 -22.44
CA PHE B 82 2.23 27.41 -23.65
C PHE B 82 0.99 27.36 -24.54
N LEU B 83 0.36 28.51 -24.79
CA LEU B 83 -0.67 28.70 -25.84
C LEU B 83 -0.04 29.52 -26.97
N PHE B 84 -0.16 29.06 -28.21
CA PHE B 84 0.39 29.73 -29.41
C PHE B 84 -0.61 29.62 -30.57
N ARG B 85 -0.55 30.60 -31.48
CA ARG B 85 -1.32 30.60 -32.76
C ARG B 85 -0.52 29.85 -33.81
N PRO B 86 -1.01 28.68 -34.31
CA PRO B 86 -0.23 27.83 -35.21
C PRO B 86 -0.07 28.41 -36.63
N ASN B 87 -0.85 29.45 -36.94
CA ASN B 87 -0.78 30.20 -38.23
C ASN B 87 0.35 31.25 -38.17
N LYS B 88 0.88 31.54 -36.97
CA LYS B 88 1.95 32.55 -36.76
C LYS B 88 3.28 31.86 -36.47
N VAL B 89 3.28 30.80 -35.67
CA VAL B 89 4.49 29.99 -35.32
C VAL B 89 4.13 28.50 -35.34
N SER B 90 5.16 27.65 -35.43
CA SER B 90 5.09 26.17 -35.30
C SER B 90 5.99 25.72 -34.15
N VAL B 91 5.62 24.63 -33.47
CA VAL B 91 6.45 23.93 -32.45
C VAL B 91 7.17 22.79 -33.16
N LEU B 92 8.51 22.84 -33.20
CA LEU B 92 9.39 21.84 -33.87
C LEU B 92 9.76 20.73 -32.88
N ASP B 93 9.83 21.03 -31.58
CA ASP B 93 10.29 20.10 -30.52
C ASP B 93 10.05 20.72 -29.15
N THR B 94 9.81 19.90 -28.13
CA THR B 94 9.68 20.31 -26.70
C THR B 94 10.39 19.29 -25.81
N TYR B 95 10.81 19.70 -24.62
CA TYR B 95 11.38 18.82 -23.56
C TYR B 95 11.30 19.52 -22.20
N GLN B 96 11.17 18.73 -21.13
CA GLN B 96 11.29 19.17 -19.72
C GLN B 96 12.77 19.13 -19.33
N TYR B 97 13.31 20.21 -18.79
CA TYR B 97 14.73 20.29 -18.35
C TYR B 97 14.98 19.22 -17.28
N ASP B 98 16.04 18.42 -17.45
CA ASP B 98 16.56 17.48 -16.44
C ASP B 98 17.38 18.29 -15.44
N ASP B 99 16.79 18.57 -14.27
CA ASP B 99 17.38 19.43 -13.21
C ASP B 99 18.13 18.55 -12.19
N GLY B 100 18.28 17.26 -12.48
CA GLY B 100 19.05 16.31 -11.66
C GLY B 100 18.14 15.43 -10.82
N CYS B 101 18.68 14.93 -9.70
CA CYS B 101 18.09 13.84 -8.88
C CYS B 101 17.25 14.44 -7.72
N GLU B 102 15.92 14.33 -7.81
CA GLU B 102 14.94 14.84 -6.81
C GLU B 102 15.11 14.08 -5.49
N SER B 103 15.25 12.75 -5.55
CA SER B 103 15.37 11.85 -4.37
C SER B 103 16.68 12.12 -3.61
N CYS B 104 17.73 12.57 -4.32
CA CYS B 104 19.07 12.92 -3.76
C CYS B 104 19.00 14.25 -3.00
N GLY B 105 18.03 15.11 -3.34
CA GLY B 105 17.91 16.48 -2.82
C GLY B 105 18.84 17.44 -3.55
N ASN B 106 19.14 17.17 -4.83
CA ASN B 106 20.13 17.89 -5.66
C ASN B 106 19.47 18.62 -6.83
N ASP B 107 18.19 18.35 -7.12
CA ASP B 107 17.43 18.97 -8.24
C ASP B 107 17.42 20.49 -8.08
N SER B 108 17.78 21.23 -9.13
CA SER B 108 18.08 22.69 -9.10
C SER B 108 16.81 23.54 -9.14
N PHE B 109 15.67 22.98 -9.58
CA PHE B 109 14.39 23.71 -9.76
C PHE B 109 13.25 22.96 -9.06
N SER B 110 12.36 23.69 -8.36
CA SER B 110 11.11 23.15 -7.80
C SER B 110 10.17 22.80 -8.95
N ARG B 111 10.06 23.70 -9.94
CA ARG B 111 9.30 23.51 -11.20
C ARG B 111 10.27 23.54 -12.39
N GLU B 112 10.76 22.37 -12.81
CA GLU B 112 11.75 22.21 -13.90
C GLU B 112 11.24 22.93 -15.16
N PRO B 113 12.04 23.85 -15.75
CA PRO B 113 11.63 24.55 -16.96
C PRO B 113 11.12 23.62 -18.08
N ALA B 114 9.96 23.95 -18.66
CA ALA B 114 9.48 23.46 -19.96
C ALA B 114 10.19 24.26 -21.05
N VAL B 115 10.70 23.59 -22.08
CA VAL B 115 11.50 24.21 -23.18
C VAL B 115 10.81 23.87 -24.51
N VAL B 116 10.55 24.89 -25.32
CA VAL B 116 9.84 24.78 -26.64
C VAL B 116 10.70 25.45 -27.71
N LYS B 117 11.07 24.72 -28.76
CA LYS B 117 11.68 25.26 -30.00
C LYS B 117 10.55 25.70 -30.94
N PHE B 118 10.56 26.98 -31.35
CA PHE B 118 9.53 27.59 -32.24
C PHE B 118 10.12 27.83 -33.62
N SER B 119 9.31 27.61 -34.66
CA SER B 119 9.53 28.07 -36.05
C SER B 119 8.71 29.34 -36.28
N SER B 120 9.36 30.46 -36.57
CA SER B 120 8.73 31.79 -36.80
C SER B 120 9.19 32.37 -38.14
N HIS B 121 8.40 32.16 -39.20
CA HIS B 121 8.70 32.58 -40.59
C HIS B 121 8.52 34.09 -40.76
N SER B 122 7.73 34.74 -39.88
CA SER B 122 7.29 36.15 -40.00
C SER B 122 8.34 37.12 -39.41
N THR B 123 9.34 36.62 -38.68
CA THR B 123 10.34 37.43 -37.93
C THR B 123 11.75 37.24 -38.52
N LYS B 124 12.70 38.09 -38.10
CA LYS B 124 14.13 38.02 -38.51
C LYS B 124 14.70 36.68 -38.07
N VAL B 125 14.54 36.34 -36.79
CA VAL B 125 14.88 35.00 -36.22
C VAL B 125 13.86 33.99 -36.73
N LYS B 126 14.33 32.88 -37.31
CA LYS B 126 13.47 31.84 -37.97
C LYS B 126 13.21 30.71 -36.97
N GLU B 127 14.22 30.33 -36.18
CA GLU B 127 14.12 29.32 -35.11
C GLU B 127 14.68 29.91 -33.81
N PHE B 128 13.94 29.75 -32.70
CA PHE B 128 14.35 30.16 -31.34
C PHE B 128 13.64 29.27 -30.31
N ALA B 129 14.22 29.17 -29.11
CA ALA B 129 13.67 28.40 -27.97
C ALA B 129 13.11 29.37 -26.93
N ILE B 130 12.01 28.98 -26.26
CA ILE B 130 11.50 29.66 -25.03
C ILE B 130 11.67 28.69 -23.86
N VAL B 131 12.38 29.14 -22.81
CA VAL B 131 12.54 28.44 -21.51
C VAL B 131 11.59 29.11 -20.51
N ALA B 132 10.71 28.33 -19.88
CA ALA B 132 9.71 28.79 -18.89
C ALA B 132 10.26 28.59 -17.49
N LEU B 133 10.11 29.58 -16.60
CA LEU B 133 10.41 29.44 -15.16
C LEU B 133 9.47 30.31 -14.32
N HIS B 134 8.70 29.66 -13.45
CA HIS B 134 8.13 30.24 -12.21
C HIS B 134 9.00 29.74 -11.04
N SER B 135 9.87 30.60 -10.53
CA SER B 135 10.86 30.26 -9.48
C SER B 135 10.17 30.19 -8.11
N ALA B 136 10.66 29.32 -7.22
CA ALA B 136 10.32 29.32 -5.78
C ALA B 136 10.85 30.61 -5.18
N PRO B 137 9.99 31.49 -4.61
CA PRO B 137 10.44 32.79 -4.10
C PRO B 137 11.71 32.72 -3.25
N SER B 138 11.77 31.79 -2.28
CA SER B 138 12.87 31.69 -1.29
C SER B 138 14.09 31.00 -1.88
N ASP B 139 14.04 30.60 -3.16
CA ASP B 139 15.17 29.96 -3.90
C ASP B 139 15.40 30.68 -5.23
N ALA B 140 14.93 31.92 -5.36
CA ALA B 140 14.94 32.71 -6.62
C ALA B 140 16.37 32.85 -7.14
N VAL B 141 17.32 33.22 -6.28
CA VAL B 141 18.74 33.50 -6.64
C VAL B 141 19.35 32.27 -7.31
N ALA B 142 19.25 31.10 -6.66
CA ALA B 142 19.81 29.82 -7.13
C ALA B 142 19.15 29.39 -8.44
N GLU B 143 17.81 29.52 -8.54
CA GLU B 143 17.01 29.01 -9.68
C GLU B 143 17.28 29.88 -10.93
N ILE B 144 17.27 31.21 -10.80
CA ILE B 144 17.58 32.15 -11.93
C ILE B 144 19.01 31.88 -12.39
N ASN B 145 19.93 31.66 -11.45
CA ASN B 145 21.36 31.31 -11.72
C ASN B 145 21.40 30.00 -12.52
N SER B 146 20.58 29.02 -12.14
CA SER B 146 20.52 27.66 -12.76
C SER B 146 20.04 27.74 -14.22
N LEU B 147 19.32 28.80 -14.59
CA LEU B 147 18.81 28.99 -15.99
C LEU B 147 20.01 29.13 -16.94
N TYR B 148 21.17 29.56 -16.44
CA TYR B 148 22.43 29.62 -17.21
C TYR B 148 22.76 28.21 -17.72
N ASP B 149 22.66 27.20 -16.86
CA ASP B 149 22.94 25.78 -17.22
C ASP B 149 21.87 25.27 -18.20
N VAL B 150 20.61 25.71 -18.03
CA VAL B 150 19.48 25.36 -18.95
C VAL B 150 19.81 25.89 -20.36
N TYR B 151 20.34 27.11 -20.44
CA TYR B 151 20.78 27.74 -21.72
C TYR B 151 21.83 26.84 -22.38
N LEU B 152 22.88 26.47 -21.65
CA LEU B 152 23.96 25.57 -22.12
C LEU B 152 23.35 24.24 -22.59
N ASP B 153 22.34 23.76 -21.86
CA ASP B 153 21.61 22.50 -22.19
C ASP B 153 20.89 22.67 -23.53
N VAL B 154 20.16 23.78 -23.73
CA VAL B 154 19.44 24.09 -25.00
C VAL B 154 20.46 24.14 -26.14
N GLN B 155 21.61 24.78 -25.90
CA GLN B 155 22.75 24.88 -26.85
C GLN B 155 23.24 23.48 -27.26
N GLN B 156 23.43 22.58 -26.29
CA GLN B 156 23.94 21.20 -26.52
C GLN B 156 22.95 20.41 -27.37
N LYS B 157 21.66 20.45 -27.03
CA LYS B 157 20.61 19.58 -27.62
C LYS B 157 20.25 20.05 -29.03
N TRP B 158 20.06 21.37 -29.24
CA TRP B 158 19.49 21.93 -30.50
C TRP B 158 20.51 22.77 -31.27
N HIS B 159 21.74 22.96 -30.75
CA HIS B 159 22.79 23.80 -31.36
C HIS B 159 22.19 25.18 -31.68
N LEU B 160 21.49 25.76 -30.69
CA LEU B 160 20.65 26.97 -30.83
C LEU B 160 21.10 28.01 -29.79
N ASN B 161 21.59 29.16 -30.25
CA ASN B 161 22.04 30.29 -29.40
C ASN B 161 20.89 31.25 -29.13
N ASP B 162 19.84 31.20 -29.97
CA ASP B 162 18.68 32.14 -29.95
C ASP B 162 17.63 31.61 -28.97
N VAL B 163 17.73 31.99 -27.69
CA VAL B 163 16.90 31.45 -26.57
C VAL B 163 16.27 32.61 -25.80
N MET B 164 14.95 32.56 -25.61
CA MET B 164 14.19 33.49 -24.73
C MET B 164 13.88 32.76 -23.42
N LEU B 165 14.31 33.32 -22.28
CA LEU B 165 14.01 32.81 -20.93
C LEU B 165 13.09 33.82 -20.24
N MET B 166 11.89 33.41 -19.83
CA MET B 166 10.85 34.32 -19.31
C MET B 166 9.94 33.63 -18.29
N GLY B 167 9.26 34.43 -17.47
CA GLY B 167 8.31 33.99 -16.43
C GLY B 167 8.49 34.75 -15.15
N ASP B 168 7.71 34.39 -14.12
CA ASP B 168 7.80 34.93 -12.74
C ASP B 168 9.09 34.38 -12.10
N PHE B 169 10.20 35.11 -12.27
CA PHE B 169 11.54 34.77 -11.70
C PHE B 169 11.60 35.15 -10.21
N ASN B 170 10.63 35.95 -9.73
CA ASN B 170 10.66 36.58 -8.38
C ASN B 170 11.96 37.39 -8.27
N ALA B 171 12.33 38.09 -9.35
CA ALA B 171 13.68 38.67 -9.58
C ALA B 171 13.74 40.12 -9.11
N ASP B 172 13.26 40.42 -7.89
CA ASP B 172 13.38 41.77 -7.27
C ASP B 172 13.00 41.71 -5.79
N CYS B 173 13.02 42.87 -5.13
CA CYS B 173 12.50 43.11 -3.76
C CYS B 173 13.22 42.17 -2.78
N SER B 174 12.51 41.41 -1.95
CA SER B 174 13.10 40.62 -0.83
C SER B 174 13.78 39.34 -1.34
N TYR B 175 13.32 38.81 -2.48
CA TYR B 175 13.68 37.45 -2.97
C TYR B 175 15.02 37.51 -3.74
N VAL B 176 15.28 38.62 -4.42
CA VAL B 176 16.58 38.92 -5.09
C VAL B 176 16.95 40.38 -4.80
N THR B 177 17.90 40.60 -3.89
CA THR B 177 18.39 41.95 -3.50
C THR B 177 19.56 42.33 -4.42
N SER B 178 19.92 43.62 -4.41
CA SER B 178 20.95 44.23 -5.28
C SER B 178 22.26 43.44 -5.26
N SER B 179 22.69 42.97 -4.08
CA SER B 179 24.02 42.34 -3.85
C SER B 179 24.04 40.90 -4.37
N GLN B 180 22.88 40.26 -4.51
CA GLN B 180 22.77 38.82 -4.90
C GLN B 180 22.85 38.68 -6.43
N TRP B 181 22.64 39.76 -7.18
CA TRP B 181 22.62 39.77 -8.67
C TRP B 181 23.99 39.34 -9.22
N SER B 182 25.07 39.59 -8.49
CA SER B 182 26.47 39.25 -8.90
C SER B 182 26.73 37.75 -8.72
N SER B 183 25.82 37.01 -8.08
CA SER B 183 25.88 35.53 -7.91
C SER B 183 25.12 34.84 -9.05
N ILE B 184 24.36 35.60 -9.83
CA ILE B 184 23.46 35.07 -10.92
C ILE B 184 24.17 35.24 -12.26
N ARG B 185 24.60 34.13 -12.87
CA ARG B 185 25.39 34.12 -14.14
C ARG B 185 24.53 34.66 -15.28
N LEU B 186 23.21 34.41 -15.25
CA LEU B 186 22.25 34.86 -16.30
C LEU B 186 22.26 36.39 -16.40
N ARG B 187 22.64 37.09 -15.32
CA ARG B 187 22.74 38.58 -15.27
C ARG B 187 24.18 39.05 -15.51
N THR B 188 25.18 38.36 -14.93
CA THR B 188 26.61 38.77 -14.97
C THR B 188 27.24 38.47 -16.34
N SER B 189 26.67 37.54 -17.11
CA SER B 189 27.12 37.20 -18.49
C SER B 189 26.49 38.16 -19.50
N SER B 190 27.31 38.75 -20.37
CA SER B 190 26.90 39.73 -21.41
C SER B 190 26.16 39.04 -22.56
N THR B 191 26.11 37.70 -22.56
CA THR B 191 25.34 36.86 -23.52
C THR B 191 23.84 37.21 -23.46
N PHE B 192 23.34 37.67 -22.31
CA PHE B 192 21.89 37.83 -22.01
C PHE B 192 21.52 39.31 -21.89
N GLN B 193 20.55 39.76 -22.69
CA GLN B 193 19.89 41.08 -22.56
C GLN B 193 18.63 40.91 -21.72
N TRP B 194 18.46 41.76 -20.69
CA TRP B 194 17.28 41.78 -19.78
C TRP B 194 16.33 42.86 -20.28
N LEU B 195 15.30 42.46 -21.04
CA LEU B 195 14.36 43.36 -21.76
C LEU B 195 13.43 44.04 -20.74
N ILE B 196 12.98 43.29 -19.72
CA ILE B 196 12.22 43.82 -18.56
C ILE B 196 13.23 44.27 -17.51
N PRO B 197 13.36 45.59 -17.25
CA PRO B 197 14.35 46.10 -16.31
C PRO B 197 13.93 46.00 -14.84
N ASP B 198 14.88 46.26 -13.92
CA ASP B 198 14.68 46.26 -12.45
C ASP B 198 13.63 47.30 -12.06
N SER B 199 13.50 48.38 -12.84
CA SER B 199 12.62 49.55 -12.57
C SER B 199 11.15 49.22 -12.89
N ALA B 200 10.91 48.19 -13.70
CA ALA B 200 9.55 47.76 -14.13
C ALA B 200 8.75 47.26 -12.92
N ASP B 201 7.43 47.45 -12.96
CA ASP B 201 6.46 46.95 -11.96
C ASP B 201 5.56 45.90 -12.64
N THR B 202 5.70 44.63 -12.24
CA THR B 202 4.98 43.46 -12.82
C THR B 202 3.98 42.90 -11.79
N THR B 203 3.68 43.65 -10.73
CA THR B 203 2.71 43.25 -9.67
C THR B 203 1.42 44.06 -9.84
N ALA B 204 0.27 43.39 -9.78
CA ALA B 204 -1.09 43.99 -9.80
C ALA B 204 -1.40 44.61 -8.44
N THR B 205 -0.73 44.13 -7.38
CA THR B 205 -0.82 44.69 -6.00
C THR B 205 -0.13 46.06 -5.97
N SER B 206 -0.09 46.70 -4.80
CA SER B 206 0.46 48.06 -4.58
C SER B 206 1.99 48.01 -4.40
N THR B 207 2.60 46.80 -4.42
CA THR B 207 4.07 46.61 -4.38
C THR B 207 4.69 47.10 -5.70
N ASN B 208 5.99 47.38 -5.68
CA ASN B 208 6.79 47.79 -6.88
C ASN B 208 7.98 46.82 -7.02
N CYS B 209 7.74 45.68 -7.68
CA CYS B 209 8.72 44.58 -7.87
C CYS B 209 8.74 44.14 -9.33
N ALA B 210 9.92 44.11 -9.96
CA ALA B 210 10.17 43.49 -11.28
C ALA B 210 10.34 41.97 -11.09
N TYR B 211 9.28 41.30 -10.64
CA TYR B 211 9.26 39.84 -10.35
C TYR B 211 9.33 39.07 -11.68
N ASP B 212 8.54 39.48 -12.66
CA ASP B 212 8.37 38.80 -13.98
C ASP B 212 9.37 39.42 -14.97
N ARG B 213 10.07 38.58 -15.73
CA ARG B 213 11.21 38.99 -16.59
C ARG B 213 11.12 38.29 -17.95
N ILE B 214 11.70 38.91 -18.97
CA ILE B 214 11.99 38.30 -20.31
C ILE B 214 13.48 38.53 -20.59
N VAL B 215 14.21 37.46 -20.86
CA VAL B 215 15.69 37.47 -21.08
C VAL B 215 15.97 36.78 -22.42
N VAL B 216 16.79 37.39 -23.27
CA VAL B 216 17.07 36.92 -24.67
C VAL B 216 18.58 36.80 -24.87
N ALA B 217 19.01 35.66 -25.43
CA ALA B 217 20.40 35.38 -25.86
C ALA B 217 20.38 35.09 -27.37
N GLY B 218 21.49 35.36 -28.06
CA GLY B 218 21.66 35.13 -29.52
C GLY B 218 21.51 36.42 -30.31
N SER B 219 22.33 36.58 -31.36
CA SER B 219 22.38 37.78 -32.24
C SER B 219 21.03 37.99 -32.94
N LEU B 220 20.48 36.94 -33.55
CA LEU B 220 19.26 37.02 -34.38
C LEU B 220 18.05 37.41 -33.52
N LEU B 221 17.81 36.69 -32.43
CA LEU B 221 16.66 36.93 -31.51
C LEU B 221 16.75 38.36 -30.94
N GLN B 222 17.93 38.76 -30.49
CA GLN B 222 18.21 40.11 -29.92
C GLN B 222 17.85 41.19 -30.96
N SER B 223 18.25 40.98 -32.22
CA SER B 223 18.05 41.92 -33.35
C SER B 223 16.60 41.90 -33.85
N SER B 224 15.80 40.91 -33.43
CA SER B 224 14.37 40.76 -33.78
C SER B 224 13.49 41.58 -32.82
N VAL B 225 14.00 41.91 -31.63
CA VAL B 225 13.27 42.63 -30.56
C VAL B 225 13.01 44.07 -31.02
N VAL B 226 11.75 44.52 -30.94
CA VAL B 226 11.33 45.91 -31.23
C VAL B 226 11.72 46.77 -30.02
N PRO B 227 12.67 47.72 -30.16
CA PRO B 227 13.10 48.55 -29.03
C PRO B 227 11.91 49.14 -28.26
N GLY B 228 11.88 48.94 -26.94
CA GLY B 228 10.91 49.56 -26.01
C GLY B 228 9.60 48.78 -25.93
N SER B 229 9.46 47.68 -26.66
CA SER B 229 8.22 46.84 -26.72
C SER B 229 8.11 45.97 -25.47
N ALA B 230 9.24 45.57 -24.88
CA ALA B 230 9.30 44.80 -23.61
C ALA B 230 8.81 45.66 -22.46
N ALA B 231 7.66 45.30 -21.88
CA ALA B 231 7.01 46.02 -20.76
C ALA B 231 5.98 45.13 -20.08
N PRO B 232 5.64 45.38 -18.79
CA PRO B 232 4.48 44.77 -18.17
C PRO B 232 3.21 45.32 -18.84
N PHE B 233 2.17 44.48 -18.98
CA PHE B 233 0.82 44.88 -19.46
C PHE B 233 -0.11 45.07 -18.26
N ASP B 234 -0.33 46.32 -17.86
CA ASP B 234 -1.24 46.70 -16.74
C ASP B 234 -2.69 46.53 -17.21
N PHE B 235 -3.29 45.35 -16.97
CA PHE B 235 -4.66 45.01 -17.42
C PHE B 235 -5.70 45.79 -16.61
N GLN B 236 -5.36 46.26 -15.39
CA GLN B 236 -6.25 47.14 -14.59
C GLN B 236 -6.47 48.45 -15.33
N ALA B 237 -5.39 49.10 -15.76
CA ALA B 237 -5.40 50.40 -16.47
C ALA B 237 -6.13 50.26 -17.82
N ALA B 238 -5.76 49.25 -18.61
CA ALA B 238 -6.18 49.05 -20.02
C ALA B 238 -7.66 48.67 -20.09
N TYR B 239 -8.20 47.99 -19.09
CA TYR B 239 -9.60 47.49 -19.05
C TYR B 239 -10.46 48.31 -18.07
N GLY B 240 -9.92 49.41 -17.54
CA GLY B 240 -10.61 50.34 -16.63
C GLY B 240 -11.28 49.61 -15.46
N LEU B 241 -10.55 48.68 -14.84
CA LEU B 241 -11.04 47.81 -13.75
C LEU B 241 -10.74 48.45 -12.39
N SER B 242 -11.49 48.05 -11.36
CA SER B 242 -11.16 48.30 -9.93
C SER B 242 -9.91 47.50 -9.57
N ASN B 243 -9.21 47.91 -8.51
CA ASN B 243 -8.01 47.20 -7.98
C ASN B 243 -8.45 45.81 -7.48
N GLU B 244 -9.67 45.68 -6.96
CA GLU B 244 -10.21 44.43 -6.36
C GLU B 244 -10.42 43.39 -7.46
N MET B 245 -11.06 43.77 -8.58
CA MET B 245 -11.34 42.88 -9.73
C MET B 245 -10.02 42.51 -10.42
N ALA B 246 -9.09 43.47 -10.51
CA ALA B 246 -7.73 43.26 -11.08
C ALA B 246 -7.02 42.12 -10.34
N LEU B 247 -7.03 42.16 -8.99
CA LEU B 247 -6.39 41.13 -8.13
C LEU B 247 -7.11 39.78 -8.30
N ALA B 248 -8.44 39.81 -8.50
CA ALA B 248 -9.29 38.61 -8.70
C ALA B 248 -8.84 37.87 -9.97
N ILE B 249 -8.33 38.60 -10.97
CA ILE B 249 -7.69 38.02 -12.20
C ILE B 249 -6.34 37.43 -11.80
N SER B 250 -5.41 38.27 -11.34
CA SER B 250 -4.04 37.87 -10.90
C SER B 250 -3.37 39.02 -10.13
N ASP B 251 -2.38 38.68 -9.29
CA ASP B 251 -1.57 39.65 -8.51
C ASP B 251 -0.29 40.00 -9.29
N HIS B 252 -0.08 39.39 -10.45
CA HIS B 252 1.00 39.71 -11.42
C HIS B 252 0.39 40.23 -12.72
N TYR B 253 1.05 41.21 -13.35
CA TYR B 253 0.80 41.60 -14.76
C TYR B 253 1.52 40.62 -15.67
N PRO B 254 1.05 40.41 -16.92
CA PRO B 254 1.87 39.76 -17.94
C PRO B 254 3.09 40.65 -18.25
N VAL B 255 4.20 40.03 -18.64
CA VAL B 255 5.36 40.72 -19.29
C VAL B 255 5.36 40.28 -20.76
N GLU B 256 5.34 41.25 -21.68
CA GLU B 256 5.25 41.00 -23.14
C GLU B 256 6.45 41.63 -23.84
N VAL B 257 6.71 41.20 -25.07
CA VAL B 257 7.74 41.75 -25.98
C VAL B 257 7.25 41.48 -27.41
N THR B 258 7.59 42.36 -28.35
CA THR B 258 7.23 42.24 -29.78
C THR B 258 8.49 41.91 -30.58
N LEU B 259 8.43 40.91 -31.44
CA LEU B 259 9.52 40.54 -32.40
C LEU B 259 9.07 40.95 -33.81
N THR B 260 10.03 41.18 -34.71
CA THR B 260 9.81 41.62 -36.10
C THR B 260 10.88 41.02 -37.02
N TRP C 1 9.97 -14.64 0.72
CA TRP C 1 9.01 -15.04 -0.34
C TRP C 1 8.12 -16.18 0.16
N GLU C 2 7.53 -16.01 1.35
CA GLU C 2 6.88 -17.10 2.14
C GLU C 2 5.36 -16.97 2.06
N GLN C 3 4.82 -15.74 2.14
CA GLN C 3 3.39 -15.43 1.92
C GLN C 3 3.02 -15.82 0.48
N LEU C 4 3.95 -15.65 -0.47
CA LEU C 4 3.77 -15.96 -1.91
C LEU C 4 3.74 -17.48 -2.12
N ALA C 5 4.69 -18.21 -1.51
CA ALA C 5 4.79 -19.69 -1.55
C ALA C 5 3.44 -20.30 -1.13
N ARG C 6 2.83 -19.76 -0.07
CA ARG C 6 1.51 -20.19 0.48
C ARG C 6 0.39 -19.86 -0.51
N ASP C 7 0.45 -18.68 -1.14
CA ASP C 7 -0.59 -18.16 -2.08
C ASP C 7 -0.56 -18.96 -3.39
N ARG C 8 0.63 -19.29 -3.91
CA ARG C 8 0.81 -20.06 -5.17
C ARG C 8 0.16 -21.44 -5.02
N SER C 9 0.46 -22.16 -3.94
CA SER C 9 -0.01 -23.54 -3.66
C SER C 9 -1.51 -23.53 -3.34
N ARG C 10 -2.00 -22.48 -2.69
CA ARG C 10 -3.45 -22.26 -2.39
C ARG C 10 -4.23 -22.24 -3.72
N PHE C 11 -3.72 -21.50 -4.72
CA PHE C 11 -4.36 -21.34 -6.05
C PHE C 11 -4.21 -22.63 -6.86
N ALA C 12 -3.03 -23.26 -6.81
CA ALA C 12 -2.75 -24.58 -7.43
C ALA C 12 -3.78 -25.60 -6.94
N ARG C 13 -4.09 -25.58 -5.63
CA ARG C 13 -5.08 -26.48 -4.98
C ARG C 13 -6.49 -26.17 -5.50
N ARG C 14 -6.83 -24.90 -5.71
CA ARG C 14 -8.15 -24.47 -6.28
C ARG C 14 -8.30 -25.04 -7.70
N ILE C 15 -7.23 -24.99 -8.50
CA ILE C 15 -7.22 -25.48 -9.91
C ILE C 15 -7.41 -26.99 -9.93
N THR C 16 -6.71 -27.74 -9.08
CA THR C 16 -6.85 -29.22 -8.96
C THR C 16 -8.24 -29.55 -8.39
N GLN C 17 -8.79 -28.69 -7.52
CA GLN C 17 -10.17 -28.84 -6.97
C GLN C 17 -11.20 -28.58 -8.07
N ALA C 18 -10.87 -27.77 -9.07
CA ALA C 18 -11.72 -27.44 -10.24
C ALA C 18 -11.63 -28.54 -11.30
N GLN C 19 -10.47 -29.19 -11.45
CA GLN C 19 -10.28 -30.38 -12.33
C GLN C 19 -11.28 -31.46 -11.91
N GLU C 20 -11.51 -31.62 -10.61
CA GLU C 20 -12.43 -32.65 -10.02
C GLU C 20 -13.88 -32.21 -10.22
N GLU C 21 -14.22 -30.98 -9.80
CA GLU C 21 -15.61 -30.47 -9.70
C GLU C 21 -16.15 -30.08 -11.08
N LEU C 22 -15.36 -29.33 -11.86
CA LEU C 22 -15.85 -28.58 -13.07
C LEU C 22 -15.68 -29.41 -14.35
N SER C 23 -14.57 -30.13 -14.51
CA SER C 23 -14.20 -30.87 -15.76
C SER C 23 -15.30 -31.87 -16.16
N PRO C 24 -15.98 -32.56 -15.23
CA PRO C 24 -17.11 -33.42 -15.58
C PRO C 24 -18.28 -32.69 -16.27
N CYS C 25 -18.39 -31.37 -16.10
CA CYS C 25 -19.40 -30.50 -16.78
C CYS C 25 -18.90 -30.09 -18.17
N LEU C 26 -17.60 -30.25 -18.45
CA LEU C 26 -16.93 -29.76 -19.69
C LEU C 26 -16.54 -30.93 -20.60
N THR C 27 -16.95 -32.16 -20.28
CA THR C 27 -16.72 -33.36 -21.13
C THR C 27 -17.60 -33.25 -22.38
N PRO C 28 -17.10 -33.63 -23.59
CA PRO C 28 -17.88 -33.53 -24.82
C PRO C 28 -19.32 -34.05 -24.71
N ALA C 29 -19.52 -35.11 -23.92
CA ALA C 29 -20.85 -35.72 -23.64
C ALA C 29 -21.73 -34.73 -22.86
N ALA C 30 -21.17 -34.11 -21.82
CA ALA C 30 -21.88 -33.17 -20.90
C ALA C 30 -22.22 -31.88 -21.64
N ARG C 31 -21.33 -31.40 -22.52
CA ARG C 31 -21.51 -30.17 -23.31
C ARG C 31 -22.62 -30.39 -24.35
N ALA C 32 -22.71 -31.61 -24.90
CA ALA C 32 -23.77 -32.06 -25.83
C ALA C 32 -25.11 -32.14 -25.07
N ARG C 33 -25.10 -32.59 -23.82
CA ARG C 33 -26.29 -32.61 -22.93
C ARG C 33 -26.72 -31.16 -22.67
N ALA C 34 -25.79 -30.29 -22.27
CA ALA C 34 -26.00 -28.85 -21.97
C ALA C 34 -26.48 -28.12 -23.24
N TRP C 35 -25.92 -28.47 -24.40
CA TRP C 35 -26.24 -27.86 -25.72
C TRP C 35 -27.69 -28.20 -26.12
N ALA C 36 -28.16 -29.40 -25.80
CA ALA C 36 -29.53 -29.89 -26.08
C ALA C 36 -30.54 -29.18 -25.17
N ARG C 37 -30.17 -28.96 -23.91
CA ARG C 37 -31.02 -28.30 -22.87
C ARG C 37 -31.59 -26.98 -23.40
N LEU C 38 -30.79 -26.18 -24.10
CA LEU C 38 -31.23 -24.91 -24.75
C LEU C 38 -31.67 -25.21 -26.19
N THR D 5 26.93 -13.60 -7.63
CA THR D 5 28.25 -12.96 -7.29
C THR D 5 28.07 -11.45 -7.05
N THR D 6 26.83 -10.95 -6.95
CA THR D 6 26.51 -9.52 -6.70
C THR D 6 26.75 -9.22 -5.22
N ALA D 7 27.39 -8.09 -4.91
CA ALA D 7 27.75 -7.66 -3.52
C ALA D 7 26.47 -7.31 -2.75
N LEU D 8 26.41 -7.72 -1.47
CA LEU D 8 25.30 -7.39 -0.53
C LEU D 8 25.65 -6.10 0.21
N VAL D 9 24.63 -5.30 0.52
CA VAL D 9 24.71 -4.10 1.41
C VAL D 9 23.73 -4.32 2.57
N CYS D 10 24.23 -4.27 3.81
CA CYS D 10 23.44 -4.42 5.06
C CYS D 10 23.70 -3.24 5.99
N ASP D 11 22.70 -2.37 6.19
CA ASP D 11 22.75 -1.19 7.08
C ASP D 11 22.09 -1.54 8.42
N ASN D 12 22.90 -1.69 9.48
CA ASN D 12 22.49 -2.18 10.81
C ASN D 12 22.17 -0.98 11.71
N GLY D 13 20.87 -0.67 11.86
CA GLY D 13 20.36 0.42 12.71
C GLY D 13 19.81 -0.08 14.03
N SER D 14 19.73 0.80 15.03
CA SER D 14 19.14 0.54 16.37
C SER D 14 17.71 0.03 16.22
N GLY D 15 16.93 0.66 15.34
CA GLY D 15 15.48 0.40 15.15
C GLY D 15 15.20 -0.50 13.96
N LEU D 16 15.84 -0.24 12.81
CA LEU D 16 15.56 -0.95 11.53
C LEU D 16 16.87 -1.45 10.90
N VAL D 17 16.83 -2.66 10.33
CA VAL D 17 17.84 -3.19 9.38
C VAL D 17 17.38 -2.82 7.96
N LYS D 18 18.26 -2.19 7.19
CA LYS D 18 18.08 -1.95 5.73
C LYS D 18 19.11 -2.83 5.01
N ALA D 19 18.64 -3.81 4.24
CA ALA D 19 19.49 -4.82 3.56
C ALA D 19 19.02 -5.01 2.11
N GLY D 20 19.96 -5.35 1.22
CA GLY D 20 19.71 -5.55 -0.22
C GLY D 20 20.99 -5.82 -0.98
N PHE D 21 20.94 -5.64 -2.32
CA PHE D 21 22.05 -5.92 -3.26
C PHE D 21 22.62 -4.59 -3.77
N ALA D 22 23.96 -4.47 -3.79
CA ALA D 22 24.69 -3.38 -4.45
C ALA D 22 24.19 -3.27 -5.90
N GLY D 23 23.88 -2.06 -6.37
CA GLY D 23 23.40 -1.80 -7.74
C GLY D 23 21.90 -1.51 -7.79
N ASP D 24 21.14 -1.95 -6.78
CA ASP D 24 19.69 -1.62 -6.61
C ASP D 24 19.57 -0.20 -6.05
N ASP D 25 18.45 0.48 -6.33
CA ASP D 25 18.20 1.89 -5.92
C ASP D 25 17.51 1.96 -4.54
N ALA D 26 17.16 0.79 -3.98
CA ALA D 26 16.48 0.68 -2.66
C ALA D 26 16.74 -0.70 -2.07
N PRO D 27 16.76 -0.82 -0.72
CA PRO D 27 16.89 -2.13 -0.07
C PRO D 27 15.63 -2.98 -0.29
N ARG D 28 15.81 -4.29 -0.54
CA ARG D 28 14.72 -5.28 -0.69
C ARG D 28 14.08 -5.51 0.67
N ALA D 29 14.89 -5.48 1.74
CA ALA D 29 14.53 -5.85 3.12
C ALA D 29 14.65 -4.63 4.05
N VAL D 30 13.56 -4.32 4.78
CA VAL D 30 13.52 -3.34 5.90
C VAL D 30 12.69 -3.97 7.02
N PHE D 31 13.34 -4.46 8.08
CA PHE D 31 12.69 -5.15 9.23
C PHE D 31 13.23 -4.62 10.55
N PRO D 32 12.46 -4.70 11.64
CA PRO D 32 12.92 -4.24 12.96
C PRO D 32 14.15 -5.00 13.49
N SER D 33 15.12 -4.27 14.04
CA SER D 33 16.34 -4.80 14.71
C SER D 33 15.94 -5.41 16.07
N ILE D 34 15.12 -6.44 16.04
CA ILE D 34 14.53 -7.12 17.23
C ILE D 34 14.75 -8.63 17.08
N VAL D 35 15.21 -9.29 18.15
CA VAL D 35 15.34 -10.77 18.23
C VAL D 35 14.53 -11.25 19.44
N GLY D 36 13.56 -12.14 19.21
CA GLY D 36 12.74 -12.78 20.26
C GLY D 36 13.15 -14.22 20.48
N ARG D 37 13.45 -14.59 21.72
CA ARG D 37 13.78 -15.98 22.14
C ARG D 37 12.63 -16.53 22.97
N PRO D 38 12.10 -17.74 22.65
CA PRO D 38 11.00 -18.33 23.42
C PRO D 38 11.37 -18.49 24.90
N ARG D 39 10.49 -18.05 25.79
CA ARG D 39 10.62 -18.22 27.27
C ARG D 39 10.31 -19.67 27.65
N HIS D 40 9.68 -20.42 26.74
CA HIS D 40 9.22 -21.82 26.98
C HIS D 40 9.40 -22.66 25.71
N GLN D 41 9.38 -23.99 25.85
CA GLN D 41 9.57 -24.98 24.76
C GLN D 41 8.21 -25.31 24.14
N GLY D 42 8.11 -25.18 22.82
CA GLY D 42 6.91 -25.54 22.05
C GLY D 42 7.08 -25.26 20.57
N VAL D 43 6.01 -25.42 19.79
CA VAL D 43 5.98 -25.15 18.32
C VAL D 43 4.71 -24.38 17.99
N MET D 44 4.75 -23.58 16.92
CA MET D 44 3.54 -23.16 16.17
C MET D 44 3.05 -24.36 15.37
N VAL D 45 1.74 -24.51 15.18
CA VAL D 45 1.13 -25.67 14.48
C VAL D 45 1.74 -25.74 13.06
N GLY D 46 2.28 -26.92 12.70
CA GLY D 46 2.83 -27.19 11.36
C GLY D 46 4.27 -26.74 11.20
N MET D 47 4.90 -26.23 12.26
CA MET D 47 6.29 -25.71 12.25
C MET D 47 7.17 -26.57 13.16
N GLY D 48 8.45 -26.70 12.83
CA GLY D 48 9.50 -27.25 13.72
C GLY D 48 9.91 -26.21 14.75
N GLN D 49 10.53 -26.64 15.85
CA GLN D 49 10.93 -25.77 16.99
C GLN D 49 11.94 -24.73 16.50
N LYS D 50 11.66 -23.45 16.77
CA LYS D 50 12.57 -22.31 16.48
C LYS D 50 13.24 -21.87 17.79
N ASP D 51 14.53 -21.52 17.73
CA ASP D 51 15.31 -21.01 18.88
C ASP D 51 15.24 -19.48 18.92
N SER D 52 14.74 -18.84 17.85
CA SER D 52 14.63 -17.37 17.73
C SER D 52 13.63 -16.97 16.64
N TYR D 53 13.06 -15.77 16.78
CA TYR D 53 12.33 -15.01 15.72
C TYR D 53 13.01 -13.64 15.57
N VAL D 54 13.00 -13.08 14.35
CA VAL D 54 13.62 -11.76 14.03
C VAL D 54 12.61 -10.88 13.30
N GLY D 55 12.58 -9.58 13.63
CA GLY D 55 11.76 -8.56 12.93
C GLY D 55 10.30 -8.65 13.31
N ASP D 56 9.41 -8.39 12.34
CA ASP D 56 7.95 -8.23 12.53
C ASP D 56 7.38 -9.43 13.30
N GLU D 57 7.81 -10.65 13.00
CA GLU D 57 7.26 -11.90 13.59
C GLU D 57 7.61 -11.97 15.08
N ALA D 58 8.77 -11.46 15.47
CA ALA D 58 9.20 -11.36 16.90
C ALA D 58 8.24 -10.41 17.64
N GLN D 59 7.86 -9.31 17.00
CA GLN D 59 6.92 -8.30 17.57
C GLN D 59 5.51 -8.91 17.66
N SER D 60 5.07 -9.61 16.61
CA SER D 60 3.70 -10.18 16.49
C SER D 60 3.51 -11.33 17.50
N LYS D 61 4.59 -12.00 17.91
CA LYS D 61 4.58 -13.16 18.83
C LYS D 61 5.26 -12.82 20.16
N ARG D 62 5.38 -11.52 20.49
CA ARG D 62 6.23 -11.02 21.61
C ARG D 62 5.78 -11.58 22.96
N GLY D 63 4.52 -12.05 23.06
CA GLY D 63 3.92 -12.55 24.31
C GLY D 63 4.63 -13.75 24.90
N ILE D 64 5.16 -14.64 24.06
CA ILE D 64 5.82 -15.93 24.50
C ILE D 64 7.33 -15.86 24.26
N LEU D 65 7.87 -14.66 24.04
CA LEU D 65 9.32 -14.45 23.75
C LEU D 65 9.92 -13.48 24.77
N THR D 66 11.25 -13.46 24.86
CA THR D 66 12.06 -12.37 25.45
C THR D 66 12.64 -11.55 24.30
N LEU D 67 12.27 -10.27 24.18
CA LEU D 67 12.70 -9.37 23.07
C LEU D 67 13.98 -8.63 23.47
N LYS D 68 15.06 -8.81 22.70
CA LYS D 68 16.36 -8.10 22.84
C LYS D 68 16.58 -7.21 21.62
N TYR D 69 17.11 -6.00 21.83
CA TYR D 69 17.51 -5.02 20.79
C TYR D 69 19.03 -5.01 20.71
N PRO D 70 19.65 -5.77 19.77
CA PRO D 70 21.10 -5.98 19.78
C PRO D 70 21.94 -4.73 19.51
N ILE D 71 21.32 -3.68 18.95
CA ILE D 71 22.00 -2.40 18.60
C ILE D 71 21.41 -1.28 19.48
N GLU D 72 22.23 -0.74 20.40
CA GLU D 72 21.89 0.37 21.31
C GLU D 72 22.68 1.62 20.90
N HIS D 73 21.97 2.73 20.65
CA HIS D 73 22.54 4.06 20.31
C HIS D 73 23.55 3.90 19.16
N GLY D 74 23.25 3.03 18.20
CA GLY D 74 24.06 2.80 16.98
C GLY D 74 25.10 1.70 17.13
N ILE D 75 25.42 1.30 18.36
CA ILE D 75 26.50 0.31 18.67
C ILE D 75 25.88 -1.07 18.90
N ILE D 76 26.43 -2.10 18.24
CA ILE D 76 26.06 -3.53 18.46
C ILE D 76 26.57 -3.92 19.86
N THR D 77 25.68 -4.43 20.72
CA THR D 77 25.98 -4.78 22.14
C THR D 77 25.65 -6.24 22.44
N ASN D 78 24.97 -6.96 21.54
CA ASN D 78 24.61 -8.39 21.68
C ASN D 78 25.01 -9.13 20.41
N TRP D 79 26.08 -9.92 20.47
CA TRP D 79 26.74 -10.55 19.29
C TRP D 79 26.03 -11.85 18.91
N ASP D 80 25.47 -12.57 19.88
CA ASP D 80 24.65 -13.79 19.64
C ASP D 80 23.40 -13.40 18.87
N ASP D 81 22.72 -12.33 19.29
CA ASP D 81 21.45 -11.85 18.69
C ASP D 81 21.72 -11.24 17.30
N MET D 82 22.84 -10.51 17.15
CA MET D 82 23.21 -9.85 15.87
C MET D 82 23.49 -10.92 14.81
N GLU D 83 24.07 -12.07 15.20
CA GLU D 83 24.30 -13.25 14.33
C GLU D 83 22.94 -13.74 13.78
N LYS D 84 21.88 -13.63 14.58
CA LYS D 84 20.51 -14.09 14.19
C LYS D 84 19.86 -13.04 13.28
N ILE D 85 20.14 -11.75 13.48
CA ILE D 85 19.71 -10.66 12.56
C ILE D 85 20.38 -10.88 11.19
N TRP D 86 21.68 -11.19 11.18
CA TRP D 86 22.46 -11.39 9.93
C TRP D 86 22.03 -12.70 9.25
N HIS D 87 21.87 -13.79 10.02
CA HIS D 87 21.35 -15.09 9.51
C HIS D 87 20.00 -14.85 8.85
N HIS D 88 19.10 -14.14 9.53
CA HIS D 88 17.74 -13.77 9.04
C HIS D 88 17.86 -12.93 7.75
N THR D 89 18.77 -11.96 7.74
CA THR D 89 19.03 -11.06 6.57
C THR D 89 19.39 -11.92 5.35
N PHE D 90 20.38 -12.81 5.48
CA PHE D 90 20.95 -13.62 4.37
C PHE D 90 19.94 -14.67 3.89
N TYR D 91 19.35 -15.44 4.80
CA TYR D 91 18.60 -16.68 4.48
C TYR D 91 17.11 -16.40 4.29
N ASN D 92 16.48 -15.68 5.23
CA ASN D 92 15.00 -15.49 5.26
C ASN D 92 14.59 -14.33 4.36
N GLU D 93 15.30 -13.20 4.41
CA GLU D 93 14.92 -11.94 3.71
C GLU D 93 15.45 -11.94 2.28
N LEU D 94 16.77 -12.03 2.09
CA LEU D 94 17.44 -11.88 0.77
C LEU D 94 17.46 -13.21 -0.01
N ARG D 95 17.29 -14.35 0.68
CA ARG D 95 17.33 -15.72 0.09
C ARG D 95 18.67 -15.96 -0.62
N VAL D 96 19.79 -15.68 0.04
CA VAL D 96 21.16 -15.89 -0.53
C VAL D 96 21.99 -16.75 0.42
N ALA D 97 23.01 -17.42 -0.14
CA ALA D 97 24.09 -18.13 0.58
C ALA D 97 25.25 -17.17 0.79
N PRO D 98 25.52 -16.71 2.03
CA PRO D 98 26.45 -15.59 2.27
C PRO D 98 27.88 -15.81 1.75
N GLU D 99 28.29 -17.06 1.51
CA GLU D 99 29.66 -17.43 1.06
C GLU D 99 29.83 -17.17 -0.45
N GLU D 100 28.78 -16.68 -1.13
CA GLU D 100 28.78 -16.40 -2.59
C GLU D 100 28.78 -14.89 -2.86
N HIS D 101 28.76 -14.05 -1.83
CA HIS D 101 28.54 -12.58 -1.97
C HIS D 101 29.49 -11.78 -1.07
N PRO D 102 30.32 -10.88 -1.65
CA PRO D 102 30.99 -9.84 -0.86
C PRO D 102 29.94 -8.99 -0.13
N THR D 103 30.14 -8.75 1.17
CA THR D 103 29.13 -8.12 2.07
C THR D 103 29.68 -6.81 2.63
N LEU D 104 29.09 -5.68 2.24
CA LEU D 104 29.33 -4.35 2.85
C LEU D 104 28.39 -4.18 4.04
N LEU D 105 28.95 -4.02 5.24
CA LEU D 105 28.20 -3.65 6.48
C LEU D 105 28.44 -2.16 6.74
N THR D 106 27.54 -1.53 7.50
CA THR D 106 27.70 -0.14 8.00
C THR D 106 28.01 -0.20 9.50
N GLU D 107 28.67 0.84 10.01
CA GLU D 107 29.00 1.02 11.45
C GLU D 107 28.68 2.47 11.83
N ALA D 108 28.40 2.73 13.11
CA ALA D 108 28.24 4.09 13.67
C ALA D 108 29.60 4.78 13.68
N PRO D 109 29.66 6.11 13.57
CA PRO D 109 30.93 6.84 13.75
C PRO D 109 31.47 6.62 15.17
N LEU D 110 32.80 6.51 15.29
CA LEU D 110 33.54 6.26 16.57
C LEU D 110 33.20 4.87 17.13
N ASN D 111 32.79 3.94 16.26
CA ASN D 111 32.51 2.52 16.63
C ASN D 111 33.80 1.92 17.20
N PRO D 112 33.79 1.38 18.44
CA PRO D 112 35.00 0.84 19.06
C PRO D 112 35.79 -0.15 18.16
N LYS D 113 37.11 -0.17 18.33
CA LYS D 113 38.05 -1.01 17.54
C LYS D 113 37.69 -2.49 17.71
N ALA D 114 37.38 -2.91 18.94
CA ALA D 114 36.98 -4.30 19.28
C ALA D 114 35.68 -4.66 18.56
N ASN D 115 34.78 -3.68 18.38
CA ASN D 115 33.42 -3.86 17.81
C ASN D 115 33.52 -4.23 16.33
N ARG D 116 34.27 -3.45 15.54
CA ARG D 116 34.45 -3.65 14.08
C ARG D 116 35.32 -4.90 13.83
N GLU D 117 36.21 -5.24 14.77
CA GLU D 117 37.03 -6.48 14.73
C GLU D 117 36.10 -7.69 14.79
N LYS D 118 35.19 -7.71 15.77
CA LYS D 118 34.20 -8.80 16.00
C LYS D 118 33.25 -8.88 14.80
N MET D 119 32.85 -7.73 14.26
CA MET D 119 32.00 -7.59 13.04
C MET D 119 32.67 -8.34 11.88
N THR D 120 33.97 -8.11 11.68
CA THR D 120 34.81 -8.76 10.63
C THR D 120 34.92 -10.26 10.92
N GLN D 121 35.24 -10.63 12.16
CA GLN D 121 35.45 -12.03 12.62
C GLN D 121 34.21 -12.87 12.28
N ILE D 122 33.02 -12.40 12.70
CA ILE D 122 31.73 -13.12 12.55
C ILE D 122 31.42 -13.33 11.05
N MET D 123 31.70 -12.35 10.21
CA MET D 123 31.41 -12.41 8.74
C MET D 123 32.25 -13.51 8.08
N PHE D 124 33.53 -13.64 8.46
CA PHE D 124 34.51 -14.54 7.80
C PHE D 124 34.44 -15.95 8.42
N GLU D 125 34.29 -16.06 9.75
CA GLU D 125 34.37 -17.35 10.49
C GLU D 125 32.97 -17.99 10.61
N THR D 126 31.92 -17.20 10.81
CA THR D 126 30.53 -17.69 11.05
C THR D 126 29.78 -17.81 9.71
N PHE D 127 29.89 -16.81 8.83
CA PHE D 127 29.11 -16.73 7.56
C PHE D 127 29.99 -17.06 6.34
N ASN D 128 31.32 -17.08 6.51
CA ASN D 128 32.31 -17.53 5.48
C ASN D 128 32.14 -16.72 4.19
N VAL D 129 31.95 -15.40 4.32
CA VAL D 129 31.85 -14.45 3.16
C VAL D 129 33.19 -14.48 2.43
N PRO D 130 33.21 -14.34 1.08
CA PRO D 130 34.46 -14.30 0.31
C PRO D 130 35.18 -12.95 0.45
N ALA D 131 34.45 -11.92 0.89
CA ALA D 131 34.98 -10.55 1.12
C ALA D 131 33.96 -9.72 1.93
N MET D 132 34.43 -8.72 2.68
CA MET D 132 33.55 -7.77 3.41
C MET D 132 34.24 -6.40 3.54
N TYR D 133 33.45 -5.37 3.87
CA TYR D 133 33.90 -3.98 4.13
C TYR D 133 33.01 -3.37 5.21
N VAL D 134 33.51 -2.38 5.94
CA VAL D 134 32.78 -1.63 7.00
C VAL D 134 32.91 -0.13 6.72
N ALA D 135 31.81 0.51 6.29
CA ALA D 135 31.74 1.96 5.98
C ALA D 135 31.00 2.67 7.11
N ILE D 136 31.36 3.93 7.38
CA ILE D 136 30.66 4.81 8.38
C ILE D 136 29.32 5.23 7.75
N GLN D 137 28.22 5.03 8.49
CA GLN D 137 26.84 5.33 8.06
C GLN D 137 26.76 6.75 7.46
N ALA D 138 27.16 7.76 8.24
CA ALA D 138 27.09 9.19 7.87
C ALA D 138 27.83 9.43 6.55
N VAL D 139 28.99 8.79 6.35
CA VAL D 139 29.85 9.01 5.15
C VAL D 139 29.08 8.53 3.90
N LEU D 140 28.45 7.35 3.96
CA LEU D 140 27.65 6.78 2.84
C LEU D 140 26.50 7.75 2.49
N SER D 141 25.83 8.32 3.49
CA SER D 141 24.73 9.31 3.32
C SER D 141 25.22 10.51 2.48
N LEU D 142 26.39 11.05 2.81
CA LEU D 142 27.02 12.18 2.05
C LEU D 142 27.20 11.76 0.59
N TYR D 143 27.77 10.59 0.34
CA TYR D 143 28.05 10.03 -1.01
C TYR D 143 26.74 9.99 -1.82
N ALA D 144 25.66 9.52 -1.20
CA ALA D 144 24.32 9.39 -1.82
C ALA D 144 23.83 10.77 -2.32
N SER D 145 24.21 11.85 -1.64
CA SER D 145 23.83 13.25 -1.97
C SER D 145 24.78 13.85 -3.03
N GLY D 146 25.72 13.06 -3.54
CA GLY D 146 26.67 13.46 -4.60
C GLY D 146 27.73 14.43 -4.10
N ARG D 147 28.27 14.19 -2.89
CA ARG D 147 29.30 15.05 -2.25
C ARG D 147 30.38 14.17 -1.61
N THR D 148 31.60 14.71 -1.50
CA THR D 148 32.73 14.13 -0.72
C THR D 148 33.14 15.07 0.42
N THR D 149 32.63 16.31 0.42
CA THR D 149 32.84 17.31 1.51
C THR D 149 31.47 17.80 1.99
N GLY D 150 31.26 17.83 3.30
CA GLY D 150 30.02 18.28 3.94
C GLY D 150 29.93 17.80 5.39
N ILE D 151 28.89 18.23 6.10
CA ILE D 151 28.58 17.79 7.49
C ILE D 151 27.21 17.12 7.50
N VAL D 152 27.16 15.85 7.91
CA VAL D 152 25.92 15.03 7.95
C VAL D 152 25.32 15.12 9.36
N LEU D 153 24.02 15.42 9.44
CA LEU D 153 23.18 15.20 10.64
C LEU D 153 22.42 13.88 10.44
N ASP D 154 22.90 12.80 11.08
CA ASP D 154 22.29 11.45 11.00
C ASP D 154 21.55 11.18 12.32
N SER D 155 20.22 11.10 12.26
CA SER D 155 19.32 10.84 13.42
C SER D 155 18.36 9.70 13.07
N GLY D 156 18.46 8.57 13.79
CA GLY D 156 17.64 7.36 13.56
C GLY D 156 16.67 7.13 14.71
N ASP D 157 16.61 5.90 15.22
CA ASP D 157 15.70 5.49 16.32
C ASP D 157 16.44 5.59 17.66
N GLY D 158 17.75 5.34 17.67
CA GLY D 158 18.56 5.18 18.91
C GLY D 158 19.55 6.30 19.14
N VAL D 159 20.15 6.85 18.08
CA VAL D 159 21.30 7.81 18.20
C VAL D 159 21.24 8.87 17.09
N THR D 160 21.77 10.06 17.40
CA THR D 160 21.99 11.19 16.47
C THR D 160 23.48 11.52 16.46
N HIS D 161 24.07 11.73 15.28
CA HIS D 161 25.49 12.12 15.09
C HIS D 161 25.58 13.37 14.20
N ASN D 162 26.52 14.26 14.52
CA ASN D 162 27.06 15.29 13.58
C ASN D 162 28.42 14.81 13.09
N VAL D 163 28.56 14.56 11.79
CA VAL D 163 29.78 13.97 11.16
C VAL D 163 30.27 14.93 10.07
N PRO D 164 31.28 15.77 10.37
CA PRO D 164 31.94 16.58 9.34
C PRO D 164 32.87 15.67 8.53
N ILE D 165 32.85 15.83 7.20
CA ILE D 165 33.59 14.98 6.23
C ILE D 165 34.35 15.90 5.26
N TYR D 166 35.63 15.62 5.03
CA TYR D 166 36.52 16.36 4.08
C TYR D 166 37.15 15.39 3.09
N GLU D 167 36.82 15.56 1.80
CA GLU D 167 37.39 14.79 0.66
C GLU D 167 37.26 13.29 0.91
N GLY D 168 36.08 12.86 1.36
CA GLY D 168 35.66 11.44 1.39
C GLY D 168 35.72 10.80 2.77
N TYR D 169 36.30 11.48 3.77
CA TYR D 169 36.65 10.87 5.08
C TYR D 169 36.19 11.78 6.23
N ALA D 170 35.53 11.18 7.22
CA ALA D 170 35.03 11.85 8.45
C ALA D 170 36.22 12.34 9.27
N LEU D 171 36.05 13.47 9.95
CA LEU D 171 37.04 14.11 10.84
C LEU D 171 36.70 13.73 12.28
N PRO D 172 37.27 12.64 12.82
CA PRO D 172 36.73 11.99 14.01
C PRO D 172 36.82 12.84 15.30
N HIS D 173 37.74 13.80 15.35
CA HIS D 173 37.95 14.70 16.51
C HIS D 173 36.81 15.72 16.62
N ALA D 174 36.04 15.93 15.55
CA ALA D 174 34.96 16.94 15.45
C ALA D 174 33.57 16.30 15.48
N ILE D 175 33.47 14.97 15.47
CA ILE D 175 32.17 14.23 15.49
C ILE D 175 31.48 14.46 16.84
N MET D 176 30.16 14.68 16.83
CA MET D 176 29.31 14.86 18.03
C MET D 176 28.28 13.72 18.08
N ARG D 177 28.22 13.01 19.22
CA ARG D 177 27.20 11.97 19.51
C ARG D 177 26.11 12.58 20.40
N LEU D 178 24.84 12.21 20.16
CA LEU D 178 23.68 12.68 20.96
C LEU D 178 22.69 11.51 21.12
N ASP D 179 22.61 10.95 22.32
CA ASP D 179 21.70 9.83 22.70
C ASP D 179 20.28 10.37 22.85
N LEU D 180 19.76 10.99 21.78
CA LEU D 180 18.37 11.51 21.67
C LEU D 180 17.96 11.36 20.20
N ALA D 181 17.03 10.45 19.92
CA ALA D 181 16.60 10.04 18.56
C ALA D 181 15.13 9.60 18.59
N GLY D 182 14.68 8.90 17.54
CA GLY D 182 13.26 8.60 17.25
C GLY D 182 12.50 8.02 18.43
N ARG D 183 13.07 7.05 19.16
CA ARG D 183 12.34 6.30 20.23
C ARG D 183 12.08 7.22 21.42
N ASP D 184 12.96 8.20 21.65
CA ASP D 184 12.77 9.25 22.70
C ASP D 184 11.60 10.15 22.31
N LEU D 185 11.51 10.53 21.02
CA LEU D 185 10.40 11.37 20.48
C LEU D 185 9.07 10.62 20.61
N THR D 186 9.06 9.35 20.22
CA THR D 186 7.87 8.43 20.31
C THR D 186 7.38 8.39 21.76
N ASP D 187 8.28 8.17 22.71
CA ASP D 187 7.97 8.06 24.17
C ASP D 187 7.50 9.41 24.70
N TYR D 188 8.11 10.52 24.27
CA TYR D 188 7.69 11.89 24.67
C TYR D 188 6.30 12.19 24.09
N LEU D 189 6.02 11.74 22.86
CA LEU D 189 4.69 11.94 22.22
C LEU D 189 3.63 11.14 22.97
N MET D 190 3.95 9.92 23.42
CA MET D 190 3.07 9.10 24.29
C MET D 190 2.70 9.91 25.54
N LYS D 191 3.69 10.52 26.20
CA LYS D 191 3.53 11.27 27.48
C LYS D 191 2.57 12.44 27.29
N ILE D 192 2.81 13.31 26.30
CA ILE D 192 2.07 14.60 26.14
C ILE D 192 0.68 14.34 25.51
N LEU D 193 0.50 13.21 24.81
CA LEU D 193 -0.84 12.77 24.32
C LEU D 193 -1.65 12.23 25.50
N THR D 194 -1.00 11.56 26.45
CA THR D 194 -1.60 11.10 27.73
C THR D 194 -1.98 12.34 28.57
N GLU D 195 -1.19 13.40 28.49
CA GLU D 195 -1.37 14.67 29.27
C GLU D 195 -2.57 15.46 28.76
N ARG D 196 -3.04 15.24 27.53
CA ARG D 196 -4.21 15.97 26.97
C ARG D 196 -5.48 15.11 27.07
N GLY D 197 -5.42 13.98 27.80
CA GLY D 197 -6.61 13.21 28.20
C GLY D 197 -6.58 11.76 27.72
N TYR D 198 -5.83 11.47 26.66
CA TYR D 198 -5.75 10.13 26.01
C TYR D 198 -4.97 9.17 26.92
N SER D 199 -4.80 7.91 26.49
CA SER D 199 -4.12 6.82 27.24
C SER D 199 -3.20 6.02 26.30
N PHE D 200 -1.90 6.32 26.34
CA PHE D 200 -0.83 5.66 25.53
C PHE D 200 0.37 5.32 26.44
N VAL D 201 0.43 4.10 26.99
CA VAL D 201 1.51 3.64 27.89
C VAL D 201 2.02 2.25 27.50
N THR D 202 1.15 1.36 26.99
CA THR D 202 1.47 -0.05 26.64
C THR D 202 2.34 -0.08 25.37
N THR D 203 2.92 -1.24 25.06
CA THR D 203 3.86 -1.44 23.93
C THR D 203 3.08 -1.50 22.61
N ALA D 204 1.82 -1.96 22.65
CA ALA D 204 0.88 -1.95 21.50
C ALA D 204 0.52 -0.50 21.14
N GLU D 205 0.38 0.36 22.16
CA GLU D 205 0.05 1.80 22.01
C GLU D 205 1.30 2.57 21.56
N ARG D 206 2.50 2.11 21.93
CA ARG D 206 3.80 2.70 21.49
C ARG D 206 3.90 2.65 19.96
N GLU D 207 3.48 1.55 19.35
CA GLU D 207 3.51 1.33 17.88
C GLU D 207 2.53 2.28 17.19
N ILE D 208 1.38 2.55 17.81
CA ILE D 208 0.34 3.48 17.29
C ILE D 208 0.90 4.91 17.34
N VAL D 209 1.47 5.32 18.46
CA VAL D 209 2.00 6.70 18.69
C VAL D 209 3.17 6.94 17.72
N ARG D 210 4.00 5.93 17.46
CA ARG D 210 5.11 6.01 16.47
C ARG D 210 4.54 6.36 15.09
N ASP D 211 3.43 5.71 14.71
CA ASP D 211 2.72 5.96 13.43
C ASP D 211 2.17 7.39 13.41
N ILE D 212 1.62 7.87 14.54
CA ILE D 212 1.10 9.26 14.69
C ILE D 212 2.26 10.24 14.48
N LYS D 213 3.42 9.97 15.10
CA LYS D 213 4.65 10.79 15.01
C LYS D 213 5.06 10.95 13.55
N GLU D 214 5.16 9.83 12.82
CA GLU D 214 5.69 9.76 11.43
C GLU D 214 4.73 10.45 10.44
N LYS D 215 3.44 10.54 10.77
CA LYS D 215 2.38 10.96 9.82
C LYS D 215 1.99 12.43 10.04
N LEU D 216 1.95 12.91 11.29
CA LEU D 216 1.31 14.20 11.66
C LEU D 216 2.28 15.20 12.31
N CYS D 217 3.43 14.77 12.82
CA CYS D 217 4.41 15.67 13.49
C CYS D 217 5.16 16.51 12.45
N TYR D 218 5.51 17.75 12.81
CA TYR D 218 6.32 18.69 11.99
C TYR D 218 7.14 19.56 12.94
N VAL D 219 8.22 20.18 12.43
CA VAL D 219 9.09 21.11 13.20
C VAL D 219 8.62 22.55 12.93
N ALA D 220 8.36 23.32 13.99
CA ALA D 220 7.93 24.73 13.93
C ALA D 220 9.13 25.61 13.54
N LEU D 221 8.91 26.62 12.69
CA LEU D 221 9.94 27.61 12.27
C LEU D 221 10.24 28.54 13.46
N ASP D 222 9.20 28.95 14.18
CA ASP D 222 9.29 29.74 15.44
C ASP D 222 8.38 29.07 16.48
N PHE D 223 8.96 28.43 17.50
CA PHE D 223 8.22 27.57 18.46
C PHE D 223 7.21 28.39 19.28
N GLU D 224 7.64 29.52 19.84
CA GLU D 224 6.79 30.37 20.74
C GLU D 224 5.61 30.94 19.96
N ASN D 225 5.82 31.42 18.73
CA ASN D 225 4.78 31.94 17.82
C ASN D 225 3.80 30.81 17.47
N GLU D 226 4.32 29.60 17.22
CA GLU D 226 3.52 28.40 16.85
C GLU D 226 2.63 27.99 18.03
N MET D 227 3.13 28.15 19.26
CA MET D 227 2.39 27.83 20.51
C MET D 227 1.26 28.85 20.71
N ALA D 228 1.49 30.11 20.30
CA ALA D 228 0.51 31.22 20.37
C ALA D 228 -0.63 30.98 19.37
N THR D 229 -0.30 30.49 18.17
CA THR D 229 -1.27 30.11 17.10
C THR D 229 -2.16 28.96 17.58
N ALA D 230 -1.54 27.87 18.07
CA ALA D 230 -2.22 26.63 18.54
C ALA D 230 -3.14 26.95 19.72
N ALA D 231 -2.78 27.94 20.55
CA ALA D 231 -3.54 28.37 21.75
C ALA D 231 -4.84 29.09 21.34
N SER D 232 -4.87 29.70 20.15
CA SER D 232 -5.94 30.64 19.70
C SER D 232 -6.53 30.21 18.35
N SER D 233 -6.36 28.96 17.93
CA SER D 233 -6.79 28.48 16.59
C SER D 233 -6.86 26.94 16.52
N SER D 234 -7.71 26.42 15.62
CA SER D 234 -7.79 24.98 15.23
C SER D 234 -6.93 24.72 13.98
N SER D 235 -6.22 25.74 13.49
CA SER D 235 -5.40 25.71 12.25
C SER D 235 -4.49 24.48 12.25
N LEU D 236 -3.77 24.25 13.35
CA LEU D 236 -2.66 23.26 13.46
C LEU D 236 -3.19 21.90 13.93
N GLU D 237 -4.49 21.77 14.26
CA GLU D 237 -5.08 20.51 14.79
C GLU D 237 -5.32 19.53 13.64
N LYS D 238 -4.87 18.28 13.81
CA LYS D 238 -5.10 17.16 12.86
C LYS D 238 -5.81 16.02 13.61
N SER D 239 -6.64 15.25 12.89
CA SER D 239 -7.38 14.08 13.42
C SER D 239 -6.65 12.79 13.03
N TYR D 240 -6.71 11.78 13.90
CA TYR D 240 -6.12 10.43 13.69
C TYR D 240 -7.09 9.36 14.17
N GLU D 241 -7.52 8.48 13.26
CA GLU D 241 -8.38 7.31 13.55
C GLU D 241 -7.51 6.16 14.08
N LEU D 242 -7.74 5.74 15.32
CA LEU D 242 -7.04 4.59 15.97
C LEU D 242 -7.63 3.29 15.41
N PRO D 243 -6.91 2.15 15.54
CA PRO D 243 -7.41 0.86 15.06
C PRO D 243 -8.84 0.48 15.51
N ASP D 244 -9.27 0.91 16.70
CA ASP D 244 -10.60 0.57 17.29
C ASP D 244 -11.71 1.46 16.72
N GLY D 245 -11.37 2.45 15.88
CA GLY D 245 -12.34 3.36 15.24
C GLY D 245 -12.38 4.73 15.91
N GLN D 246 -11.99 4.81 17.20
CA GLN D 246 -11.97 6.06 18.00
C GLN D 246 -11.05 7.09 17.33
N VAL D 247 -11.61 8.21 16.88
CA VAL D 247 -10.88 9.37 16.30
C VAL D 247 -10.41 10.27 17.44
N ILE D 248 -9.10 10.59 17.49
CA ILE D 248 -8.49 11.53 18.47
C ILE D 248 -7.90 12.71 17.71
N THR D 249 -7.68 13.82 18.40
CA THR D 249 -7.18 15.11 17.85
C THR D 249 -5.81 15.41 18.46
N ILE D 250 -4.80 15.67 17.60
CA ILE D 250 -3.42 16.08 17.99
C ILE D 250 -3.26 17.56 17.63
N GLY D 251 -2.92 18.40 18.61
CA GLY D 251 -2.78 19.86 18.47
C GLY D 251 -1.32 20.28 18.40
N ASN D 252 -0.85 20.98 19.44
CA ASN D 252 0.54 21.52 19.52
C ASN D 252 1.55 20.39 19.72
N GLU D 253 1.08 19.20 20.12
CA GLU D 253 1.92 17.99 20.34
C GLU D 253 2.60 17.61 19.02
N ARG D 254 1.98 17.95 17.88
CA ARG D 254 2.52 17.76 16.50
C ARG D 254 3.95 18.30 16.42
N PHE D 255 4.21 19.50 16.98
CA PHE D 255 5.51 20.21 16.86
C PHE D 255 6.22 20.33 18.22
N ARG D 256 5.56 20.05 19.34
CA ARG D 256 6.21 19.98 20.67
C ARG D 256 7.12 18.74 20.70
N CYS D 257 6.70 17.66 20.04
CA CYS D 257 7.41 16.36 20.00
C CYS D 257 8.79 16.53 19.38
N PRO D 258 8.91 16.92 18.08
CA PRO D 258 10.24 17.09 17.47
C PRO D 258 11.00 18.36 17.87
N GLU D 259 10.37 19.27 18.63
CA GLU D 259 11.04 20.46 19.24
C GLU D 259 12.14 19.96 20.19
N THR D 260 11.94 18.78 20.77
CA THR D 260 12.88 18.07 21.68
C THR D 260 14.28 18.02 21.06
N LEU D 261 14.40 17.90 19.73
CA LEU D 261 15.69 17.82 18.99
C LEU D 261 16.48 19.12 19.21
N PHE D 262 15.79 20.26 19.27
CA PHE D 262 16.39 21.62 19.44
C PHE D 262 16.42 21.99 20.93
N GLN D 263 15.53 21.42 21.74
CA GLN D 263 15.42 21.68 23.20
C GLN D 263 15.29 20.35 23.94
N PRO D 264 16.40 19.57 24.07
CA PRO D 264 16.36 18.28 24.78
C PRO D 264 15.85 18.33 26.23
N SER D 265 15.79 19.51 26.84
CA SER D 265 15.29 19.74 28.23
C SER D 265 13.81 19.35 28.35
N PHE D 266 13.09 19.24 27.22
CA PHE D 266 11.69 18.75 27.13
C PHE D 266 11.56 17.34 27.72
N ILE D 267 12.62 16.52 27.64
CA ILE D 267 12.67 15.14 28.20
C ILE D 267 13.72 15.05 29.31
N GLY D 268 14.11 16.18 29.90
CA GLY D 268 15.02 16.26 31.06
C GLY D 268 16.45 15.90 30.71
N MET D 269 16.97 16.41 29.59
CA MET D 269 18.40 16.32 29.19
C MET D 269 19.01 17.73 29.17
N GLU D 270 20.11 17.94 29.90
CA GLU D 270 20.84 19.24 29.92
C GLU D 270 21.73 19.34 28.68
N SER D 271 21.69 18.35 27.79
CA SER D 271 22.39 18.32 26.47
C SER D 271 21.91 19.48 25.58
N ALA D 272 22.72 19.86 24.60
CA ALA D 272 22.46 20.94 23.62
C ALA D 272 21.66 20.37 22.44
N GLY D 273 20.97 21.24 21.70
CA GLY D 273 20.11 20.89 20.55
C GLY D 273 20.91 20.50 19.32
N ILE D 274 20.26 19.86 18.34
CA ILE D 274 20.90 19.37 17.09
C ILE D 274 21.52 20.54 16.32
N HIS D 275 20.95 21.74 16.43
CA HIS D 275 21.44 22.98 15.79
C HIS D 275 22.78 23.40 16.43
N GLU D 276 22.89 23.28 17.75
CA GLU D 276 24.11 23.68 18.52
C GLU D 276 25.21 22.64 18.29
N THR D 277 24.88 21.34 18.36
CA THR D 277 25.84 20.23 18.14
C THR D 277 26.41 20.33 16.73
N THR D 278 25.59 20.70 15.74
CA THR D 278 26.01 20.96 14.34
C THR D 278 27.03 22.10 14.30
N TYR D 279 26.68 23.25 14.87
CA TYR D 279 27.56 24.44 14.97
C TYR D 279 28.87 24.04 15.67
N ASN D 280 28.77 23.41 16.84
CA ASN D 280 29.93 22.98 17.68
C ASN D 280 30.85 22.08 16.85
N SER D 281 30.29 21.21 16.02
CA SER D 281 31.02 20.24 15.15
C SER D 281 31.85 21.00 14.10
N ILE D 282 31.24 22.01 13.48
CA ILE D 282 31.89 22.87 12.43
C ILE D 282 33.04 23.67 13.06
N MET D 283 32.86 24.14 14.31
CA MET D 283 33.87 24.97 15.04
C MET D 283 35.04 24.09 15.49
N LYS D 284 34.86 22.77 15.57
CA LYS D 284 35.93 21.80 15.95
C LYS D 284 36.83 21.48 14.74
N CYS D 285 36.42 21.89 13.53
CA CYS D 285 37.19 21.73 12.27
C CYS D 285 38.09 22.96 12.03
N ASP D 286 39.15 22.79 11.22
CA ASP D 286 39.98 23.90 10.70
C ASP D 286 39.05 24.96 10.11
N ILE D 287 39.30 26.24 10.43
CA ILE D 287 38.49 27.40 9.95
C ILE D 287 38.49 27.42 8.41
N ASP D 288 39.51 26.82 7.79
CA ASP D 288 39.80 26.90 6.33
C ASP D 288 38.79 26.08 5.52
N ILE D 289 38.05 25.15 6.15
CA ILE D 289 37.11 24.23 5.45
C ILE D 289 35.67 24.40 5.98
N ARG D 290 35.41 25.37 6.87
CA ARG D 290 34.07 25.58 7.49
C ARG D 290 33.07 26.08 6.44
N LYS D 291 33.48 27.00 5.56
CA LYS D 291 32.65 27.57 4.47
C LYS D 291 31.92 26.46 3.72
N ASP D 292 32.62 25.35 3.44
CA ASP D 292 32.11 24.19 2.66
C ASP D 292 31.16 23.35 3.53
N LEU D 293 31.43 23.24 4.83
CA LEU D 293 30.58 22.49 5.80
C LEU D 293 29.22 23.20 5.93
N TYR D 294 29.24 24.50 6.21
CA TYR D 294 28.04 25.38 6.30
C TYR D 294 27.19 25.24 5.03
N ALA D 295 27.83 25.20 3.86
CA ALA D 295 27.18 25.23 2.52
C ALA D 295 26.76 23.82 2.08
N ASN D 296 27.08 22.78 2.85
CA ASN D 296 26.77 21.36 2.52
C ASN D 296 26.35 20.61 3.80
N ASN D 297 25.31 21.11 4.46
CA ASN D 297 24.67 20.48 5.65
C ASN D 297 23.67 19.43 5.13
N VAL D 298 24.05 18.16 5.11
CA VAL D 298 23.21 17.05 4.56
C VAL D 298 22.54 16.31 5.73
N MET D 299 21.25 16.00 5.59
CA MET D 299 20.45 15.34 6.63
C MET D 299 20.17 13.89 6.24
N SER D 300 20.18 13.00 7.24
CA SER D 300 20.18 11.53 7.10
C SER D 300 19.33 10.90 8.21
N GLY D 301 18.72 9.75 7.95
CA GLY D 301 17.99 8.96 8.95
C GLY D 301 16.55 9.43 9.11
N GLY D 302 15.69 8.56 9.65
CA GLY D 302 14.23 8.72 9.69
C GLY D 302 13.79 9.90 10.55
N THR D 303 14.54 10.23 11.59
CA THR D 303 14.19 11.28 12.60
C THR D 303 14.50 12.68 12.05
N THR D 304 15.07 12.78 10.84
CA THR D 304 15.23 14.08 10.11
C THR D 304 14.14 14.22 9.05
N MET D 305 13.12 13.36 9.05
CA MET D 305 12.05 13.33 8.01
C MET D 305 10.96 14.37 8.32
N TYR D 306 10.93 14.91 9.55
CA TYR D 306 9.90 15.88 10.02
C TYR D 306 9.79 17.05 9.05
N PRO D 307 8.60 17.35 8.50
CA PRO D 307 8.41 18.53 7.68
C PRO D 307 8.84 19.79 8.45
N GLY D 308 9.56 20.70 7.79
CA GLY D 308 9.95 22.01 8.34
C GLY D 308 11.27 21.98 9.09
N ILE D 309 11.90 20.81 9.23
CA ILE D 309 13.18 20.65 9.99
C ILE D 309 14.29 21.40 9.26
N ALA D 310 14.28 21.37 7.92
CA ALA D 310 15.29 22.00 7.04
C ALA D 310 15.24 23.53 7.20
N ASP D 311 14.04 24.11 7.09
CA ASP D 311 13.79 25.56 7.27
C ASP D 311 14.28 25.98 8.67
N ARG D 312 13.95 25.18 9.69
CA ARG D 312 14.29 25.47 11.11
C ARG D 312 15.81 25.42 11.29
N MET D 313 16.46 24.38 10.74
CA MET D 313 17.93 24.18 10.81
C MET D 313 18.64 25.35 10.11
N GLN D 314 18.09 25.81 8.97
CA GLN D 314 18.61 26.99 8.21
C GLN D 314 18.60 28.22 9.13
N LYS D 315 17.47 28.47 9.81
CA LYS D 315 17.25 29.66 10.67
C LYS D 315 18.23 29.63 11.84
N GLU D 316 18.33 28.50 12.55
CA GLU D 316 19.07 28.37 13.83
C GLU D 316 20.57 28.52 13.57
N ILE D 317 21.10 27.89 12.51
CA ILE D 317 22.55 27.92 12.15
C ILE D 317 22.91 29.29 11.57
N THR D 318 21.99 29.93 10.85
CA THR D 318 22.15 31.33 10.34
C THR D 318 22.38 32.28 11.53
N ALA D 319 21.71 32.02 12.66
CA ALA D 319 21.80 32.83 13.90
C ALA D 319 23.17 32.67 14.56
N LEU D 320 23.76 31.48 14.46
CA LEU D 320 25.03 31.10 15.16
C LEU D 320 26.25 31.41 14.30
N ALA D 321 26.12 31.39 12.97
CA ALA D 321 27.24 31.51 12.00
C ALA D 321 27.56 32.98 11.74
N PRO D 322 28.77 33.29 11.21
CA PRO D 322 29.08 34.64 10.72
C PRO D 322 28.00 35.15 9.75
N SER D 323 27.69 36.45 9.82
CA SER D 323 26.50 37.09 9.19
C SER D 323 26.52 36.95 7.65
N THR D 324 27.68 36.74 7.03
CA THR D 324 27.84 36.67 5.55
C THR D 324 27.87 35.22 5.05
N MET D 325 27.93 34.23 5.95
CA MET D 325 28.08 32.79 5.59
C MET D 325 26.91 32.34 4.69
N LYS D 326 27.22 31.76 3.53
CA LYS D 326 26.27 30.96 2.72
C LYS D 326 26.01 29.65 3.48
N ILE D 327 24.76 29.45 3.91
CA ILE D 327 24.31 28.26 4.65
C ILE D 327 23.25 27.54 3.81
N LYS D 328 23.48 26.26 3.49
CA LYS D 328 22.51 25.40 2.79
C LYS D 328 22.28 24.13 3.60
N ILE D 329 21.01 23.75 3.78
CA ILE D 329 20.56 22.46 4.38
C ILE D 329 19.95 21.62 3.25
N ILE D 330 20.60 20.51 2.90
CA ILE D 330 20.08 19.52 1.90
C ILE D 330 19.33 18.45 2.69
N ALA D 331 18.04 18.27 2.38
CA ALA D 331 17.13 17.27 3.00
C ALA D 331 16.64 16.33 1.91
N PRO D 332 17.41 15.27 1.57
CA PRO D 332 16.99 14.31 0.53
C PRO D 332 15.66 13.66 0.90
N PRO D 333 14.66 13.60 -0.02
CA PRO D 333 13.46 12.82 0.21
C PRO D 333 13.73 11.36 0.62
N GLU D 334 14.79 10.74 0.07
CA GLU D 334 15.13 9.31 0.25
C GLU D 334 15.90 9.08 1.56
N ARG D 335 16.04 10.12 2.40
CA ARG D 335 17.11 10.19 3.45
C ARG D 335 16.88 9.18 4.58
N LYS D 336 15.73 8.50 4.63
CA LYS D 336 15.53 7.37 5.59
C LYS D 336 16.19 6.10 5.04
N TYR D 337 16.75 6.15 3.83
CA TYR D 337 17.50 5.02 3.21
C TYR D 337 18.83 5.49 2.56
N SER D 338 19.23 6.75 2.77
CA SER D 338 20.41 7.37 2.09
C SER D 338 21.69 6.60 2.48
N VAL D 339 21.80 6.15 3.73
CA VAL D 339 22.97 5.36 4.22
C VAL D 339 23.12 4.11 3.36
N TRP D 340 22.03 3.35 3.17
CA TRP D 340 22.01 2.11 2.36
C TRP D 340 22.32 2.44 0.89
N ILE D 341 21.68 3.47 0.34
CA ILE D 341 21.83 3.90 -1.08
C ILE D 341 23.29 4.28 -1.34
N GLY D 342 23.93 4.97 -0.38
CA GLY D 342 25.38 5.27 -0.43
C GLY D 342 26.22 4.01 -0.49
N GLY D 343 25.84 2.98 0.27
CA GLY D 343 26.49 1.66 0.28
C GLY D 343 26.36 0.97 -1.06
N SER D 344 25.16 1.03 -1.65
CA SER D 344 24.83 0.44 -2.97
C SER D 344 25.65 1.12 -4.09
N ILE D 345 25.79 2.44 -4.02
CA ILE D 345 26.57 3.26 -4.99
C ILE D 345 28.06 2.91 -4.86
N LEU D 346 28.60 2.96 -3.64
CA LEU D 346 30.04 2.73 -3.35
C LEU D 346 30.46 1.33 -3.81
N ALA D 347 29.68 0.31 -3.44
CA ALA D 347 29.99 -1.12 -3.71
C ALA D 347 29.85 -1.44 -5.20
N SER D 348 29.31 -0.50 -6.00
CA SER D 348 29.09 -0.65 -7.46
C SER D 348 30.23 0.02 -8.26
N LEU D 349 31.14 0.74 -7.60
CA LEU D 349 32.30 1.41 -8.24
C LEU D 349 33.42 0.40 -8.47
N SER D 350 34.07 0.46 -9.64
CA SER D 350 35.19 -0.44 -10.04
C SER D 350 36.43 -0.15 -9.18
N THR D 351 36.63 1.11 -8.79
CA THR D 351 37.79 1.57 -7.96
C THR D 351 37.69 0.98 -6.54
N PHE D 352 36.48 0.64 -6.08
CA PHE D 352 36.19 0.11 -4.73
C PHE D 352 36.44 -1.41 -4.67
N GLN D 353 36.67 -2.07 -5.81
CA GLN D 353 36.79 -3.55 -5.89
C GLN D 353 38.09 -4.05 -5.27
N GLN D 354 39.14 -3.21 -5.20
CA GLN D 354 40.43 -3.59 -4.55
C GLN D 354 40.46 -3.09 -3.09
N MET D 355 39.35 -2.53 -2.59
CA MET D 355 39.22 -1.99 -1.21
C MET D 355 38.57 -3.02 -0.28
N TRP D 356 37.86 -4.02 -0.83
CA TRP D 356 37.30 -5.18 -0.08
C TRP D 356 38.39 -5.83 0.78
N ILE D 357 38.03 -6.32 1.97
CA ILE D 357 38.83 -7.31 2.74
C ILE D 357 38.46 -8.70 2.19
N THR D 358 39.41 -9.40 1.56
CA THR D 358 39.20 -10.75 0.95
C THR D 358 39.39 -11.81 2.04
N LYS D 359 38.78 -12.99 1.87
CA LYS D 359 38.88 -14.13 2.82
C LYS D 359 40.36 -14.50 3.01
N GLN D 360 41.15 -14.48 1.93
CA GLN D 360 42.62 -14.70 1.96
C GLN D 360 43.25 -13.72 2.95
N GLU D 361 43.03 -12.42 2.75
CA GLU D 361 43.65 -11.31 3.54
C GLU D 361 43.30 -11.47 5.03
N TYR D 362 42.07 -11.89 5.35
CA TYR D 362 41.61 -12.10 6.75
C TYR D 362 42.32 -13.33 7.35
N ASP D 363 42.42 -14.41 6.57
CA ASP D 363 43.08 -15.68 6.98
C ASP D 363 44.58 -15.45 7.21
N GLU D 364 45.15 -14.38 6.64
CA GLU D 364 46.58 -13.98 6.80
C GLU D 364 46.73 -13.08 8.04
N ALA D 365 45.94 -12.01 8.15
CA ALA D 365 46.17 -10.87 9.07
C ALA D 365 45.22 -10.88 10.28
N GLY D 366 44.08 -11.57 10.19
CA GLY D 366 43.09 -11.66 11.29
C GLY D 366 42.16 -10.45 11.34
N PRO D 367 41.30 -10.34 12.37
CA PRO D 367 40.29 -9.28 12.45
C PRO D 367 40.82 -7.83 12.33
N SER D 368 42.02 -7.57 12.84
CA SER D 368 42.61 -6.20 12.98
C SER D 368 42.94 -5.58 11.61
N ILE D 369 42.86 -6.36 10.53
CA ILE D 369 43.00 -5.84 9.13
C ILE D 369 41.90 -4.81 8.85
N VAL D 370 40.78 -4.89 9.57
CA VAL D 370 39.62 -3.94 9.44
C VAL D 370 40.07 -2.51 9.74
N HIS D 371 41.15 -2.32 10.50
CA HIS D 371 41.70 -0.99 10.88
C HIS D 371 42.47 -0.40 9.69
N ARG D 372 43.30 -1.21 9.03
CA ARG D 372 44.19 -0.78 7.91
C ARG D 372 43.35 -0.55 6.64
N LYS D 373 42.28 -1.33 6.44
CA LYS D 373 41.53 -1.41 5.17
C LYS D 373 40.25 -0.57 5.21
N CYS D 374 39.63 -0.40 6.39
CA CYS D 374 38.31 0.27 6.56
C CYS D 374 38.45 1.49 7.46
N PHE D 375 38.47 2.68 6.87
CA PHE D 375 38.47 4.01 7.54
C PHE D 375 37.86 5.05 6.59
N GLU E 2 6.95 2.22 -16.92
CA GLU E 2 7.62 3.50 -17.29
C GLU E 2 8.38 4.05 -16.07
N GLN E 3 7.75 4.01 -14.89
CA GLN E 3 8.32 4.48 -13.60
C GLN E 3 9.58 3.67 -13.28
N LEU E 4 9.49 2.34 -13.35
CA LEU E 4 10.59 1.39 -13.03
C LEU E 4 11.82 1.67 -13.91
N ALA E 5 11.60 1.92 -15.20
CA ALA E 5 12.65 2.17 -16.22
C ALA E 5 13.33 3.52 -15.96
N ARG E 6 12.57 4.52 -15.55
CA ARG E 6 13.05 5.90 -15.23
C ARG E 6 13.87 5.89 -13.93
N ASP E 7 13.49 5.02 -12.98
CA ASP E 7 14.15 4.90 -11.64
C ASP E 7 15.47 4.12 -11.77
N ARG E 8 15.53 3.15 -12.69
CA ARG E 8 16.71 2.24 -12.87
C ARG E 8 17.80 2.94 -13.70
N SER E 9 17.41 3.76 -14.68
CA SER E 9 18.34 4.56 -15.53
C SER E 9 18.90 5.74 -14.72
N ARG E 10 18.08 6.34 -13.84
CA ARG E 10 18.45 7.49 -12.98
C ARG E 10 19.51 7.04 -11.94
N PHE E 11 19.44 5.80 -11.48
CA PHE E 11 20.37 5.22 -10.47
C PHE E 11 21.69 4.83 -11.14
N ALA E 12 21.63 4.39 -12.39
CA ALA E 12 22.82 4.09 -13.24
C ALA E 12 23.65 5.37 -13.44
N ARG E 13 22.97 6.52 -13.63
CA ARG E 13 23.60 7.85 -13.82
C ARG E 13 24.23 8.31 -12.49
N ARG E 14 23.65 7.93 -11.35
CA ARG E 14 24.19 8.23 -9.99
C ARG E 14 25.49 7.45 -9.77
N ILE E 15 25.54 6.19 -10.24
CA ILE E 15 26.74 5.31 -10.14
C ILE E 15 27.87 5.89 -11.00
N THR E 16 27.57 6.32 -12.24
CA THR E 16 28.56 6.90 -13.18
C THR E 16 28.98 8.29 -12.65
N GLN E 17 28.06 9.03 -12.04
CA GLN E 17 28.35 10.35 -11.42
C GLN E 17 29.30 10.17 -10.22
N ALA E 18 29.11 9.10 -9.44
CA ALA E 18 29.94 8.73 -8.28
C ALA E 18 31.33 8.29 -8.75
N GLN E 19 31.41 7.56 -9.87
CA GLN E 19 32.69 7.13 -10.50
C GLN E 19 33.60 8.35 -10.69
N GLU E 20 33.03 9.49 -11.12
CA GLU E 20 33.79 10.74 -11.40
C GLU E 20 34.13 11.47 -10.09
N GLU E 21 33.16 11.63 -9.19
CA GLU E 21 33.27 12.49 -7.98
C GLU E 21 33.98 11.76 -6.84
N LEU E 22 33.75 10.44 -6.68
CA LEU E 22 34.19 9.66 -5.48
C LEU E 22 35.56 9.02 -5.72
N SER E 23 35.79 8.43 -6.90
CA SER E 23 37.02 7.67 -7.25
C SER E 23 38.29 8.44 -6.90
N PRO E 24 38.38 9.77 -7.19
CA PRO E 24 39.55 10.56 -6.78
C PRO E 24 39.92 10.38 -5.29
N CYS E 25 38.92 10.25 -4.42
CA CYS E 25 39.08 10.12 -2.94
C CYS E 25 39.51 8.71 -2.54
N LEU E 26 39.45 7.73 -3.45
CA LEU E 26 39.73 6.29 -3.17
C LEU E 26 41.02 5.84 -3.85
N THR E 27 41.81 6.76 -4.42
CA THR E 27 43.16 6.48 -4.99
C THR E 27 44.14 6.29 -3.83
N PRO E 28 45.11 5.35 -3.92
CA PRO E 28 46.04 5.10 -2.81
C PRO E 28 46.68 6.37 -2.21
N ALA E 29 46.92 7.39 -3.04
CA ALA E 29 47.49 8.70 -2.64
C ALA E 29 46.51 9.43 -1.73
N ALA E 30 45.23 9.51 -2.12
CA ALA E 30 44.13 10.14 -1.35
C ALA E 30 43.91 9.38 -0.04
N ARG E 31 44.03 8.04 -0.07
CA ARG E 31 43.89 7.14 1.09
C ARG E 31 45.00 7.45 2.11
N ALA E 32 46.24 7.59 1.61
CA ALA E 32 47.47 7.84 2.41
C ALA E 32 47.39 9.22 3.08
N ARG E 33 46.85 10.23 2.38
CA ARG E 33 46.64 11.60 2.92
C ARG E 33 45.63 11.55 4.07
N ALA E 34 44.52 10.81 3.89
CA ALA E 34 43.43 10.63 4.87
C ALA E 34 43.92 9.82 6.07
N TRP E 35 44.72 8.77 5.83
CA TRP E 35 45.32 7.89 6.85
C TRP E 35 46.32 8.69 7.72
N ALA E 36 47.09 9.57 7.10
CA ALA E 36 48.08 10.48 7.75
C ALA E 36 47.35 11.47 8.66
N ARG E 37 46.19 11.95 8.21
CA ARG E 37 45.33 12.95 8.92
C ARG E 37 44.74 12.33 10.19
N LEU E 38 44.36 11.05 10.16
CA LEU E 38 43.77 10.30 11.30
C LEU E 38 44.77 10.20 12.46
N ARG E 39 46.07 10.13 12.15
CA ARG E 39 47.17 9.87 13.12
C ARG E 39 48.04 11.13 13.27
N ASN E 40 47.52 12.30 12.87
CA ASN E 40 48.15 13.64 13.00
C ASN E 40 49.34 13.75 12.02
N LEU F 1 -2.61 -41.66 31.90
CA LEU F 1 -2.51 -40.38 31.13
C LEU F 1 -3.89 -39.71 31.11
N LYS F 2 -4.01 -38.53 31.72
CA LYS F 2 -5.29 -37.76 31.82
C LYS F 2 -5.27 -36.67 30.73
N ILE F 3 -6.25 -36.71 29.82
CA ILE F 3 -6.41 -35.76 28.67
C ILE F 3 -7.71 -34.98 28.86
N ALA F 4 -7.70 -33.68 28.56
CA ALA F 4 -8.86 -32.78 28.70
C ALA F 4 -8.95 -31.81 27.51
N ALA F 5 -10.17 -31.30 27.25
CA ALA F 5 -10.47 -30.21 26.31
C ALA F 5 -11.31 -29.17 27.06
N PHE F 6 -10.82 -27.93 27.15
CA PHE F 6 -11.40 -26.86 28.00
C PHE F 6 -11.60 -25.58 27.18
N ASN F 7 -12.85 -25.27 26.83
CA ASN F 7 -13.27 -23.96 26.27
C ASN F 7 -13.27 -22.94 27.41
N ILE F 8 -12.26 -22.06 27.46
CA ILE F 8 -12.17 -20.93 28.43
C ILE F 8 -12.73 -19.68 27.74
N ARG F 9 -13.87 -19.16 28.21
CA ARG F 9 -14.58 -18.02 27.59
C ARG F 9 -13.68 -16.78 27.64
N THR F 10 -13.48 -16.13 26.49
CA THR F 10 -12.64 -14.91 26.29
C THR F 10 -11.30 -15.08 27.02
N PHE F 11 -10.62 -16.23 26.82
CA PHE F 11 -9.24 -16.44 27.31
C PHE F 11 -8.31 -15.44 26.61
N GLY F 12 -7.83 -14.44 27.35
CA GLY F 12 -6.99 -13.35 26.82
C GLY F 12 -6.24 -12.62 27.91
N GLU F 13 -5.63 -11.48 27.58
CA GLU F 13 -4.76 -10.69 28.48
C GLU F 13 -5.53 -10.30 29.75
N THR F 14 -6.79 -9.89 29.61
CA THR F 14 -7.64 -9.42 30.74
C THR F 14 -7.79 -10.55 31.76
N LYS F 15 -8.22 -11.74 31.32
CA LYS F 15 -8.53 -12.90 32.19
C LYS F 15 -7.26 -13.36 32.92
N MET F 16 -6.12 -13.39 32.22
CA MET F 16 -4.84 -13.92 32.77
C MET F 16 -4.15 -12.85 33.62
N SER F 17 -4.55 -11.58 33.49
CA SER F 17 -4.08 -10.44 34.34
C SER F 17 -4.77 -10.49 35.70
N ASN F 18 -6.01 -11.01 35.74
CA ASN F 18 -6.75 -11.28 36.99
C ASN F 18 -6.09 -12.48 37.68
N ALA F 19 -5.43 -12.24 38.82
CA ALA F 19 -4.64 -13.23 39.58
C ALA F 19 -5.55 -14.36 40.07
N THR F 20 -6.78 -14.03 40.51
CA THR F 20 -7.77 -14.99 41.06
C THR F 20 -8.19 -15.99 39.97
N LEU F 21 -8.50 -15.51 38.76
CA LEU F 21 -8.95 -16.34 37.62
C LEU F 21 -7.78 -17.19 37.11
N ALA F 22 -6.61 -16.59 36.94
CA ALA F 22 -5.37 -17.24 36.44
C ALA F 22 -5.01 -18.43 37.35
N SER F 23 -5.11 -18.25 38.67
CA SER F 23 -4.71 -19.26 39.69
C SER F 23 -5.57 -20.52 39.55
N TYR F 24 -6.85 -20.36 39.17
CA TYR F 24 -7.81 -21.49 39.01
C TYR F 24 -7.63 -22.14 37.62
N ILE F 25 -7.31 -21.35 36.60
CA ILE F 25 -6.96 -21.85 35.23
C ILE F 25 -5.71 -22.73 35.36
N VAL F 26 -4.68 -22.25 36.07
CA VAL F 26 -3.40 -22.98 36.32
C VAL F 26 -3.72 -24.30 37.02
N ARG F 27 -4.52 -24.27 38.09
CA ARG F 27 -4.89 -25.46 38.92
C ARG F 27 -5.55 -26.52 38.02
N ILE F 28 -6.50 -26.10 37.18
CA ILE F 28 -7.27 -27.00 36.26
C ILE F 28 -6.30 -27.66 35.27
N VAL F 29 -5.39 -26.87 34.69
CA VAL F 29 -4.39 -27.33 33.68
C VAL F 29 -3.51 -28.41 34.33
N ARG F 30 -2.99 -28.14 35.53
CA ARG F 30 -2.04 -29.01 36.29
C ARG F 30 -2.60 -30.43 36.44
N ARG F 31 -3.93 -30.58 36.48
CA ARG F 31 -4.64 -31.90 36.62
C ARG F 31 -4.29 -32.84 35.45
N TYR F 32 -3.92 -32.30 34.28
CA TYR F 32 -3.89 -33.02 32.99
C TYR F 32 -2.46 -33.11 32.44
N ASP F 33 -2.18 -34.22 31.74
CA ASP F 33 -0.89 -34.49 31.06
C ASP F 33 -0.95 -33.90 29.64
N ILE F 34 -2.15 -33.83 29.06
CA ILE F 34 -2.46 -33.09 27.81
C ILE F 34 -3.77 -32.33 28.03
N VAL F 35 -3.79 -31.03 27.73
CA VAL F 35 -5.04 -30.21 27.75
C VAL F 35 -5.07 -29.30 26.52
N LEU F 36 -6.19 -29.32 25.79
CA LEU F 36 -6.52 -28.37 24.71
C LEU F 36 -7.33 -27.21 25.32
N ILE F 37 -6.82 -25.98 25.23
CA ILE F 37 -7.56 -24.74 25.61
C ILE F 37 -8.04 -24.07 24.33
N GLN F 38 -9.34 -23.76 24.27
CA GLN F 38 -10.03 -23.15 23.10
C GLN F 38 -10.51 -21.74 23.48
N GLU F 39 -11.01 -20.99 22.50
CA GLU F 39 -11.45 -19.58 22.64
C GLU F 39 -10.30 -18.76 23.21
N VAL F 40 -9.08 -19.02 22.72
CA VAL F 40 -7.83 -18.26 23.02
C VAL F 40 -7.81 -17.03 22.11
N ARG F 41 -8.14 -15.85 22.65
CA ARG F 41 -8.20 -14.56 21.92
C ARG F 41 -7.04 -13.69 22.39
N ASP F 42 -5.89 -13.84 21.72
CA ASP F 42 -4.54 -13.44 22.21
C ASP F 42 -3.69 -13.06 21.00
N SER F 43 -3.78 -11.79 20.58
CA SER F 43 -3.21 -11.28 19.29
C SER F 43 -1.68 -11.43 19.28
N HIS F 44 -1.01 -11.25 20.42
CA HIS F 44 0.47 -11.31 20.54
C HIS F 44 0.91 -12.40 21.53
N LEU F 45 0.01 -13.34 21.87
CA LEU F 45 0.28 -14.56 22.69
C LEU F 45 0.67 -14.19 24.13
N VAL F 46 0.33 -12.99 24.62
CA VAL F 46 0.73 -12.49 25.97
C VAL F 46 0.09 -13.40 27.03
N ALA F 47 -1.22 -13.66 26.91
CA ALA F 47 -2.02 -14.51 27.82
C ALA F 47 -1.45 -15.95 27.82
N VAL F 48 -1.16 -16.50 26.65
CA VAL F 48 -0.56 -17.85 26.49
C VAL F 48 0.81 -17.87 27.19
N GLY F 49 1.58 -16.80 27.04
CA GLY F 49 2.91 -16.63 27.65
C GLY F 49 2.81 -16.59 29.17
N LYS F 50 1.87 -15.81 29.70
CA LYS F 50 1.66 -15.62 31.16
C LYS F 50 1.23 -16.95 31.79
N LEU F 51 0.38 -17.72 31.10
CA LEU F 51 -0.09 -19.06 31.56
C LEU F 51 1.11 -20.01 31.66
N LEU F 52 1.94 -20.04 30.62
CA LEU F 52 3.20 -20.85 30.60
C LEU F 52 4.13 -20.38 31.72
N ASP F 53 4.25 -19.06 31.92
CA ASP F 53 5.08 -18.44 33.00
C ASP F 53 4.66 -19.00 34.36
N TYR F 54 3.36 -19.06 34.64
CA TYR F 54 2.78 -19.63 35.88
C TYR F 54 3.11 -21.13 35.98
N LEU F 55 2.85 -21.89 34.91
CA LEU F 55 2.96 -23.36 34.88
C LEU F 55 4.42 -23.81 35.04
N ASN F 56 5.39 -22.99 34.60
CA ASN F 56 6.81 -23.39 34.44
C ASN F 56 7.72 -22.55 35.34
N GLN F 57 7.18 -21.81 36.32
CA GLN F 57 7.97 -20.93 37.21
C GLN F 57 8.94 -21.75 38.06
N ASP F 58 8.53 -22.94 38.52
CA ASP F 58 9.32 -23.80 39.43
C ASP F 58 10.23 -24.73 38.62
N ASP F 59 9.71 -25.37 37.58
CA ASP F 59 10.46 -26.26 36.64
C ASP F 59 10.16 -25.82 35.22
N PRO F 60 11.17 -25.40 34.42
CA PRO F 60 10.93 -24.77 33.12
C PRO F 60 10.30 -25.71 32.07
N ASN F 61 10.30 -27.02 32.32
CA ASN F 61 9.80 -28.06 31.38
C ASN F 61 8.62 -28.82 31.99
N THR F 62 7.89 -28.23 32.94
CA THR F 62 6.64 -28.82 33.50
C THR F 62 5.63 -29.04 32.36
N TYR F 63 5.42 -28.00 31.53
CA TYR F 63 4.54 -28.02 30.34
C TYR F 63 5.29 -27.44 29.14
N HIS F 64 5.24 -28.16 28.01
CA HIS F 64 5.57 -27.68 26.64
C HIS F 64 4.24 -27.40 25.94
N TYR F 65 4.27 -26.73 24.77
CA TYR F 65 3.05 -26.22 24.08
C TYR F 65 3.10 -26.50 22.58
N VAL F 66 1.90 -26.62 21.99
CA VAL F 66 1.63 -26.47 20.52
C VAL F 66 0.49 -25.47 20.39
N VAL F 67 0.75 -24.30 19.79
CA VAL F 67 -0.24 -23.20 19.63
C VAL F 67 -0.36 -22.86 18.14
N SER F 68 -1.58 -22.53 17.70
CA SER F 68 -1.91 -22.19 16.29
C SER F 68 -1.84 -20.67 16.10
N GLU F 69 -1.84 -20.22 14.84
CA GLU F 69 -2.12 -18.81 14.47
C GLU F 69 -3.59 -18.55 14.78
N PRO F 70 -4.04 -17.28 14.90
CA PRO F 70 -5.46 -16.98 15.08
C PRO F 70 -6.26 -17.50 13.86
N LEU F 71 -7.44 -18.08 14.10
CA LEU F 71 -8.29 -18.73 13.07
C LEU F 71 -9.67 -18.06 13.05
N GLY F 72 -10.23 -17.83 11.86
CA GLY F 72 -11.55 -17.19 11.67
C GLY F 72 -11.72 -16.66 10.26
N ARG F 73 -12.97 -16.44 9.84
CA ARG F 73 -13.34 -15.86 8.52
C ARG F 73 -13.31 -14.32 8.60
N ASN F 74 -13.63 -13.77 9.78
CA ASN F 74 -13.79 -12.30 10.03
C ASN F 74 -12.73 -11.85 11.05
N SER F 75 -12.90 -10.65 11.63
CA SER F 75 -11.96 -10.03 12.60
C SER F 75 -11.90 -10.85 13.90
N TYR F 76 -13.03 -11.44 14.31
CA TYR F 76 -13.10 -12.38 15.47
C TYR F 76 -12.29 -13.64 15.13
N LYS F 77 -11.18 -13.87 15.83
CA LYS F 77 -10.26 -15.03 15.60
C LYS F 77 -9.86 -15.65 16.94
N GLU F 78 -9.75 -16.98 16.96
CA GLU F 78 -9.31 -17.79 18.15
C GLU F 78 -8.12 -18.67 17.76
N ARG F 79 -7.25 -18.96 18.74
CA ARG F 79 -6.15 -19.95 18.62
C ARG F 79 -6.57 -21.25 19.31
N TYR F 80 -5.93 -22.36 18.95
CA TYR F 80 -5.91 -23.63 19.70
C TYR F 80 -4.59 -23.73 20.45
N LEU F 81 -4.65 -23.96 21.76
CA LEU F 81 -3.47 -24.16 22.64
C LEU F 81 -3.50 -25.60 23.18
N PHE F 82 -2.51 -26.41 22.79
CA PHE F 82 -2.19 -27.71 23.42
C PHE F 82 -1.09 -27.48 24.46
N LEU F 83 -1.35 -27.85 25.72
CA LEU F 83 -0.36 -27.90 26.82
C LEU F 83 -0.17 -29.36 27.22
N PHE F 84 1.06 -29.88 27.12
CA PHE F 84 1.40 -31.29 27.46
C PHE F 84 2.62 -31.31 28.38
N ARG F 85 2.64 -32.24 29.34
CA ARG F 85 3.82 -32.56 30.19
C ARG F 85 4.79 -33.40 29.35
N PRO F 86 6.00 -32.88 29.03
CA PRO F 86 6.91 -33.57 28.12
C PRO F 86 7.50 -34.85 28.71
N ASN F 87 7.46 -34.99 30.04
CA ASN F 87 7.93 -36.20 30.78
C ASN F 87 6.89 -37.32 30.66
N LYS F 88 5.67 -37.02 30.23
CA LYS F 88 4.55 -38.00 30.09
C LYS F 88 4.36 -38.38 28.61
N VAL F 89 4.35 -37.39 27.70
CA VAL F 89 4.20 -37.60 26.23
C VAL F 89 5.16 -36.68 25.48
N SER F 90 5.44 -37.02 24.23
CA SER F 90 6.26 -36.23 23.26
C SER F 90 5.41 -35.92 22.03
N VAL F 91 5.70 -34.82 21.34
CA VAL F 91 5.04 -34.41 20.07
C VAL F 91 5.95 -34.83 18.91
N LEU F 92 5.42 -35.65 18.00
CA LEU F 92 6.15 -36.19 16.82
C LEU F 92 5.98 -35.25 15.63
N ASP F 93 4.78 -34.68 15.48
CA ASP F 93 4.41 -33.84 14.31
C ASP F 93 3.11 -33.09 14.63
N THR F 94 2.91 -31.94 13.98
CA THR F 94 1.66 -31.12 14.05
C THR F 94 1.38 -30.54 12.67
N TYR F 95 0.12 -30.26 12.35
CA TYR F 95 -0.29 -29.55 11.11
C TYR F 95 -1.69 -28.94 11.30
N GLN F 96 -1.97 -27.90 10.52
CA GLN F 96 -3.28 -27.21 10.42
C GLN F 96 -4.07 -27.81 9.25
N TYR F 97 -5.22 -28.43 9.53
CA TYR F 97 -6.11 -29.03 8.51
C TYR F 97 -6.40 -28.00 7.42
N ASP F 98 -6.23 -28.37 6.15
CA ASP F 98 -6.59 -27.52 4.99
C ASP F 98 -8.09 -27.69 4.74
N ASP F 99 -8.90 -26.77 5.29
CA ASP F 99 -10.38 -26.76 5.17
C ASP F 99 -10.80 -26.05 3.88
N GLY F 100 -9.82 -25.64 3.05
CA GLY F 100 -10.06 -24.97 1.76
C GLY F 100 -9.70 -23.50 1.80
N CYS F 101 -10.47 -22.67 1.10
CA CYS F 101 -10.13 -21.27 0.73
C CYS F 101 -11.16 -20.31 1.34
N GLU F 102 -10.70 -19.45 2.27
CA GLU F 102 -11.54 -18.50 3.04
C GLU F 102 -11.98 -17.34 2.14
N SER F 103 -11.08 -16.86 1.28
CA SER F 103 -11.31 -15.74 0.33
C SER F 103 -12.32 -16.16 -0.75
N CYS F 104 -12.40 -17.47 -1.05
CA CYS F 104 -13.34 -18.08 -2.04
C CYS F 104 -14.74 -18.20 -1.45
N GLY F 105 -14.86 -18.26 -0.12
CA GLY F 105 -16.12 -18.52 0.60
C GLY F 105 -16.52 -19.99 0.51
N ASN F 106 -15.53 -20.89 0.38
CA ASN F 106 -15.73 -22.34 0.19
C ASN F 106 -15.20 -23.13 1.40
N ASP F 107 -14.53 -22.47 2.35
CA ASP F 107 -13.86 -23.13 3.50
C ASP F 107 -14.92 -23.73 4.44
N SER F 108 -14.61 -24.89 5.04
CA SER F 108 -15.58 -25.76 5.76
C SER F 108 -15.60 -25.50 7.27
N PHE F 109 -14.58 -24.85 7.83
CA PHE F 109 -14.43 -24.60 9.29
C PHE F 109 -14.19 -23.11 9.56
N SER F 110 -14.95 -22.53 10.51
CA SER F 110 -14.68 -21.20 11.10
C SER F 110 -13.27 -21.20 11.71
N ARG F 111 -12.96 -22.24 12.51
CA ARG F 111 -11.62 -22.49 13.10
C ARG F 111 -11.16 -23.89 12.68
N GLU F 112 -10.43 -23.97 11.55
CA GLU F 112 -9.79 -25.20 11.02
C GLU F 112 -9.15 -25.97 12.17
N PRO F 113 -9.47 -27.27 12.35
CA PRO F 113 -8.81 -28.08 13.38
C PRO F 113 -7.27 -28.05 13.30
N ALA F 114 -6.62 -27.91 14.45
CA ALA F 114 -5.18 -28.17 14.66
C ALA F 114 -5.01 -29.66 14.99
N VAL F 115 -4.00 -30.32 14.42
CA VAL F 115 -3.75 -31.77 14.61
C VAL F 115 -2.33 -31.96 15.17
N VAL F 116 -2.23 -32.74 16.26
CA VAL F 116 -0.95 -33.07 16.97
C VAL F 116 -0.85 -34.60 17.07
N LYS F 117 0.25 -35.18 16.58
CA LYS F 117 0.61 -36.60 16.80
C LYS F 117 1.46 -36.69 18.07
N PHE F 118 1.00 -37.47 19.06
CA PHE F 118 1.69 -37.69 20.35
C PHE F 118 2.30 -39.10 20.37
N SER F 119 3.49 -39.22 20.98
CA SER F 119 4.12 -40.48 21.43
C SER F 119 3.89 -40.63 22.93
N SER F 120 3.15 -41.67 23.34
CA SER F 120 2.80 -41.99 24.75
C SER F 120 3.37 -43.36 25.14
N HIS F 121 4.52 -43.37 25.83
CA HIS F 121 5.24 -44.60 26.25
C HIS F 121 4.45 -45.37 27.31
N SER F 122 3.68 -44.67 28.16
CA SER F 122 3.08 -45.19 29.42
C SER F 122 1.71 -45.85 29.18
N THR F 123 1.15 -45.78 27.97
CA THR F 123 -0.22 -46.27 27.64
C THR F 123 -0.14 -47.45 26.66
N LYS F 124 -1.26 -48.18 26.49
CA LYS F 124 -1.38 -49.32 25.55
C LYS F 124 -1.20 -48.80 24.12
N VAL F 125 -1.93 -47.74 23.76
CA VAL F 125 -1.69 -46.94 22.52
C VAL F 125 -0.36 -46.19 22.69
N LYS F 126 0.52 -46.28 21.69
CA LYS F 126 1.90 -45.72 21.74
C LYS F 126 1.96 -44.43 20.92
N GLU F 127 1.30 -44.41 19.76
CA GLU F 127 1.14 -43.20 18.91
C GLU F 127 -0.36 -42.97 18.67
N PHE F 128 -0.82 -41.71 18.82
CA PHE F 128 -2.20 -41.26 18.48
C PHE F 128 -2.20 -39.76 18.22
N ALA F 129 -3.11 -39.31 17.36
CA ALA F 129 -3.32 -37.89 17.02
C ALA F 129 -4.49 -37.35 17.85
N ILE F 130 -4.50 -36.04 18.10
CA ILE F 130 -5.67 -35.30 18.65
C ILE F 130 -6.08 -34.24 17.62
N VAL F 131 -7.37 -34.22 17.26
CA VAL F 131 -8.02 -33.18 16.41
C VAL F 131 -8.78 -32.23 17.35
N ALA F 132 -8.44 -30.94 17.32
CA ALA F 132 -9.08 -29.88 18.12
C ALA F 132 -10.16 -29.18 17.28
N LEU F 133 -11.39 -29.10 17.76
CA LEU F 133 -12.46 -28.27 17.13
C LEU F 133 -13.27 -27.54 18.19
N HIS F 134 -13.26 -26.20 18.11
CA HIS F 134 -14.31 -25.31 18.66
C HIS F 134 -15.20 -24.88 17.49
N SER F 135 -16.36 -25.51 17.33
CA SER F 135 -17.31 -25.28 16.22
C SER F 135 -18.01 -23.93 16.40
N ALA F 136 -18.44 -23.32 15.29
CA ALA F 136 -19.40 -22.20 15.26
C ALA F 136 -20.78 -22.76 15.54
N PRO F 137 -21.47 -22.32 16.62
CA PRO F 137 -22.74 -22.93 17.02
C PRO F 137 -23.72 -23.17 15.86
N SER F 138 -23.97 -22.16 15.02
CA SER F 138 -25.00 -22.16 13.96
C SER F 138 -24.58 -23.03 12.76
N ASP F 139 -23.31 -23.43 12.67
CA ASP F 139 -22.78 -24.33 11.61
C ASP F 139 -22.31 -25.66 12.23
N ALA F 140 -22.77 -25.98 13.44
CA ALA F 140 -22.27 -27.10 14.28
C ALA F 140 -22.44 -28.43 13.52
N VAL F 141 -23.63 -28.67 12.95
CA VAL F 141 -23.97 -29.93 12.22
C VAL F 141 -22.93 -30.13 11.10
N ALA F 142 -22.77 -29.14 10.23
CA ALA F 142 -21.85 -29.15 9.08
C ALA F 142 -20.41 -29.37 9.54
N GLU F 143 -19.98 -28.67 10.60
CA GLU F 143 -18.56 -28.66 11.06
C GLU F 143 -18.23 -30.00 11.72
N ILE F 144 -19.10 -30.53 12.58
CA ILE F 144 -18.90 -31.85 13.26
C ILE F 144 -18.85 -32.95 12.20
N ASN F 145 -19.70 -32.87 11.17
CA ASN F 145 -19.72 -33.80 10.01
C ASN F 145 -18.37 -33.73 9.29
N SER F 146 -17.86 -32.52 9.06
CA SER F 146 -16.57 -32.25 8.35
C SER F 146 -15.39 -32.88 9.09
N LEU F 147 -15.51 -33.12 10.41
CA LEU F 147 -14.48 -33.80 11.24
C LEU F 147 -14.20 -35.21 10.69
N TYR F 148 -15.19 -35.84 10.05
CA TYR F 148 -15.04 -37.15 9.36
C TYR F 148 -13.96 -37.02 8.28
N ASP F 149 -13.99 -35.94 7.50
CA ASP F 149 -13.01 -35.65 6.41
C ASP F 149 -11.64 -35.40 7.03
N VAL F 150 -11.59 -34.79 8.22
CA VAL F 150 -10.32 -34.52 8.97
C VAL F 150 -9.70 -35.86 9.39
N TYR F 151 -10.52 -36.81 9.86
CA TYR F 151 -10.09 -38.17 10.27
C TYR F 151 -9.42 -38.89 9.08
N LEU F 152 -10.06 -38.84 7.91
CA LEU F 152 -9.54 -39.43 6.64
C LEU F 152 -8.22 -38.76 6.27
N ASP F 153 -8.14 -37.43 6.43
CA ASP F 153 -6.94 -36.62 6.11
C ASP F 153 -5.76 -37.10 6.97
N VAL F 154 -6.00 -37.28 8.28
CA VAL F 154 -5.00 -37.78 9.28
C VAL F 154 -4.56 -39.19 8.89
N GLN F 155 -5.50 -40.04 8.43
CA GLN F 155 -5.21 -41.43 7.97
C GLN F 155 -4.20 -41.39 6.82
N GLN F 156 -4.53 -40.71 5.71
CA GLN F 156 -3.67 -40.58 4.51
C GLN F 156 -2.30 -40.00 4.89
N LYS F 157 -2.27 -38.98 5.75
CA LYS F 157 -1.05 -38.19 6.05
C LYS F 157 -0.08 -38.99 6.94
N TRP F 158 -0.57 -39.80 7.88
CA TRP F 158 0.25 -40.44 8.94
C TRP F 158 0.10 -41.97 8.98
N HIS F 159 -0.74 -42.56 8.12
CA HIS F 159 -1.06 -44.02 8.11
C HIS F 159 -1.40 -44.45 9.54
N LEU F 160 -2.36 -43.76 10.17
CA LEU F 160 -2.67 -43.83 11.63
C LEU F 160 -4.18 -43.77 11.84
N ASN F 161 -4.76 -44.82 12.45
CA ASN F 161 -6.22 -44.96 12.68
C ASN F 161 -6.61 -44.47 14.09
N ASP F 162 -5.64 -44.42 15.01
CA ASP F 162 -5.83 -44.06 16.44
C ASP F 162 -5.87 -42.53 16.56
N VAL F 163 -7.09 -41.95 16.53
CA VAL F 163 -7.32 -40.48 16.51
C VAL F 163 -8.37 -40.13 17.59
N MET F 164 -8.10 -39.09 18.37
CA MET F 164 -9.05 -38.48 19.35
C MET F 164 -9.48 -37.11 18.81
N LEU F 165 -10.78 -36.91 18.59
CA LEU F 165 -11.36 -35.60 18.16
C LEU F 165 -12.14 -35.03 19.35
N MET F 166 -11.77 -33.84 19.82
CA MET F 166 -12.33 -33.24 21.06
C MET F 166 -12.34 -31.71 20.98
N GLY F 167 -13.19 -31.08 21.81
CA GLY F 167 -13.37 -29.62 21.90
C GLY F 167 -14.83 -29.26 22.10
N ASP F 168 -15.15 -27.97 21.97
CA ASP F 168 -16.55 -27.44 22.07
C ASP F 168 -17.20 -27.62 20.70
N PHE F 169 -17.81 -28.79 20.47
CA PHE F 169 -18.50 -29.18 19.20
C PHE F 169 -19.86 -28.50 19.11
N ASN F 170 -20.36 -27.93 20.21
CA ASN F 170 -21.74 -27.37 20.33
C ASN F 170 -22.73 -28.49 19.95
N ALA F 171 -22.41 -29.72 20.38
CA ALA F 171 -23.05 -30.98 19.91
C ALA F 171 -24.23 -31.38 20.80
N ASP F 172 -25.17 -30.45 21.05
CA ASP F 172 -26.45 -30.75 21.77
C ASP F 172 -27.38 -29.52 21.75
N CYS F 173 -28.56 -29.66 22.36
CA CYS F 173 -29.56 -28.58 22.58
C CYS F 173 -30.01 -28.02 21.22
N SER F 174 -30.02 -26.70 21.02
CA SER F 174 -30.62 -26.06 19.82
C SER F 174 -29.69 -26.15 18.60
N TYR F 175 -28.38 -26.30 18.82
CA TYR F 175 -27.33 -26.24 17.76
C TYR F 175 -27.21 -27.58 17.03
N VAL F 176 -27.45 -28.69 17.74
CA VAL F 176 -27.56 -30.06 17.16
C VAL F 176 -28.66 -30.81 17.90
N THR F 177 -29.82 -30.99 17.24
CA THR F 177 -31.02 -31.66 17.79
C THR F 177 -30.94 -33.16 17.46
N SER F 178 -31.78 -33.98 18.10
CA SER F 178 -31.87 -35.45 17.90
C SER F 178 -32.09 -35.77 16.42
N SER F 179 -32.89 -34.94 15.75
CA SER F 179 -33.24 -35.02 14.31
C SER F 179 -31.99 -34.98 13.42
N GLN F 180 -30.98 -34.18 13.79
CA GLN F 180 -29.88 -33.74 12.87
C GLN F 180 -28.66 -34.68 12.96
N TRP F 181 -28.67 -35.67 13.85
CA TRP F 181 -27.49 -36.52 14.16
C TRP F 181 -27.17 -37.47 13.00
N SER F 182 -28.16 -37.85 12.20
CA SER F 182 -28.02 -38.82 11.07
C SER F 182 -27.33 -38.16 9.87
N SER F 183 -27.15 -36.84 9.90
CA SER F 183 -26.43 -36.04 8.86
C SER F 183 -24.93 -35.97 9.18
N ILE F 184 -24.51 -36.40 10.37
CA ILE F 184 -23.12 -36.28 10.90
C ILE F 184 -22.43 -37.64 10.80
N ARG F 185 -21.47 -37.77 9.86
CA ARG F 185 -20.73 -39.02 9.57
C ARG F 185 -19.88 -39.44 10.78
N LEU F 186 -19.44 -38.47 11.60
CA LEU F 186 -18.61 -38.75 12.81
C LEU F 186 -19.45 -39.55 13.82
N ARG F 187 -20.78 -39.39 13.82
CA ARG F 187 -21.71 -40.12 14.72
C ARG F 187 -22.21 -41.40 14.04
N THR F 188 -22.67 -41.35 12.79
CA THR F 188 -23.33 -42.48 12.09
C THR F 188 -22.33 -43.61 11.82
N SER F 189 -21.05 -43.28 11.61
CA SER F 189 -19.94 -44.28 11.45
C SER F 189 -19.67 -44.94 12.80
N SER F 190 -19.49 -46.27 12.81
CA SER F 190 -19.16 -47.08 14.01
C SER F 190 -17.65 -47.14 14.22
N THR F 191 -16.88 -46.45 13.37
CA THR F 191 -15.41 -46.23 13.52
C THR F 191 -15.13 -45.44 14.81
N PHE F 192 -16.08 -44.59 15.23
CA PHE F 192 -15.92 -43.59 16.32
C PHE F 192 -16.78 -43.97 17.53
N GLN F 193 -16.18 -43.96 18.72
CA GLN F 193 -16.87 -44.02 20.04
C GLN F 193 -16.98 -42.60 20.60
N TRP F 194 -18.17 -42.22 21.09
CA TRP F 194 -18.44 -40.93 21.75
C TRP F 194 -18.38 -41.14 23.27
N LEU F 195 -17.24 -40.80 23.88
CA LEU F 195 -16.91 -41.09 25.29
C LEU F 195 -17.70 -40.14 26.21
N ILE F 196 -17.87 -38.88 25.82
CA ILE F 196 -18.82 -37.93 26.49
C ILE F 196 -20.20 -38.21 25.90
N PRO F 197 -21.17 -38.71 26.70
CA PRO F 197 -22.49 -39.06 26.18
C PRO F 197 -23.39 -37.82 26.03
N ASP F 198 -24.57 -38.00 25.43
CA ASP F 198 -25.58 -36.93 25.20
C ASP F 198 -26.11 -36.42 26.56
N SER F 199 -26.18 -37.30 27.57
CA SER F 199 -26.75 -37.02 28.91
C SER F 199 -25.84 -36.10 29.73
N ALA F 200 -24.54 -36.06 29.41
CA ALA F 200 -23.52 -35.24 30.11
C ALA F 200 -23.86 -33.75 29.95
N ASP F 201 -23.68 -32.98 31.03
CA ASP F 201 -23.84 -31.51 31.07
C ASP F 201 -22.45 -30.87 31.17
N THR F 202 -21.98 -30.23 30.10
CA THR F 202 -20.62 -29.66 29.97
C THR F 202 -20.67 -28.12 30.05
N THR F 203 -21.75 -27.55 30.58
CA THR F 203 -21.96 -26.08 30.75
C THR F 203 -21.95 -25.74 32.25
N ALA F 204 -21.25 -24.65 32.61
CA ALA F 204 -21.16 -24.10 33.98
C ALA F 204 -22.44 -23.32 34.32
N THR F 205 -23.16 -22.83 33.29
CA THR F 205 -24.48 -22.15 33.42
C THR F 205 -25.56 -23.20 33.71
N SER F 206 -26.80 -22.76 33.98
CA SER F 206 -27.94 -23.61 34.40
C SER F 206 -28.43 -24.51 33.23
N THR F 207 -27.99 -24.24 32.00
CA THR F 207 -28.30 -25.06 30.79
C THR F 207 -27.84 -26.51 31.01
N ASN F 208 -28.47 -27.46 30.32
CA ASN F 208 -28.10 -28.91 30.36
C ASN F 208 -27.81 -29.38 28.92
N CYS F 209 -26.56 -29.19 28.47
CA CYS F 209 -26.12 -29.41 27.07
C CYS F 209 -24.77 -30.13 27.05
N ALA F 210 -24.68 -31.23 26.28
CA ALA F 210 -23.41 -31.95 25.98
C ALA F 210 -22.73 -31.27 24.78
N TYR F 211 -22.34 -30.00 24.95
CA TYR F 211 -21.66 -29.18 23.90
C TYR F 211 -20.26 -29.73 23.65
N ASP F 212 -19.49 -29.93 24.73
CA ASP F 212 -18.07 -30.37 24.68
C ASP F 212 -18.03 -31.90 24.60
N ARG F 213 -17.25 -32.45 23.67
CA ARG F 213 -17.23 -33.90 23.35
C ARG F 213 -15.79 -34.43 23.27
N ILE F 214 -15.62 -35.72 23.54
CA ILE F 214 -14.38 -36.50 23.24
C ILE F 214 -14.83 -37.71 22.40
N VAL F 215 -14.25 -37.84 21.20
CA VAL F 215 -14.57 -38.92 20.21
C VAL F 215 -13.25 -39.61 19.86
N VAL F 216 -13.21 -40.95 19.92
CA VAL F 216 -11.98 -41.74 19.65
C VAL F 216 -12.27 -42.79 18.56
N ALA F 217 -11.32 -42.96 17.64
CA ALA F 217 -11.27 -44.02 16.61
C ALA F 217 -9.96 -44.78 16.78
N GLY F 218 -9.90 -46.00 16.22
CA GLY F 218 -8.74 -46.91 16.31
C GLY F 218 -8.92 -47.92 17.42
N SER F 219 -8.57 -49.18 17.15
CA SER F 219 -8.66 -50.33 18.09
C SER F 219 -7.85 -50.03 19.36
N LEU F 220 -6.58 -49.62 19.18
CA LEU F 220 -5.61 -49.39 20.30
C LEU F 220 -6.11 -48.27 21.22
N LEU F 221 -6.40 -47.10 20.67
CA LEU F 221 -6.84 -45.90 21.45
C LEU F 221 -8.06 -46.29 22.30
N GLN F 222 -9.03 -46.97 21.69
CA GLN F 222 -10.31 -47.38 22.33
C GLN F 222 -10.04 -48.35 23.49
N SER F 223 -9.10 -49.29 23.31
CA SER F 223 -8.71 -50.30 24.34
C SER F 223 -7.96 -49.60 25.48
N SER F 224 -7.30 -48.46 25.20
CA SER F 224 -6.50 -47.68 26.18
C SER F 224 -7.40 -46.90 27.14
N VAL F 225 -8.62 -46.57 26.72
CA VAL F 225 -9.58 -45.73 27.52
C VAL F 225 -9.93 -46.49 28.80
N VAL F 226 -9.77 -45.84 29.95
CA VAL F 226 -10.26 -46.32 31.28
C VAL F 226 -11.78 -46.18 31.28
N PRO F 227 -12.56 -47.28 31.32
CA PRO F 227 -14.02 -47.20 31.30
C PRO F 227 -14.57 -46.27 32.38
N GLY F 228 -15.53 -45.41 32.01
CA GLY F 228 -16.23 -44.50 32.93
C GLY F 228 -15.38 -43.32 33.37
N SER F 229 -14.20 -43.13 32.78
CA SER F 229 -13.24 -42.02 33.11
C SER F 229 -13.57 -40.77 32.29
N ALA F 230 -14.38 -40.92 31.24
CA ALA F 230 -14.78 -39.83 30.31
C ALA F 230 -15.99 -39.09 30.90
N ALA F 231 -15.76 -37.89 31.46
CA ALA F 231 -16.80 -37.06 32.08
C ALA F 231 -16.40 -35.59 32.07
N PRO F 232 -17.37 -34.65 32.24
CA PRO F 232 -17.04 -33.26 32.51
C PRO F 232 -16.38 -33.13 33.89
N PHE F 233 -15.50 -32.14 34.06
CA PHE F 233 -14.92 -31.75 35.37
C PHE F 233 -15.63 -30.49 35.87
N ASP F 234 -16.58 -30.65 36.80
CA ASP F 234 -17.35 -29.55 37.42
C ASP F 234 -16.44 -28.81 38.40
N PHE F 235 -15.69 -27.82 37.91
CA PHE F 235 -14.65 -27.09 38.70
C PHE F 235 -15.30 -26.20 39.76
N GLN F 236 -16.61 -25.90 39.64
CA GLN F 236 -17.40 -25.16 40.65
C GLN F 236 -17.49 -26.00 41.94
N ALA F 237 -17.89 -27.27 41.82
CA ALA F 237 -18.01 -28.23 42.94
C ALA F 237 -16.63 -28.59 43.49
N ALA F 238 -15.67 -28.88 42.59
CA ALA F 238 -14.30 -29.32 42.92
C ALA F 238 -13.60 -28.29 43.82
N TYR F 239 -13.72 -27.00 43.51
CA TYR F 239 -12.99 -25.89 44.19
C TYR F 239 -13.95 -25.07 45.08
N GLY F 240 -15.19 -25.53 45.25
CA GLY F 240 -16.21 -24.93 46.13
C GLY F 240 -16.40 -23.45 45.85
N LEU F 241 -16.75 -23.11 44.61
CA LEU F 241 -16.88 -21.71 44.09
C LEU F 241 -18.35 -21.31 44.04
N SER F 242 -18.61 -20.00 44.05
CA SER F 242 -19.93 -19.39 43.73
C SER F 242 -20.16 -19.49 42.22
N ASN F 243 -21.41 -19.35 41.78
CA ASN F 243 -21.80 -19.39 40.34
C ASN F 243 -21.08 -18.27 39.59
N GLU F 244 -20.95 -17.08 40.20
CA GLU F 244 -20.40 -15.87 39.54
C GLU F 244 -18.90 -16.04 39.32
N MET F 245 -18.20 -16.68 40.27
CA MET F 245 -16.73 -16.92 40.21
C MET F 245 -16.42 -18.01 39.17
N ALA F 246 -17.26 -19.05 39.12
CA ALA F 246 -17.13 -20.18 38.16
C ALA F 246 -17.30 -19.64 36.73
N LEU F 247 -18.35 -18.85 36.49
CA LEU F 247 -18.69 -18.28 35.16
C LEU F 247 -17.64 -17.24 34.74
N ALA F 248 -16.94 -16.62 35.71
CA ALA F 248 -15.81 -15.70 35.47
C ALA F 248 -14.63 -16.49 34.88
N ILE F 249 -14.45 -17.75 35.29
CA ILE F 249 -13.43 -18.67 34.71
C ILE F 249 -13.89 -19.06 33.30
N SER F 250 -15.09 -19.65 33.17
CA SER F 250 -15.70 -20.04 31.88
C SER F 250 -17.17 -20.44 32.06
N ASP F 251 -17.92 -20.46 30.96
CA ASP F 251 -19.33 -20.95 30.89
C ASP F 251 -19.32 -22.43 30.46
N HIS F 252 -18.15 -23.00 30.16
CA HIS F 252 -17.95 -24.43 29.82
C HIS F 252 -17.12 -25.13 30.90
N TYR F 253 -17.50 -26.36 31.27
CA TYR F 253 -16.66 -27.31 32.03
C TYR F 253 -15.65 -27.94 31.08
N PRO F 254 -14.42 -28.27 31.52
CA PRO F 254 -13.55 -29.16 30.75
C PRO F 254 -14.23 -30.54 30.61
N VAL F 255 -13.96 -31.22 29.51
CA VAL F 255 -14.28 -32.67 29.33
C VAL F 255 -12.95 -33.44 29.36
N GLU F 256 -12.85 -34.44 30.23
CA GLU F 256 -11.59 -35.20 30.46
C GLU F 256 -11.82 -36.69 30.19
N VAL F 257 -10.76 -37.40 29.82
CA VAL F 257 -10.71 -38.90 29.73
C VAL F 257 -9.34 -39.34 30.27
N THR F 258 -9.25 -40.60 30.72
CA THR F 258 -7.99 -41.22 31.21
C THR F 258 -7.65 -42.41 30.32
N LEU F 259 -6.38 -42.53 29.91
CA LEU F 259 -5.83 -43.69 29.13
C LEU F 259 -4.80 -44.42 29.99
N THR F 260 -4.79 -45.76 29.95
CA THR F 260 -3.72 -46.64 30.49
C THR F 260 -3.15 -47.49 29.34
C1 NAG G . -16.62 35.80 -10.04
C2 NAG G . -17.67 35.56 -8.97
C3 NAG G . -17.89 36.79 -8.10
C4 NAG G . -16.58 37.26 -7.51
C5 NAG G . -15.59 37.52 -8.63
C6 NAG G . -14.22 37.90 -8.06
C7 NAG G . -19.56 34.05 -9.41
C8 NAG G . -20.92 33.94 -10.06
N2 NAG G . -18.96 35.23 -9.57
O3 NAG G . -18.81 36.50 -7.03
O4 NAG G . -16.79 38.45 -6.74
O5 NAG G . -15.44 36.37 -9.46
O6 NAG G . -13.59 36.76 -7.47
O7 NAG G . -19.08 33.13 -8.78
C1 NAG G . -17.01 38.72 -5.33
C2 NAG G . -16.64 40.12 -4.87
C3 NAG G . -16.48 40.23 -3.35
C4 NAG G . -17.60 39.54 -2.58
C5 NAG G . -17.77 38.11 -3.10
C6 NAG G . -18.91 37.38 -2.41
C7 NAG G . -15.36 41.25 -6.64
C8 NAG G . -13.98 41.67 -7.09
N2 NAG G . -15.40 40.56 -5.50
O3 NAG G . -16.49 41.62 -3.00
O4 NAG G . -17.30 39.57 -1.18
O5 NAG G . -18.03 38.13 -4.50
O6 NAG G . -20.04 37.25 -3.30
O7 NAG G . -16.36 41.53 -7.29
C1 NAG H . -11.15 -10.83 39.05
C2 NAG H . -11.33 -9.40 39.56
C3 NAG H . -12.50 -9.26 40.52
C4 NAG H . -13.75 -10.01 40.06
C5 NAG H . -13.41 -11.42 39.58
C6 NAG H . -14.61 -12.14 38.97
C7 NAG H . -9.24 -8.11 39.75
C8 NAG H . -8.06 -7.86 40.64
N2 NAG H . -10.11 -8.99 40.24
O3 NAG H . -12.80 -7.87 40.64
O4 NAG H . -14.70 -10.07 41.14
O5 NAG H . -12.39 -11.35 38.58
O6 NAG H . -15.00 -11.52 37.75
O7 NAG H . -9.38 -7.55 38.67
C1 NAG H . -15.87 -9.29 41.48
C2 NAG H . -16.84 -9.80 42.56
C3 NAG H . -18.29 -9.32 42.37
C4 NAG H . -18.35 -7.83 42.02
C5 NAG H . -17.41 -7.49 40.88
C6 NAG H . -17.46 -5.99 40.60
C7 NAG H . -17.14 -12.23 41.90
C8 NAG H . -17.85 -11.93 40.60
N2 NAG H . -16.74 -11.25 42.73
O3 NAG H . -19.03 -9.54 43.58
O4 NAG H . -19.69 -7.48 41.67
O5 NAG H . -16.08 -7.90 41.20
O6 NAG H . -16.46 -5.62 39.66
O7 NAG H . -16.93 -13.38 42.20
PG ATP I . -20.48 -4.09 -14.53
O1G ATP I . -21.72 -3.41 -13.99
O2G ATP I . -20.29 -5.48 -13.97
O3G ATP I . -20.39 -4.06 -16.03
PB ATP I . -17.77 -3.58 -13.52
O1B ATP I . -16.84 -2.49 -13.96
O2B ATP I . -17.47 -4.99 -13.89
O3B ATP I . -19.25 -3.21 -14.00
PA ATP I . -17.13 -4.11 -10.70
O1A ATP I . -15.68 -3.95 -10.98
O2A ATP I . -17.67 -5.48 -10.42
O3A ATP I . -17.96 -3.48 -11.93
O5' ATP I . -17.56 -3.15 -9.50
C5' ATP I . -17.16 -1.75 -9.51
C4' ATP I . -18.19 -0.97 -8.73
O4' ATP I . -18.19 -1.44 -7.37
C3' ATP I . -18.00 0.55 -8.66
O3' ATP I . -19.26 1.21 -8.74
C2' ATP I . -17.35 0.74 -7.29
O2' ATP I . -17.58 2.01 -6.73
C1' ATP I . -18.07 -0.33 -6.49
N9 ATP I . -17.35 -0.75 -5.30
C8 ATP I . -16.04 -1.18 -5.20
N7 ATP I . -15.69 -1.45 -3.97
C5 ATP I . -16.82 -1.17 -3.21
C6 ATP I . -17.08 -1.25 -1.83
N6 ATP I . -16.20 -1.65 -0.94
N1 ATP I . -18.33 -0.89 -1.41
C2 ATP I . -19.22 -0.49 -2.32
N3 ATP I . -19.08 -0.37 -3.64
C4 ATP I . -17.85 -0.73 -4.02
CA CA J . -18.55 -7.02 -14.15
CA CA K . 12.48 19.62 -9.40
CA CA L . 2.27 47.08 -8.46
PG ATP M . 20.06 4.60 14.44
O1G ATP M . 19.77 5.62 15.52
O2G ATP M . 20.60 5.22 13.18
O3G ATP M . 20.90 3.45 14.93
PB ATP M . 18.05 3.40 12.67
O1B ATP M . 17.26 2.18 12.97
O2B ATP M . 19.13 3.35 11.65
O3B ATP M . 18.65 3.96 14.05
PA ATP M . 16.43 5.00 10.85
O1A ATP M . 16.06 3.74 10.13
O2A ATP M . 17.38 5.94 10.20
O3A ATP M . 17.06 4.59 12.28
O5' ATP M . 15.10 5.79 11.27
C5' ATP M . 14.08 5.13 12.06
C4' ATP M . 13.46 6.14 13.00
O4' ATP M . 12.92 7.23 12.21
C3' ATP M . 12.30 5.64 13.87
O3' ATP M . 12.37 6.18 15.17
C2' ATP M . 11.06 6.15 13.13
O2' ATP M . 9.95 6.34 13.98
C1' ATP M . 11.58 7.47 12.58
N9 ATP M . 10.85 7.95 11.41
C8 ATP M . 10.63 7.28 10.24
N7 ATP M . 9.90 7.98 9.39
C5 ATP M . 9.64 9.17 10.06
C6 ATP M . 8.91 10.33 9.70
N6 ATP M . 8.30 10.47 8.52
N1 ATP M . 8.84 11.33 10.61
C2 ATP M . 9.46 11.16 11.79
N3 ATP M . 10.16 10.13 12.23
C4 ATP M . 10.21 9.15 11.31
CA CA N . 21.11 4.39 11.18
CA CA O . -11.60 -21.69 7.68
CA CA P . -25.05 -26.66 33.34
#